data_4JFN
# 
_entry.id   4JFN 
# 
_audit_conform.dict_name       mmcif_pdbx.dic 
_audit_conform.dict_version    5.397 
_audit_conform.dict_location   http://mmcif.pdb.org/dictionaries/ascii/mmcif_pdbx.dic 
# 
loop_
_database_2.database_id 
_database_2.database_code 
_database_2.pdbx_database_accession 
_database_2.pdbx_DOI 
PDB   4JFN         pdb_00004jfn 10.2210/pdb4jfn/pdb 
RCSB  RCSB077985   ?            ?                   
WWPDB D_1000077985 ?            ?                   
# 
loop_
_pdbx_audit_revision_history.ordinal 
_pdbx_audit_revision_history.data_content_type 
_pdbx_audit_revision_history.major_revision 
_pdbx_audit_revision_history.minor_revision 
_pdbx_audit_revision_history.revision_date 
1 'Structure model' 1 0 2014-07-23 
2 'Structure model' 1 1 2014-09-03 
3 'Structure model' 1 2 2023-11-08 
4 'Structure model' 1 3 2024-10-30 
# 
_pdbx_audit_revision_details.ordinal             1 
_pdbx_audit_revision_details.revision_ordinal    1 
_pdbx_audit_revision_details.data_content_type   'Structure model' 
_pdbx_audit_revision_details.provider            repository 
_pdbx_audit_revision_details.type                'Initial release' 
_pdbx_audit_revision_details.description         ? 
_pdbx_audit_revision_details.details             ? 
# 
loop_
_pdbx_audit_revision_group.ordinal 
_pdbx_audit_revision_group.revision_ordinal 
_pdbx_audit_revision_group.data_content_type 
_pdbx_audit_revision_group.group 
1 2 'Structure model' 'Database references'    
2 3 'Structure model' 'Data collection'        
3 3 'Structure model' 'Database references'    
4 3 'Structure model' 'Derived calculations'   
5 3 'Structure model' 'Refinement description' 
6 4 'Structure model' 'Structure summary'      
# 
loop_
_pdbx_audit_revision_category.ordinal 
_pdbx_audit_revision_category.revision_ordinal 
_pdbx_audit_revision_category.data_content_type 
_pdbx_audit_revision_category.category 
1 3 'Structure model' chem_comp_atom                
2 3 'Structure model' chem_comp_bond                
3 3 'Structure model' database_2                    
4 3 'Structure model' pdbx_initial_refinement_model 
5 3 'Structure model' pdbx_struct_conn_angle        
6 3 'Structure model' struct_conn                   
7 3 'Structure model' struct_site                   
8 4 'Structure model' pdbx_entry_details            
9 4 'Structure model' pdbx_modification_feature     
# 
loop_
_pdbx_audit_revision_item.ordinal 
_pdbx_audit_revision_item.revision_ordinal 
_pdbx_audit_revision_item.data_content_type 
_pdbx_audit_revision_item.item 
1  3 'Structure model' '_database_2.pdbx_DOI'                       
2  3 'Structure model' '_database_2.pdbx_database_accession'        
3  3 'Structure model' '_pdbx_struct_conn_angle.ptnr1_auth_seq_id'  
4  3 'Structure model' '_pdbx_struct_conn_angle.ptnr1_label_seq_id' 
5  3 'Structure model' '_pdbx_struct_conn_angle.ptnr3_auth_seq_id'  
6  3 'Structure model' '_pdbx_struct_conn_angle.ptnr3_label_seq_id' 
7  3 'Structure model' '_struct_conn.pdbx_dist_value'               
8  3 'Structure model' '_struct_conn.ptnr1_auth_seq_id'             
9  3 'Structure model' '_struct_conn.ptnr1_label_seq_id'            
10 3 'Structure model' '_struct_site.pdbx_auth_asym_id'             
11 3 'Structure model' '_struct_site.pdbx_auth_comp_id'             
12 3 'Structure model' '_struct_site.pdbx_auth_seq_id'              
# 
_pdbx_database_status.status_code                     REL 
_pdbx_database_status.entry_id                        4JFN 
_pdbx_database_status.recvd_initial_deposition_date   2013-02-28 
_pdbx_database_status.deposit_site                    RCSB 
_pdbx_database_status.process_site                    PDBJ 
_pdbx_database_status.methods_development_category    ? 
_pdbx_database_status.status_code_sf                  REL 
_pdbx_database_status.status_code_mr                  ? 
_pdbx_database_status.SG_entry                        ? 
_pdbx_database_status.status_code_cs                  ? 
_pdbx_database_status.pdb_format_compatible           Y 
_pdbx_database_status.status_code_nmr_data            ? 
# 
loop_
_audit_author.name 
_audit_author.pdbx_ordinal 
'Wild, K.'       1 
'Baumkotter, F.' 2 
'Kins, S.'       3 
# 
_citation.id                        primary 
_citation.title                     
'Amyloid precursor protein dimerization and synaptogenic function depend on copper binding to the growth factor-like domain' 
_citation.journal_abbrev            J.Neurosci. 
_citation.journal_volume            34 
_citation.page_first                11159 
_citation.page_last                 11172 
_citation.year                      2014 
_citation.journal_id_ASTM           ? 
_citation.country                   US 
_citation.journal_id_ISSN           0270-6474 
_citation.journal_id_CSD            ? 
_citation.book_publisher            ? 
_citation.pdbx_database_id_PubMed   25122912 
_citation.pdbx_database_id_DOI      10.1523/JNEUROSCI.0180-14.2014 
# 
loop_
_citation_author.citation_id 
_citation_author.name 
_citation_author.ordinal 
_citation_author.identifier_ORCID 
primary 'Baumkotter, F.'    1  ? 
primary 'Schmidt, N.'       2  ? 
primary 'Vargas, C.'        3  ? 
primary 'Schilling, S.'     4  ? 
primary 'Weber, R.'         5  ? 
primary 'Wagner, K.'        6  ? 
primary 'Fiedler, S.'       7  ? 
primary 'Klug, W.'          8  ? 
primary 'Radzimanowski, J.' 9  ? 
primary 'Nickolaus, S.'     10 ? 
primary 'Keller, S.'        11 ? 
primary 'Eggert, S.'        12 ? 
primary 'Wild, K.'          13 ? 
primary 'Kins, S.'          14 ? 
# 
loop_
_entity.id 
_entity.type 
_entity.src_method 
_entity.pdbx_description 
_entity.formula_weight 
_entity.pdbx_number_of_molecules 
_entity.pdbx_ec 
_entity.pdbx_mutation 
_entity.pdbx_fragment 
_entity.details 
1 polymer     man 'Amyloid beta A4 protein' 18620.379 1  ? ? 'growth factor-like domain (GFLD), UNP residues 23-185' ? 
2 non-polymer syn 'COPPER (II) ION'         63.546    1  ? ? ?                                                       ? 
3 non-polymer syn GLYCEROL                  92.094    1  ? ? ?                                                       ? 
4 water       nat water                     18.015    52 ? ? ?                                                       ? 
# 
_entity_name_com.entity_id   1 
_entity_name_com.name        
;ABPP, APPI, APP, Alzheimer disease amyloid protein, Cerebral vascular amyloid peptide, CVAP, PreA4, Protease nexin-II, PN-II, N-APP, Soluble APP-alpha, S-APP-alpha, Soluble APP-beta, S-APP-beta, C99, Beta-amyloid protein 42, Beta-APP42, Beta-amyloid protein 40, Beta-APP40, C83, P3(42), P3(40), C80, Gamma-secretase C-terminal fragment 59, Amyloid intracellular domain 59, AICD-59, AID(59), Gamma-CTF(59), Gamma-secretase C-terminal fragment 57, Amyloid intracellular domain 57, AICD-57, AID(57), Gamma-CTF(57), Gamma-secretase C-terminal fragment 50, Amyloid intracellular domain 50, AICD-50, AID(50), Gamma-CTF(50), C31
;
# 
_entity_poly.entity_id                      1 
_entity_poly.type                           'polypeptide(L)' 
_entity_poly.nstd_linkage                   no 
_entity_poly.nstd_monomer                   no 
_entity_poly.pdbx_seq_one_letter_code       
;DGNAGLLAEPQIAMFCGRLNMHMNVQNGKWDSDPSGTKTCIDTKEGILQYCQEVYPELQITNVVEANQPVTIQNWCKRGR
KQCKTHPHFVIPYRCLVGEFVSDALLVPDKCKFLHQERMDVCETHLHWHTVAKETCSEKSTNLHDYGMLLPCGIDKFRGV
EFV
;
_entity_poly.pdbx_seq_one_letter_code_can   
;DGNAGLLAEPQIAMFCGRLNMHMNVQNGKWDSDPSGTKTCIDTKEGILQYCQEVYPELQITNVVEANQPVTIQNWCKRGR
KQCKTHPHFVIPYRCLVGEFVSDALLVPDKCKFLHQERMDVCETHLHWHTVAKETCSEKSTNLHDYGMLLPCGIDKFRGV
EFV
;
_entity_poly.pdbx_strand_id                 A 
_entity_poly.pdbx_target_identifier         ? 
# 
loop_
_pdbx_entity_nonpoly.entity_id 
_pdbx_entity_nonpoly.name 
_pdbx_entity_nonpoly.comp_id 
2 'COPPER (II) ION' CU  
3 GLYCEROL          GOL 
4 water             HOH 
# 
loop_
_entity_poly_seq.entity_id 
_entity_poly_seq.num 
_entity_poly_seq.mon_id 
_entity_poly_seq.hetero 
1 1   ASP n 
1 2   GLY n 
1 3   ASN n 
1 4   ALA n 
1 5   GLY n 
1 6   LEU n 
1 7   LEU n 
1 8   ALA n 
1 9   GLU n 
1 10  PRO n 
1 11  GLN n 
1 12  ILE n 
1 13  ALA n 
1 14  MET n 
1 15  PHE n 
1 16  CYS n 
1 17  GLY n 
1 18  ARG n 
1 19  LEU n 
1 20  ASN n 
1 21  MET n 
1 22  HIS n 
1 23  MET n 
1 24  ASN n 
1 25  VAL n 
1 26  GLN n 
1 27  ASN n 
1 28  GLY n 
1 29  LYS n 
1 30  TRP n 
1 31  ASP n 
1 32  SER n 
1 33  ASP n 
1 34  PRO n 
1 35  SER n 
1 36  GLY n 
1 37  THR n 
1 38  LYS n 
1 39  THR n 
1 40  CYS n 
1 41  ILE n 
1 42  ASP n 
1 43  THR n 
1 44  LYS n 
1 45  GLU n 
1 46  GLY n 
1 47  ILE n 
1 48  LEU n 
1 49  GLN n 
1 50  TYR n 
1 51  CYS n 
1 52  GLN n 
1 53  GLU n 
1 54  VAL n 
1 55  TYR n 
1 56  PRO n 
1 57  GLU n 
1 58  LEU n 
1 59  GLN n 
1 60  ILE n 
1 61  THR n 
1 62  ASN n 
1 63  VAL n 
1 64  VAL n 
1 65  GLU n 
1 66  ALA n 
1 67  ASN n 
1 68  GLN n 
1 69  PRO n 
1 70  VAL n 
1 71  THR n 
1 72  ILE n 
1 73  GLN n 
1 74  ASN n 
1 75  TRP n 
1 76  CYS n 
1 77  LYS n 
1 78  ARG n 
1 79  GLY n 
1 80  ARG n 
1 81  LYS n 
1 82  GLN n 
1 83  CYS n 
1 84  LYS n 
1 85  THR n 
1 86  HIS n 
1 87  PRO n 
1 88  HIS n 
1 89  PHE n 
1 90  VAL n 
1 91  ILE n 
1 92  PRO n 
1 93  TYR n 
1 94  ARG n 
1 95  CYS n 
1 96  LEU n 
1 97  VAL n 
1 98  GLY n 
1 99  GLU n 
1 100 PHE n 
1 101 VAL n 
1 102 SER n 
1 103 ASP n 
1 104 ALA n 
1 105 LEU n 
1 106 LEU n 
1 107 VAL n 
1 108 PRO n 
1 109 ASP n 
1 110 LYS n 
1 111 CYS n 
1 112 LYS n 
1 113 PHE n 
1 114 LEU n 
1 115 HIS n 
1 116 GLN n 
1 117 GLU n 
1 118 ARG n 
1 119 MET n 
1 120 ASP n 
1 121 VAL n 
1 122 CYS n 
1 123 GLU n 
1 124 THR n 
1 125 HIS n 
1 126 LEU n 
1 127 HIS n 
1 128 TRP n 
1 129 HIS n 
1 130 THR n 
1 131 VAL n 
1 132 ALA n 
1 133 LYS n 
1 134 GLU n 
1 135 THR n 
1 136 CYS n 
1 137 SER n 
1 138 GLU n 
1 139 LYS n 
1 140 SER n 
1 141 THR n 
1 142 ASN n 
1 143 LEU n 
1 144 HIS n 
1 145 ASP n 
1 146 TYR n 
1 147 GLY n 
1 148 MET n 
1 149 LEU n 
1 150 LEU n 
1 151 PRO n 
1 152 CYS n 
1 153 GLY n 
1 154 ILE n 
1 155 ASP n 
1 156 LYS n 
1 157 PHE n 
1 158 ARG n 
1 159 GLY n 
1 160 VAL n 
1 161 GLU n 
1 162 PHE n 
1 163 VAL n 
# 
_entity_src_gen.entity_id                          1 
_entity_src_gen.pdbx_src_id                        1 
_entity_src_gen.pdbx_alt_source_flag               sample 
_entity_src_gen.pdbx_seq_type                      ? 
_entity_src_gen.pdbx_beg_seq_num                   ? 
_entity_src_gen.pdbx_end_seq_num                   ? 
_entity_src_gen.gene_src_common_name               human 
_entity_src_gen.gene_src_genus                     ? 
_entity_src_gen.pdbx_gene_src_gene                 'APP, A4, AD1' 
_entity_src_gen.gene_src_species                   ? 
_entity_src_gen.gene_src_strain                    ? 
_entity_src_gen.gene_src_tissue                    ? 
_entity_src_gen.gene_src_tissue_fraction           ? 
_entity_src_gen.gene_src_details                   ? 
_entity_src_gen.pdbx_gene_src_fragment             ? 
_entity_src_gen.pdbx_gene_src_scientific_name      'Homo sapiens' 
_entity_src_gen.pdbx_gene_src_ncbi_taxonomy_id     9606 
_entity_src_gen.pdbx_gene_src_variant              ? 
_entity_src_gen.pdbx_gene_src_cell_line            ? 
_entity_src_gen.pdbx_gene_src_atcc                 ? 
_entity_src_gen.pdbx_gene_src_organ                ? 
_entity_src_gen.pdbx_gene_src_organelle            ? 
_entity_src_gen.pdbx_gene_src_cell                 ? 
_entity_src_gen.pdbx_gene_src_cellular_location    ? 
_entity_src_gen.host_org_common_name               ? 
_entity_src_gen.pdbx_host_org_scientific_name      'Escherichia coli' 
_entity_src_gen.pdbx_host_org_ncbi_taxonomy_id     562 
_entity_src_gen.host_org_genus                     ? 
_entity_src_gen.pdbx_host_org_gene                 ? 
_entity_src_gen.pdbx_host_org_organ                ? 
_entity_src_gen.host_org_species                   ? 
_entity_src_gen.pdbx_host_org_tissue               ? 
_entity_src_gen.pdbx_host_org_tissue_fraction      ? 
_entity_src_gen.pdbx_host_org_strain               ? 
_entity_src_gen.pdbx_host_org_variant              ? 
_entity_src_gen.pdbx_host_org_cell_line            ? 
_entity_src_gen.pdbx_host_org_atcc                 ? 
_entity_src_gen.pdbx_host_org_culture_collection   ? 
_entity_src_gen.pdbx_host_org_cell                 ? 
_entity_src_gen.pdbx_host_org_organelle            ? 
_entity_src_gen.pdbx_host_org_cellular_location    ? 
_entity_src_gen.pdbx_host_org_vector_type          plasmid 
_entity_src_gen.pdbx_host_org_vector               ? 
_entity_src_gen.host_org_details                   ? 
_entity_src_gen.expression_system_id               ? 
_entity_src_gen.plasmid_name                       ? 
_entity_src_gen.plasmid_details                    ? 
_entity_src_gen.pdbx_description                   ? 
# 
loop_
_chem_comp.id 
_chem_comp.type 
_chem_comp.mon_nstd_flag 
_chem_comp.name 
_chem_comp.pdbx_synonyms 
_chem_comp.formula 
_chem_comp.formula_weight 
ALA 'L-peptide linking' y ALANINE           ?                               'C3 H7 N O2'     89.093  
ARG 'L-peptide linking' y ARGININE          ?                               'C6 H15 N4 O2 1' 175.209 
ASN 'L-peptide linking' y ASPARAGINE        ?                               'C4 H8 N2 O3'    132.118 
ASP 'L-peptide linking' y 'ASPARTIC ACID'   ?                               'C4 H7 N O4'     133.103 
CU  non-polymer         . 'COPPER (II) ION' ?                               'Cu 2'           63.546  
CYS 'L-peptide linking' y CYSTEINE          ?                               'C3 H7 N O2 S'   121.158 
GLN 'L-peptide linking' y GLUTAMINE         ?                               'C5 H10 N2 O3'   146.144 
GLU 'L-peptide linking' y 'GLUTAMIC ACID'   ?                               'C5 H9 N O4'     147.129 
GLY 'peptide linking'   y GLYCINE           ?                               'C2 H5 N O2'     75.067  
GOL non-polymer         . GLYCEROL          'GLYCERIN; PROPANE-1,2,3-TRIOL' 'C3 H8 O3'       92.094  
HIS 'L-peptide linking' y HISTIDINE         ?                               'C6 H10 N3 O2 1' 156.162 
HOH non-polymer         . WATER             ?                               'H2 O'           18.015  
ILE 'L-peptide linking' y ISOLEUCINE        ?                               'C6 H13 N O2'    131.173 
LEU 'L-peptide linking' y LEUCINE           ?                               'C6 H13 N O2'    131.173 
LYS 'L-peptide linking' y LYSINE            ?                               'C6 H15 N2 O2 1' 147.195 
MET 'L-peptide linking' y METHIONINE        ?                               'C5 H11 N O2 S'  149.211 
PHE 'L-peptide linking' y PHENYLALANINE     ?                               'C9 H11 N O2'    165.189 
PRO 'L-peptide linking' y PROLINE           ?                               'C5 H9 N O2'     115.130 
SER 'L-peptide linking' y SERINE            ?                               'C3 H7 N O3'     105.093 
THR 'L-peptide linking' y THREONINE         ?                               'C4 H9 N O3'     119.119 
TRP 'L-peptide linking' y TRYPTOPHAN        ?                               'C11 H12 N2 O2'  204.225 
TYR 'L-peptide linking' y TYROSINE          ?                               'C9 H11 N O3'    181.189 
VAL 'L-peptide linking' y VALINE            ?                               'C5 H11 N O2'    117.146 
# 
loop_
_pdbx_poly_seq_scheme.asym_id 
_pdbx_poly_seq_scheme.entity_id 
_pdbx_poly_seq_scheme.seq_id 
_pdbx_poly_seq_scheme.mon_id 
_pdbx_poly_seq_scheme.ndb_seq_num 
_pdbx_poly_seq_scheme.pdb_seq_num 
_pdbx_poly_seq_scheme.auth_seq_num 
_pdbx_poly_seq_scheme.pdb_mon_id 
_pdbx_poly_seq_scheme.auth_mon_id 
_pdbx_poly_seq_scheme.pdb_strand_id 
_pdbx_poly_seq_scheme.pdb_ins_code 
_pdbx_poly_seq_scheme.hetero 
A 1 1   ASP 1   23  23  ASP ASP A . n 
A 1 2   GLY 2   24  24  GLY GLY A . n 
A 1 3   ASN 3   25  25  ASN ASN A . n 
A 1 4   ALA 4   26  26  ALA ALA A . n 
A 1 5   GLY 5   27  27  GLY GLY A . n 
A 1 6   LEU 6   28  28  LEU LEU A . n 
A 1 7   LEU 7   29  29  LEU LEU A . n 
A 1 8   ALA 8   30  30  ALA ALA A . n 
A 1 9   GLU 9   31  31  GLU GLU A . n 
A 1 10  PRO 10  32  32  PRO PRO A . n 
A 1 11  GLN 11  33  33  GLN GLN A . n 
A 1 12  ILE 12  34  34  ILE ILE A . n 
A 1 13  ALA 13  35  35  ALA ALA A . n 
A 1 14  MET 14  36  36  MET MET A . n 
A 1 15  PHE 15  37  37  PHE PHE A . n 
A 1 16  CYS 16  38  38  CYS CYS A . n 
A 1 17  GLY 17  39  39  GLY GLY A . n 
A 1 18  ARG 18  40  40  ARG ARG A . n 
A 1 19  LEU 19  41  41  LEU LEU A . n 
A 1 20  ASN 20  42  42  ASN ASN A . n 
A 1 21  MET 21  43  43  MET MET A . n 
A 1 22  HIS 22  44  44  HIS HIS A . n 
A 1 23  MET 23  45  45  MET MET A . n 
A 1 24  ASN 24  46  46  ASN ASN A . n 
A 1 25  VAL 25  47  47  VAL VAL A . n 
A 1 26  GLN 26  48  48  GLN GLN A . n 
A 1 27  ASN 27  49  49  ASN ASN A . n 
A 1 28  GLY 28  50  50  GLY GLY A . n 
A 1 29  LYS 29  51  51  LYS LYS A . n 
A 1 30  TRP 30  52  52  TRP TRP A . n 
A 1 31  ASP 31  53  53  ASP ASP A . n 
A 1 32  SER 32  54  54  SER SER A . n 
A 1 33  ASP 33  55  55  ASP ASP A . n 
A 1 34  PRO 34  56  56  PRO PRO A . n 
A 1 35  SER 35  57  57  SER SER A . n 
A 1 36  GLY 36  58  58  GLY GLY A . n 
A 1 37  THR 37  59  59  THR THR A . n 
A 1 38  LYS 38  60  60  LYS LYS A . n 
A 1 39  THR 39  61  61  THR THR A . n 
A 1 40  CYS 40  62  62  CYS CYS A . n 
A 1 41  ILE 41  63  63  ILE ILE A . n 
A 1 42  ASP 42  64  64  ASP ASP A . n 
A 1 43  THR 43  65  65  THR THR A . n 
A 1 44  LYS 44  66  66  LYS LYS A . n 
A 1 45  GLU 45  67  67  GLU GLU A . n 
A 1 46  GLY 46  68  68  GLY GLY A . n 
A 1 47  ILE 47  69  69  ILE ILE A . n 
A 1 48  LEU 48  70  70  LEU LEU A . n 
A 1 49  GLN 49  71  71  GLN GLN A . n 
A 1 50  TYR 50  72  72  TYR TYR A . n 
A 1 51  CYS 51  73  73  CYS CYS A . n 
A 1 52  GLN 52  74  74  GLN GLN A . n 
A 1 53  GLU 53  75  75  GLU GLU A . n 
A 1 54  VAL 54  76  76  VAL VAL A . n 
A 1 55  TYR 55  77  77  TYR TYR A . n 
A 1 56  PRO 56  78  78  PRO PRO A . n 
A 1 57  GLU 57  79  79  GLU GLU A . n 
A 1 58  LEU 58  80  80  LEU LEU A . n 
A 1 59  GLN 59  81  81  GLN GLN A . n 
A 1 60  ILE 60  82  82  ILE ILE A . n 
A 1 61  THR 61  83  83  THR THR A . n 
A 1 62  ASN 62  84  84  ASN ASN A . n 
A 1 63  VAL 63  85  85  VAL VAL A . n 
A 1 64  VAL 64  86  86  VAL VAL A . n 
A 1 65  GLU 65  87  87  GLU GLU A . n 
A 1 66  ALA 66  88  88  ALA ALA A . n 
A 1 67  ASN 67  89  89  ASN ASN A . n 
A 1 68  GLN 68  90  90  GLN GLN A . n 
A 1 69  PRO 69  91  91  PRO PRO A . n 
A 1 70  VAL 70  92  92  VAL VAL A . n 
A 1 71  THR 71  93  93  THR THR A . n 
A 1 72  ILE 72  94  94  ILE ILE A . n 
A 1 73  GLN 73  95  95  GLN GLN A . n 
A 1 74  ASN 74  96  96  ASN ASN A . n 
A 1 75  TRP 75  97  97  TRP TRP A . n 
A 1 76  CYS 76  98  98  CYS CYS A . n 
A 1 77  LYS 77  99  99  LYS LYS A . n 
A 1 78  ARG 78  100 100 ARG ARG A . n 
A 1 79  GLY 79  101 101 GLY GLY A . n 
A 1 80  ARG 80  102 102 ARG ARG A . n 
A 1 81  LYS 81  103 103 LYS LYS A . n 
A 1 82  GLN 82  104 104 GLN GLN A . n 
A 1 83  CYS 83  105 105 CYS CYS A . n 
A 1 84  LYS 84  106 106 LYS LYS A . n 
A 1 85  THR 85  107 107 THR THR A . n 
A 1 86  HIS 86  108 108 HIS HIS A . n 
A 1 87  PRO 87  109 109 PRO PRO A . n 
A 1 88  HIS 88  110 110 HIS HIS A . n 
A 1 89  PHE 89  111 111 PHE PHE A . n 
A 1 90  VAL 90  112 112 VAL VAL A . n 
A 1 91  ILE 91  113 113 ILE ILE A . n 
A 1 92  PRO 92  114 114 PRO PRO A . n 
A 1 93  TYR 93  115 115 TYR TYR A . n 
A 1 94  ARG 94  116 116 ARG ARG A . n 
A 1 95  CYS 95  117 117 CYS CYS A . n 
A 1 96  LEU 96  118 118 LEU LEU A . n 
A 1 97  VAL 97  119 119 VAL VAL A . n 
A 1 98  GLY 98  120 120 GLY GLY A . n 
A 1 99  GLU 99  121 121 GLU GLU A . n 
A 1 100 PHE 100 122 122 PHE PHE A . n 
A 1 101 VAL 101 123 123 VAL VAL A . n 
A 1 102 SER 102 124 ?   ?   ?   A . n 
A 1 103 ASP 103 125 ?   ?   ?   A . n 
A 1 104 ALA 104 126 ?   ?   ?   A . n 
A 1 105 LEU 105 127 ?   ?   ?   A . n 
A 1 106 LEU 106 128 ?   ?   ?   A . n 
A 1 107 VAL 107 129 ?   ?   ?   A . n 
A 1 108 PRO 108 130 ?   ?   ?   A . n 
A 1 109 ASP 109 131 ?   ?   ?   A . n 
A 1 110 LYS 110 132 ?   ?   ?   A . n 
A 1 111 CYS 111 133 ?   ?   ?   A . n 
A 1 112 LYS 112 134 ?   ?   ?   A . n 
A 1 113 PHE 113 135 ?   ?   ?   A . n 
A 1 114 LEU 114 136 ?   ?   ?   A . n 
A 1 115 HIS 115 137 ?   ?   ?   A . n 
A 1 116 GLN 116 138 ?   ?   ?   A . n 
A 1 117 GLU 117 139 ?   ?   ?   A . n 
A 1 118 ARG 118 140 ?   ?   ?   A . n 
A 1 119 MET 119 141 ?   ?   ?   A . n 
A 1 120 ASP 120 142 ?   ?   ?   A . n 
A 1 121 VAL 121 143 ?   ?   ?   A . n 
A 1 122 CYS 122 144 ?   ?   ?   A . n 
A 1 123 GLU 123 145 ?   ?   ?   A . n 
A 1 124 THR 124 146 ?   ?   ?   A . n 
A 1 125 HIS 125 147 ?   ?   ?   A . n 
A 1 126 LEU 126 148 ?   ?   ?   A . n 
A 1 127 HIS 127 149 ?   ?   ?   A . n 
A 1 128 TRP 128 150 ?   ?   ?   A . n 
A 1 129 HIS 129 151 ?   ?   ?   A . n 
A 1 130 THR 130 152 ?   ?   ?   A . n 
A 1 131 VAL 131 153 ?   ?   ?   A . n 
A 1 132 ALA 132 154 ?   ?   ?   A . n 
A 1 133 LYS 133 155 ?   ?   ?   A . n 
A 1 134 GLU 134 156 ?   ?   ?   A . n 
A 1 135 THR 135 157 ?   ?   ?   A . n 
A 1 136 CYS 136 158 ?   ?   ?   A . n 
A 1 137 SER 137 159 ?   ?   ?   A . n 
A 1 138 GLU 138 160 ?   ?   ?   A . n 
A 1 139 LYS 139 161 ?   ?   ?   A . n 
A 1 140 SER 140 162 ?   ?   ?   A . n 
A 1 141 THR 141 163 ?   ?   ?   A . n 
A 1 142 ASN 142 164 ?   ?   ?   A . n 
A 1 143 LEU 143 165 ?   ?   ?   A . n 
A 1 144 HIS 144 166 ?   ?   ?   A . n 
A 1 145 ASP 145 167 ?   ?   ?   A . n 
A 1 146 TYR 146 168 ?   ?   ?   A . n 
A 1 147 GLY 147 169 ?   ?   ?   A . n 
A 1 148 MET 148 170 ?   ?   ?   A . n 
A 1 149 LEU 149 171 ?   ?   ?   A . n 
A 1 150 LEU 150 172 ?   ?   ?   A . n 
A 1 151 PRO 151 173 ?   ?   ?   A . n 
A 1 152 CYS 152 174 ?   ?   ?   A . n 
A 1 153 GLY 153 175 ?   ?   ?   A . n 
A 1 154 ILE 154 176 ?   ?   ?   A . n 
A 1 155 ASP 155 177 ?   ?   ?   A . n 
A 1 156 LYS 156 178 ?   ?   ?   A . n 
A 1 157 PHE 157 179 ?   ?   ?   A . n 
A 1 158 ARG 158 180 ?   ?   ?   A . n 
A 1 159 GLY 159 181 ?   ?   ?   A . n 
A 1 160 VAL 160 182 ?   ?   ?   A . n 
A 1 161 GLU 161 183 ?   ?   ?   A . n 
A 1 162 PHE 162 184 ?   ?   ?   A . n 
A 1 163 VAL 163 185 ?   ?   ?   A . n 
# 
loop_
_pdbx_nonpoly_scheme.asym_id 
_pdbx_nonpoly_scheme.entity_id 
_pdbx_nonpoly_scheme.mon_id 
_pdbx_nonpoly_scheme.ndb_seq_num 
_pdbx_nonpoly_scheme.pdb_seq_num 
_pdbx_nonpoly_scheme.auth_seq_num 
_pdbx_nonpoly_scheme.pdb_mon_id 
_pdbx_nonpoly_scheme.auth_mon_id 
_pdbx_nonpoly_scheme.pdb_strand_id 
_pdbx_nonpoly_scheme.pdb_ins_code 
B 2 CU  1  201 1  CU  CU  A . 
C 3 GOL 1  202 1  GOL GOL A . 
D 4 HOH 1  301 1  HOH HOH A . 
D 4 HOH 2  302 2  HOH HOH A . 
D 4 HOH 3  303 3  HOH HOH A . 
D 4 HOH 4  304 4  HOH HOH A . 
D 4 HOH 5  305 5  HOH HOH A . 
D 4 HOH 6  306 6  HOH HOH A . 
D 4 HOH 7  307 7  HOH HOH A . 
D 4 HOH 8  308 8  HOH HOH A . 
D 4 HOH 9  309 9  HOH HOH A . 
D 4 HOH 10 310 10 HOH HOH A . 
D 4 HOH 11 311 11 HOH HOH A . 
D 4 HOH 12 312 12 HOH HOH A . 
D 4 HOH 13 313 13 HOH HOH A . 
D 4 HOH 14 314 14 HOH HOH A . 
D 4 HOH 15 315 15 HOH HOH A . 
D 4 HOH 16 316 16 HOH HOH A . 
D 4 HOH 17 317 17 HOH HOH A . 
D 4 HOH 18 318 18 HOH HOH A . 
D 4 HOH 19 319 19 HOH HOH A . 
D 4 HOH 20 320 20 HOH HOH A . 
D 4 HOH 21 321 21 HOH HOH A . 
D 4 HOH 22 322 22 HOH HOH A . 
D 4 HOH 23 323 23 HOH HOH A . 
D 4 HOH 24 324 24 HOH HOH A . 
D 4 HOH 25 325 25 HOH HOH A . 
D 4 HOH 26 326 26 HOH HOH A . 
D 4 HOH 27 327 27 HOH HOH A . 
D 4 HOH 28 328 28 HOH HOH A . 
D 4 HOH 29 329 29 HOH HOH A . 
D 4 HOH 30 330 30 HOH HOH A . 
D 4 HOH 31 331 31 HOH HOH A . 
D 4 HOH 32 332 32 HOH HOH A . 
D 4 HOH 33 333 33 HOH HOH A . 
D 4 HOH 34 334 34 HOH HOH A . 
D 4 HOH 35 335 35 HOH HOH A . 
D 4 HOH 36 336 36 HOH HOH A . 
D 4 HOH 37 337 37 HOH HOH A . 
D 4 HOH 38 338 38 HOH HOH A . 
D 4 HOH 39 339 39 HOH HOH A . 
D 4 HOH 40 340 40 HOH HOH A . 
D 4 HOH 41 341 41 HOH HOH A . 
D 4 HOH 42 342 42 HOH HOH A . 
D 4 HOH 43 343 43 HOH HOH A . 
D 4 HOH 44 344 44 HOH HOH A . 
D 4 HOH 45 345 45 HOH HOH A . 
D 4 HOH 46 346 46 HOH HOH A . 
D 4 HOH 47 347 47 HOH HOH A . 
D 4 HOH 48 348 48 HOH HOH A . 
D 4 HOH 49 349 49 HOH HOH A . 
D 4 HOH 50 350 50 HOH HOH A . 
D 4 HOH 51 351 51 HOH HOH A . 
D 4 HOH 52 352 52 HOH HOH A . 
# 
loop_
_software.name 
_software.classification 
_software.version 
_software.citation_id 
_software.pdbx_ordinal 
MxCuBE 'data collection' .                           ? 1 
PHASER phasing           .                           ? 2 
PHENIX refinement        '(phenix.refine: 1.8_1069)' ? 3 
MOSFLM 'data reduction'  .                           ? 4 
SCALA  'data scaling'    .                           ? 5 
# 
_cell.entry_id           4JFN 
_cell.length_a           34.050 
_cell.length_b           49.070 
_cell.length_c           66.160 
_cell.angle_alpha        90.00 
_cell.angle_beta         90.00 
_cell.angle_gamma        90.00 
_cell.Z_PDB              4 
_cell.pdbx_unique_axis   ? 
_cell.length_a_esd       ? 
_cell.length_b_esd       ? 
_cell.length_c_esd       ? 
_cell.angle_alpha_esd    ? 
_cell.angle_beta_esd     ? 
_cell.angle_gamma_esd    ? 
# 
_symmetry.entry_id                         4JFN 
_symmetry.space_group_name_H-M             'P 21 21 21' 
_symmetry.pdbx_full_space_group_name_H-M   ? 
_symmetry.cell_setting                     ? 
_symmetry.Int_Tables_number                19 
_symmetry.space_group_name_Hall            ? 
# 
_exptl.entry_id          4JFN 
_exptl.method            'X-RAY DIFFRACTION' 
_exptl.crystals_number   1 
# 
_exptl_crystal.id                    1 
_exptl_crystal.density_meas          ? 
_exptl_crystal.density_Matthews      1.48 
_exptl_crystal.density_percent_sol   17.12 
_exptl_crystal.description           ? 
_exptl_crystal.F_000                 ? 
_exptl_crystal.preparation           ? 
# 
_exptl_crystal_grow.crystal_id      1 
_exptl_crystal_grow.method          'VAPOR DIFFUSION, HANGING DROP' 
_exptl_crystal_grow.temp            291 
_exptl_crystal_grow.temp_details    ? 
_exptl_crystal_grow.pH              7.5 
_exptl_crystal_grow.pdbx_details    '6% (w/v) PEG 3350, 0.1 M Hepes, pH 7.5, VAPOR DIFFUSION, HANGING DROP, temperature 291K' 
_exptl_crystal_grow.pdbx_pH_range   . 
# 
_diffrn.id                     1 
_diffrn.ambient_temp           100 
_diffrn.ambient_temp_details   ? 
_diffrn.crystal_id             1 
# 
_diffrn_detector.diffrn_id              1 
_diffrn_detector.detector               CCD 
_diffrn_detector.type                   'MAR CCD 165 mm' 
_diffrn_detector.pdbx_collection_date   2010-09-02 
_diffrn_detector.details                ? 
# 
_diffrn_radiation.diffrn_id                        1 
_diffrn_radiation.wavelength_id                    1 
_diffrn_radiation.pdbx_monochromatic_or_laue_m_l   M 
_diffrn_radiation.monochromator                    'Si 111 CHANNEL' 
_diffrn_radiation.pdbx_diffrn_protocol             'SINGLE WAVELENGTH' 
_diffrn_radiation.pdbx_scattering_type             x-ray 
# 
_diffrn_radiation_wavelength.id           1 
_diffrn_radiation_wavelength.wavelength   0.8726 
_diffrn_radiation_wavelength.wt           1.0 
# 
_diffrn_source.diffrn_id                   1 
_diffrn_source.source                      SYNCHROTRON 
_diffrn_source.type                        'ESRF BEAMLINE ID23-2' 
_diffrn_source.pdbx_synchrotron_site       ESRF 
_diffrn_source.pdbx_synchrotron_beamline   ID23-2 
_diffrn_source.pdbx_wavelength             ? 
_diffrn_source.pdbx_wavelength_list        0.8726 
# 
_reflns.entry_id                     4JFN 
_reflns.observed_criterion_sigma_I   0 
_reflns.observed_criterion_sigma_F   1.35 
_reflns.d_resolution_low             30.28 
_reflns.d_resolution_high            1.75 
_reflns.number_obs                   11659 
_reflns.number_all                   11674 
_reflns.percent_possible_obs         99.72 
_reflns.pdbx_Rmerge_I_obs            ? 
_reflns.pdbx_Rsym_value              ? 
_reflns.pdbx_netI_over_sigmaI        ? 
_reflns.B_iso_Wilson_estimate        ? 
_reflns.pdbx_redundancy              ? 
_reflns.R_free_details               ? 
_reflns.limit_h_max                  ? 
_reflns.limit_h_min                  ? 
_reflns.limit_k_max                  ? 
_reflns.limit_k_min                  ? 
_reflns.limit_l_max                  ? 
_reflns.limit_l_min                  ? 
_reflns.observed_criterion_F_max     ? 
_reflns.observed_criterion_F_min     ? 
_reflns.pdbx_chi_squared             ? 
_reflns.pdbx_scaling_rejects         ? 
_reflns.pdbx_ordinal                 1 
_reflns.pdbx_diffrn_id               1 
# 
_reflns_shell.d_res_high                  1.75 
_reflns_shell.d_res_low                   1.81 
_reflns_shell.percent_possible_all        100 
_reflns_shell.Rmerge_I_obs                ? 
_reflns_shell.pdbx_Rsym_value             ? 
_reflns_shell.meanI_over_sigI_obs         ? 
_reflns_shell.pdbx_redundancy             ? 
_reflns_shell.percent_possible_obs        ? 
_reflns_shell.number_unique_all           ? 
_reflns_shell.number_measured_all         ? 
_reflns_shell.number_measured_obs         ? 
_reflns_shell.number_unique_obs           ? 
_reflns_shell.pdbx_chi_squared            ? 
_reflns_shell.pdbx_rejects                ? 
_reflns_shell.pdbx_netI_over_sigmaI_obs   ? 
_reflns_shell.number_possible             ? 
_reflns_shell.Rmerge_F_all                ? 
_reflns_shell.Rmerge_F_obs                ? 
_reflns_shell.Rmerge_I_all                ? 
_reflns_shell.meanI_over_sigI_all         ? 
_reflns_shell.pdbx_Rrim_I_all             ? 
_reflns_shell.pdbx_Rpim_I_all             ? 
_reflns_shell.pdbx_ordinal                1 
_reflns_shell.pdbx_diffrn_id              1 
# 
_refine.entry_id                                 4JFN 
_refine.ls_number_reflns_obs                     11659 
_refine.ls_number_reflns_all                     11674 
_refine.pdbx_ls_sigma_I                          ? 
_refine.pdbx_ls_sigma_F                          1.35 
_refine.pdbx_data_cutoff_high_absF               ? 
_refine.pdbx_data_cutoff_low_absF                ? 
_refine.pdbx_data_cutoff_high_rms_absF           ? 
_refine.ls_d_res_low                             30.276 
_refine.ls_d_res_high                            1.750 
_refine.ls_percent_reflns_obs                    99.72 
_refine.ls_R_factor_obs                          0.1831 
_refine.ls_R_factor_all                          0.1831 
_refine.ls_R_factor_R_work                       0.1807 
_refine.ls_R_factor_R_free                       0.2303 
_refine.ls_R_factor_R_free_error                 ? 
_refine.ls_R_factor_R_free_error_details         ? 
_refine.ls_percent_reflns_R_free                 4.75 
_refine.ls_number_reflns_R_free                  554 
_refine.ls_number_parameters                     ? 
_refine.ls_number_restraints                     ? 
_refine.correlation_coeff_Fo_to_Fc               ? 
_refine.correlation_coeff_Fo_to_Fc_free          ? 
_refine.B_iso_mean                               45.4104 
_refine.aniso_B[1][1]                            ? 
_refine.aniso_B[2][2]                            ? 
_refine.aniso_B[3][3]                            ? 
_refine.aniso_B[1][2]                            ? 
_refine.aniso_B[1][3]                            ? 
_refine.aniso_B[2][3]                            ? 
_refine.solvent_model_details                    'FLAT BULK SOLVENT MODEL' 
_refine.solvent_model_param_ksol                 ? 
_refine.solvent_model_param_bsol                 ? 
_refine.pdbx_solvent_vdw_probe_radii             1.11 
_refine.pdbx_solvent_ion_probe_radii             ? 
_refine.pdbx_solvent_shrinkage_radii             0.90 
_refine.pdbx_ls_cross_valid_method               ? 
_refine.details                                  ? 
_refine.pdbx_starting_model                      1mwp 
_refine.pdbx_method_to_determine_struct          'MOLECULAR REPLACEMENT' 
_refine.pdbx_isotropic_thermal_model             ? 
_refine.pdbx_stereochemistry_target_values       ML 
_refine.pdbx_stereochem_target_val_spec_case     ? 
_refine.pdbx_R_Free_selection_details            random 
_refine.pdbx_overall_ESU_R                       ? 
_refine.pdbx_overall_ESU_R_Free                  ? 
_refine.overall_SU_ML                            0.15 
_refine.overall_FOM_work_R_set                   0.7467 
_refine.B_iso_max                                88.000 
_refine.B_iso_min                                27.870 
_refine.pdbx_overall_phase_error                 29.8200 
_refine.occupancy_max                            1.000 
_refine.occupancy_min                            0.390 
_refine.pdbx_diffrn_id                           1 
_refine.pdbx_refine_id                           'X-RAY DIFFRACTION' 
_refine.ls_redundancy_reflns_obs                 ? 
_refine.overall_SU_B                             ? 
_refine.overall_SU_R_Cruickshank_DPI             ? 
_refine.overall_SU_R_free                        ? 
_refine.ls_wR_factor_R_free                      ? 
_refine.ls_wR_factor_R_work                      ? 
_refine.overall_FOM_free_R_set                   ? 
_refine.pdbx_TLS_residual_ADP_flag               ? 
_refine.pdbx_overall_SU_R_free_Cruickshank_DPI   ? 
_refine.pdbx_overall_SU_R_Blow_DPI               ? 
_refine.pdbx_overall_SU_R_free_Blow_DPI          ? 
# 
_refine_hist.pdbx_refine_id                   'X-RAY DIFFRACTION' 
_refine_hist.cycle_id                         LAST 
_refine_hist.pdbx_number_atoms_protein        799 
_refine_hist.pdbx_number_atoms_nucleic_acid   0 
_refine_hist.pdbx_number_atoms_ligand         7 
_refine_hist.number_atoms_solvent             52 
_refine_hist.number_atoms_total               858 
_refine_hist.d_res_high                       1.750 
_refine_hist.d_res_low                        30.276 
# 
loop_
_refine_ls_restr.type 
_refine_ls_restr.dev_ideal 
_refine_ls_restr.dev_ideal_target 
_refine_ls_restr.weight 
_refine_ls_restr.number 
_refine_ls_restr.pdbx_restraint_function 
_refine_ls_restr.pdbx_refine_id 
f_bond_d           0.007  ? ? 857  ? 'X-RAY DIFFRACTION' 
f_angle_d          1.156  ? ? 1166 ? 'X-RAY DIFFRACTION' 
f_dihedral_angle_d 14.018 ? ? 325  ? 'X-RAY DIFFRACTION' 
f_chiral_restr     0.084  ? ? 124  ? 'X-RAY DIFFRACTION' 
f_plane_restr      0.004  ? ? 154  ? 'X-RAY DIFFRACTION' 
# 
loop_
_refine_ls_shell.pdbx_refine_id 
_refine_ls_shell.pdbx_total_number_of_bins_used 
_refine_ls_shell.d_res_high 
_refine_ls_shell.d_res_low 
_refine_ls_shell.number_reflns_R_work 
_refine_ls_shell.R_factor_R_work 
_refine_ls_shell.percent_reflns_obs 
_refine_ls_shell.R_factor_R_free 
_refine_ls_shell.R_factor_R_free_error 
_refine_ls_shell.percent_reflns_R_free 
_refine_ls_shell.number_reflns_R_free 
_refine_ls_shell.number_reflns_all 
_refine_ls_shell.R_factor_all 
_refine_ls_shell.number_reflns_obs 
_refine_ls_shell.redundancy_reflns_obs 
'X-RAY DIFFRACTION' 4 1.7500 1.9261  2718 0.2179 100.00 0.2906 . . 128 . . . . 
'X-RAY DIFFRACTION' 4 1.9261 2.2047  2733 0.1678 100.00 0.2620 . . 139 . . . . 
'X-RAY DIFFRACTION' 4 2.2047 2.7774  2767 0.1958 100.00 0.3018 . . 132 . . . . 
'X-RAY DIFFRACTION' 4 2.7774 30.2801 2887 0.1732 99.00  0.1933 . . 155 . . . . 
# 
_struct.entry_id                  4JFN 
_struct.title                     
'Crystal structure of the N-terminal, growth factor-like domain of the amyloid precursor protein bound to copper' 
_struct.pdbx_model_details        ? 
_struct.pdbx_CASP_flag            ? 
_struct.pdbx_model_type_details   ? 
# 
_struct_keywords.entry_id        4JFN 
_struct_keywords.pdbx_keywords   'METAL BINDING PROTEIN' 
_struct_keywords.text            
;Alzheimer's disease, GFLD, APP, Growth factor-like domain, copper binding, METAL BINDING PROTEIN
;
# 
loop_
_struct_asym.id 
_struct_asym.pdbx_blank_PDB_chainid_flag 
_struct_asym.pdbx_modified 
_struct_asym.entity_id 
_struct_asym.details 
A N N 1 ? 
B N N 2 ? 
C N N 3 ? 
D N N 4 ? 
# 
_struct_ref.id                         1 
_struct_ref.db_name                    UNP 
_struct_ref.db_code                    A4_HUMAN 
_struct_ref.pdbx_db_accession          P05067 
_struct_ref.entity_id                  1 
_struct_ref.pdbx_seq_one_letter_code   
;DGNAGLLAEPQIAMFCGRLNMHMNVQNGKWDSDPSGTKTCIDTKEGILQYCQEVYPELQITNVVEANQPVTIQNWCKRGR
KQCKTHPHFVIPYRCLVGEFVSDALLVPDKCKFLHQERMDVCETHLHWHTVAKETCSEKSTNLHDYGMLLPCGIDKFRGV
EFV
;
_struct_ref.pdbx_align_begin           23 
_struct_ref.pdbx_db_isoform            ? 
# 
_struct_ref_seq.align_id                      1 
_struct_ref_seq.ref_id                        1 
_struct_ref_seq.pdbx_PDB_id_code              4JFN 
_struct_ref_seq.pdbx_strand_id                A 
_struct_ref_seq.seq_align_beg                 1 
_struct_ref_seq.pdbx_seq_align_beg_ins_code   ? 
_struct_ref_seq.seq_align_end                 163 
_struct_ref_seq.pdbx_seq_align_end_ins_code   ? 
_struct_ref_seq.pdbx_db_accession             P05067 
_struct_ref_seq.db_align_beg                  23 
_struct_ref_seq.pdbx_db_align_beg_ins_code    ? 
_struct_ref_seq.db_align_end                  185 
_struct_ref_seq.pdbx_db_align_end_ins_code    ? 
_struct_ref_seq.pdbx_auth_seq_align_beg       23 
_struct_ref_seq.pdbx_auth_seq_align_end       185 
# 
_pdbx_struct_assembly.id                   1 
_pdbx_struct_assembly.details              author_and_software_defined_assembly 
_pdbx_struct_assembly.method_details       PISA 
_pdbx_struct_assembly.oligomeric_details   monomeric 
_pdbx_struct_assembly.oligomeric_count     1 
# 
_pdbx_struct_assembly_gen.assembly_id       1 
_pdbx_struct_assembly_gen.oper_expression   1 
_pdbx_struct_assembly_gen.asym_id_list      A,B,C,D 
# 
_pdbx_struct_oper_list.id                   1 
_pdbx_struct_oper_list.type                 'identity operation' 
_pdbx_struct_oper_list.name                 1_555 
_pdbx_struct_oper_list.symmetry_operation   x,y,z 
_pdbx_struct_oper_list.matrix[1][1]         1.0000000000 
_pdbx_struct_oper_list.matrix[1][2]         0.0000000000 
_pdbx_struct_oper_list.matrix[1][3]         0.0000000000 
_pdbx_struct_oper_list.vector[1]            0.0000000000 
_pdbx_struct_oper_list.matrix[2][1]         0.0000000000 
_pdbx_struct_oper_list.matrix[2][2]         1.0000000000 
_pdbx_struct_oper_list.matrix[2][3]         0.0000000000 
_pdbx_struct_oper_list.vector[2]            0.0000000000 
_pdbx_struct_oper_list.matrix[3][1]         0.0000000000 
_pdbx_struct_oper_list.matrix[3][2]         0.0000000000 
_pdbx_struct_oper_list.matrix[3][3]         1.0000000000 
_pdbx_struct_oper_list.vector[3]            0.0000000000 
# 
_struct_biol.id        1 
_struct_biol.details   ? 
# 
_struct_conf.conf_type_id            HELX_P 
_struct_conf.id                      HELX_P1 
_struct_conf.pdbx_PDB_helix_id       1 
_struct_conf.beg_label_comp_id       THR 
_struct_conf.beg_label_asym_id       A 
_struct_conf.beg_label_seq_id        43 
_struct_conf.pdbx_beg_PDB_ins_code   ? 
_struct_conf.end_label_comp_id       TYR 
_struct_conf.end_label_asym_id       A 
_struct_conf.end_label_seq_id        55 
_struct_conf.pdbx_end_PDB_ins_code   ? 
_struct_conf.beg_auth_comp_id        THR 
_struct_conf.beg_auth_asym_id        A 
_struct_conf.beg_auth_seq_id         65 
_struct_conf.end_auth_comp_id        TYR 
_struct_conf.end_auth_asym_id        A 
_struct_conf.end_auth_seq_id         77 
_struct_conf.pdbx_PDB_helix_class    1 
_struct_conf.details                 ? 
_struct_conf.pdbx_PDB_helix_length   13 
# 
_struct_conf_type.id          HELX_P 
_struct_conf_type.criteria    ? 
_struct_conf_type.reference   ? 
# 
loop_
_struct_conn.id 
_struct_conn.conn_type_id 
_struct_conn.pdbx_leaving_atom_flag 
_struct_conn.pdbx_PDB_id 
_struct_conn.ptnr1_label_asym_id 
_struct_conn.ptnr1_label_comp_id 
_struct_conn.ptnr1_label_seq_id 
_struct_conn.ptnr1_label_atom_id 
_struct_conn.pdbx_ptnr1_label_alt_id 
_struct_conn.pdbx_ptnr1_PDB_ins_code 
_struct_conn.pdbx_ptnr1_standard_comp_id 
_struct_conn.ptnr1_symmetry 
_struct_conn.ptnr2_label_asym_id 
_struct_conn.ptnr2_label_comp_id 
_struct_conn.ptnr2_label_seq_id 
_struct_conn.ptnr2_label_atom_id 
_struct_conn.pdbx_ptnr2_label_alt_id 
_struct_conn.pdbx_ptnr2_PDB_ins_code 
_struct_conn.ptnr1_auth_asym_id 
_struct_conn.ptnr1_auth_comp_id 
_struct_conn.ptnr1_auth_seq_id 
_struct_conn.ptnr2_auth_asym_id 
_struct_conn.ptnr2_auth_comp_id 
_struct_conn.ptnr2_auth_seq_id 
_struct_conn.ptnr2_symmetry 
_struct_conn.pdbx_ptnr3_label_atom_id 
_struct_conn.pdbx_ptnr3_label_seq_id 
_struct_conn.pdbx_ptnr3_label_comp_id 
_struct_conn.pdbx_ptnr3_label_asym_id 
_struct_conn.pdbx_ptnr3_label_alt_id 
_struct_conn.pdbx_ptnr3_PDB_ins_code 
_struct_conn.details 
_struct_conn.pdbx_dist_value 
_struct_conn.pdbx_value_order 
_struct_conn.pdbx_role 
disulf1 disulf ? ? A CYS 16 SG  ? ? ? 1_555 A CYS 40 SG ? ? A CYS 38  A CYS 62  1_555 ? ? ? ? ? ? ? 2.037 ? ? 
disulf2 disulf ? ? A CYS 51 SG  ? ? ? 1_555 A CYS 95 SG ? ? A CYS 73  A CYS 117 1_555 ? ? ? ? ? ? ? 2.063 ? ? 
metalc1 metalc ? ? A HIS 86 NE2 ? ? ? 1_555 B CU  .  CU ? ? A HIS 108 A CU  201 1_555 ? ? ? ? ? ? ? 2.032 ? ? 
metalc2 metalc ? ? A HIS 88 NE2 ? ? ? 1_555 B CU  .  CU ? ? A HIS 110 A CU  201 1_555 ? ? ? ? ? ? ? 1.949 ? ? 
# 
loop_
_struct_conn_type.id 
_struct_conn_type.criteria 
_struct_conn_type.reference 
disulf ? ? 
metalc ? ? 
# 
_pdbx_struct_conn_angle.id                    1 
_pdbx_struct_conn_angle.ptnr1_label_atom_id   NE2 
_pdbx_struct_conn_angle.ptnr1_label_alt_id    ? 
_pdbx_struct_conn_angle.ptnr1_label_asym_id   A 
_pdbx_struct_conn_angle.ptnr1_label_comp_id   HIS 
_pdbx_struct_conn_angle.ptnr1_label_seq_id    86 
_pdbx_struct_conn_angle.ptnr1_auth_atom_id    ? 
_pdbx_struct_conn_angle.ptnr1_auth_asym_id    A 
_pdbx_struct_conn_angle.ptnr1_auth_comp_id    HIS 
_pdbx_struct_conn_angle.ptnr1_auth_seq_id     108 
_pdbx_struct_conn_angle.ptnr1_PDB_ins_code    ? 
_pdbx_struct_conn_angle.ptnr1_symmetry        1_555 
_pdbx_struct_conn_angle.ptnr2_label_atom_id   CU 
_pdbx_struct_conn_angle.ptnr2_label_alt_id    ? 
_pdbx_struct_conn_angle.ptnr2_label_asym_id   B 
_pdbx_struct_conn_angle.ptnr2_label_comp_id   CU 
_pdbx_struct_conn_angle.ptnr2_label_seq_id    . 
_pdbx_struct_conn_angle.ptnr2_auth_atom_id    ? 
_pdbx_struct_conn_angle.ptnr2_auth_asym_id    A 
_pdbx_struct_conn_angle.ptnr2_auth_comp_id    CU 
_pdbx_struct_conn_angle.ptnr2_auth_seq_id     201 
_pdbx_struct_conn_angle.ptnr2_PDB_ins_code    ? 
_pdbx_struct_conn_angle.ptnr2_symmetry        1_555 
_pdbx_struct_conn_angle.ptnr3_label_atom_id   NE2 
_pdbx_struct_conn_angle.ptnr3_label_alt_id    ? 
_pdbx_struct_conn_angle.ptnr3_label_asym_id   A 
_pdbx_struct_conn_angle.ptnr3_label_comp_id   HIS 
_pdbx_struct_conn_angle.ptnr3_label_seq_id    88 
_pdbx_struct_conn_angle.ptnr3_auth_atom_id    ? 
_pdbx_struct_conn_angle.ptnr3_auth_asym_id    A 
_pdbx_struct_conn_angle.ptnr3_auth_comp_id    HIS 
_pdbx_struct_conn_angle.ptnr3_auth_seq_id     110 
_pdbx_struct_conn_angle.ptnr3_PDB_ins_code    ? 
_pdbx_struct_conn_angle.ptnr3_symmetry        1_555 
_pdbx_struct_conn_angle.value                 99.2 
_pdbx_struct_conn_angle.value_esd             ? 
# 
loop_
_pdbx_modification_feature.ordinal 
_pdbx_modification_feature.label_comp_id 
_pdbx_modification_feature.label_asym_id 
_pdbx_modification_feature.label_seq_id 
_pdbx_modification_feature.label_alt_id 
_pdbx_modification_feature.modified_residue_label_comp_id 
_pdbx_modification_feature.modified_residue_label_asym_id 
_pdbx_modification_feature.modified_residue_label_seq_id 
_pdbx_modification_feature.modified_residue_label_alt_id 
_pdbx_modification_feature.auth_comp_id 
_pdbx_modification_feature.auth_asym_id 
_pdbx_modification_feature.auth_seq_id 
_pdbx_modification_feature.PDB_ins_code 
_pdbx_modification_feature.symmetry 
_pdbx_modification_feature.modified_residue_auth_comp_id 
_pdbx_modification_feature.modified_residue_auth_asym_id 
_pdbx_modification_feature.modified_residue_auth_seq_id 
_pdbx_modification_feature.modified_residue_PDB_ins_code 
_pdbx_modification_feature.modified_residue_symmetry 
_pdbx_modification_feature.comp_id_linking_atom 
_pdbx_modification_feature.modified_residue_id_linking_atom 
_pdbx_modification_feature.modified_residue_id 
_pdbx_modification_feature.ref_pcm_id 
_pdbx_modification_feature.ref_comp_id 
_pdbx_modification_feature.type 
_pdbx_modification_feature.category 
1 CYS A 16 ? CYS A 40 ? CYS A 38 ? 1_555 CYS A 62  ? 1_555 SG SG . . . None 'Disulfide bridge' 
2 CYS A 51 ? CYS A 95 ? CYS A 73 ? 1_555 CYS A 117 ? 1_555 SG SG . . . None 'Disulfide bridge' 
# 
loop_
_struct_sheet.id 
_struct_sheet.type 
_struct_sheet.number_strands 
_struct_sheet.details 
A ? 5 ? 
B ? 2 ? 
# 
loop_
_struct_sheet_order.sheet_id 
_struct_sheet_order.range_id_1 
_struct_sheet_order.range_id_2 
_struct_sheet_order.offset 
_struct_sheet_order.sense 
A 1 2 ? anti-parallel 
A 2 3 ? anti-parallel 
A 3 4 ? anti-parallel 
A 4 5 ? anti-parallel 
B 1 2 ? anti-parallel 
# 
loop_
_struct_sheet_range.sheet_id 
_struct_sheet_range.id 
_struct_sheet_range.beg_label_comp_id 
_struct_sheet_range.beg_label_asym_id 
_struct_sheet_range.beg_label_seq_id 
_struct_sheet_range.pdbx_beg_PDB_ins_code 
_struct_sheet_range.end_label_comp_id 
_struct_sheet_range.end_label_asym_id 
_struct_sheet_range.end_label_seq_id 
_struct_sheet_range.pdbx_end_PDB_ins_code 
_struct_sheet_range.beg_auth_comp_id 
_struct_sheet_range.beg_auth_asym_id 
_struct_sheet_range.beg_auth_seq_id 
_struct_sheet_range.end_auth_comp_id 
_struct_sheet_range.end_auth_asym_id 
_struct_sheet_range.end_auth_seq_id 
A 1 TRP A 30 ? SER A 32 ? TRP A 52  SER A 54  
A 2 MET A 21 ? MET A 23 ? MET A 43  MET A 45  
A 3 GLN A 11 ? ALA A 13 ? GLN A 33  ALA A 35  
A 4 TYR A 93 ? VAL A 97 ? TYR A 115 VAL A 119 
A 5 ILE A 60 ? GLU A 65 ? ILE A 82  GLU A 87  
B 1 VAL A 70 ? ILE A 72 ? VAL A 92  ILE A 94  
B 2 HIS A 88 ? VAL A 90 ? HIS A 110 VAL A 112 
# 
loop_
_pdbx_struct_sheet_hbond.sheet_id 
_pdbx_struct_sheet_hbond.range_id_1 
_pdbx_struct_sheet_hbond.range_id_2 
_pdbx_struct_sheet_hbond.range_1_label_atom_id 
_pdbx_struct_sheet_hbond.range_1_label_comp_id 
_pdbx_struct_sheet_hbond.range_1_label_asym_id 
_pdbx_struct_sheet_hbond.range_1_label_seq_id 
_pdbx_struct_sheet_hbond.range_1_PDB_ins_code 
_pdbx_struct_sheet_hbond.range_1_auth_atom_id 
_pdbx_struct_sheet_hbond.range_1_auth_comp_id 
_pdbx_struct_sheet_hbond.range_1_auth_asym_id 
_pdbx_struct_sheet_hbond.range_1_auth_seq_id 
_pdbx_struct_sheet_hbond.range_2_label_atom_id 
_pdbx_struct_sheet_hbond.range_2_label_comp_id 
_pdbx_struct_sheet_hbond.range_2_label_asym_id 
_pdbx_struct_sheet_hbond.range_2_label_seq_id 
_pdbx_struct_sheet_hbond.range_2_PDB_ins_code 
_pdbx_struct_sheet_hbond.range_2_auth_atom_id 
_pdbx_struct_sheet_hbond.range_2_auth_comp_id 
_pdbx_struct_sheet_hbond.range_2_auth_asym_id 
_pdbx_struct_sheet_hbond.range_2_auth_seq_id 
A 1 2 O ASP A 31 ? O ASP A 53  N HIS A 22 ? N HIS A 44  
A 2 3 O MET A 21 ? O MET A 43  N ALA A 13 ? N ALA A 35  
A 3 4 N ILE A 12 ? N ILE A 34  O TYR A 93 ? O TYR A 115 
A 4 5 O ARG A 94 ? O ARG A 116 N VAL A 64 ? N VAL A 86  
B 1 2 N VAL A 70 ? N VAL A 92  O VAL A 90 ? O VAL A 112 
# 
loop_
_struct_site.id 
_struct_site.pdbx_evidence_code 
_struct_site.pdbx_auth_asym_id 
_struct_site.pdbx_auth_comp_id 
_struct_site.pdbx_auth_seq_id 
_struct_site.pdbx_auth_ins_code 
_struct_site.pdbx_num_residues 
_struct_site.details 
AC1 Software A CU  201 ? 4 'BINDING SITE FOR RESIDUE CU A 201'  
AC2 Software A GOL 202 ? 9 'BINDING SITE FOR RESIDUE GOL A 202' 
# 
loop_
_struct_site_gen.id 
_struct_site_gen.site_id 
_struct_site_gen.pdbx_num_res 
_struct_site_gen.label_comp_id 
_struct_site_gen.label_asym_id 
_struct_site_gen.label_seq_id 
_struct_site_gen.pdbx_auth_ins_code 
_struct_site_gen.auth_comp_id 
_struct_site_gen.auth_asym_id 
_struct_site_gen.auth_seq_id 
_struct_site_gen.label_atom_id 
_struct_site_gen.label_alt_id 
_struct_site_gen.symmetry 
_struct_site_gen.details 
1  AC1 4 ASP A 1  ? ASP A 23  . ? 3_455 ? 
2  AC1 4 ARG A 18 ? ARG A 40  . ? 1_555 ? 
3  AC1 4 HIS A 86 ? HIS A 108 . ? 1_555 ? 
4  AC1 4 HIS A 88 ? HIS A 110 . ? 1_555 ? 
5  AC2 9 HIS A 22 ? HIS A 44  . ? 1_555 ? 
6  AC2 9 MET A 23 ? MET A 45  . ? 1_555 ? 
7  AC2 9 ASN A 24 ? ASN A 46  . ? 1_555 ? 
8  AC2 9 VAL A 25 ? VAL A 47  . ? 1_555 ? 
9  AC2 9 ASP A 31 ? ASP A 53  . ? 1_555 ? 
10 AC2 9 VAL A 54 ? VAL A 76  . ? 1_555 ? 
11 AC2 9 TYR A 55 ? TYR A 77  . ? 1_555 ? 
12 AC2 9 GLN A 68 ? GLN A 90  . ? 3_445 ? 
13 AC2 9 HOH D .  ? HOH A 327 . ? 1_555 ? 
# 
_pdbx_entry_details.entry_id                   4JFN 
_pdbx_entry_details.compound_details           ? 
_pdbx_entry_details.source_details             ? 
_pdbx_entry_details.nonpolymer_details         ? 
_pdbx_entry_details.sequence_details           ? 
_pdbx_entry_details.has_ligand_of_interest     ? 
_pdbx_entry_details.has_protein_modification   Y 
# 
loop_
_pdbx_validate_torsion.id 
_pdbx_validate_torsion.PDB_model_num 
_pdbx_validate_torsion.auth_comp_id 
_pdbx_validate_torsion.auth_asym_id 
_pdbx_validate_torsion.auth_seq_id 
_pdbx_validate_torsion.PDB_ins_code 
_pdbx_validate_torsion.label_alt_id 
_pdbx_validate_torsion.phi 
_pdbx_validate_torsion.psi 
1 1 THR A 61  ? ? -110.88 -164.11 
2 1 ARG A 102 ? ? -151.69 38.60   
# 
loop_
_pdbx_unobs_or_zero_occ_residues.id 
_pdbx_unobs_or_zero_occ_residues.PDB_model_num 
_pdbx_unobs_or_zero_occ_residues.polymer_flag 
_pdbx_unobs_or_zero_occ_residues.occupancy_flag 
_pdbx_unobs_or_zero_occ_residues.auth_asym_id 
_pdbx_unobs_or_zero_occ_residues.auth_comp_id 
_pdbx_unobs_or_zero_occ_residues.auth_seq_id 
_pdbx_unobs_or_zero_occ_residues.PDB_ins_code 
_pdbx_unobs_or_zero_occ_residues.label_asym_id 
_pdbx_unobs_or_zero_occ_residues.label_comp_id 
_pdbx_unobs_or_zero_occ_residues.label_seq_id 
1  1 Y 1 A SER 124 ? A SER 102 
2  1 Y 1 A ASP 125 ? A ASP 103 
3  1 Y 1 A ALA 126 ? A ALA 104 
4  1 Y 1 A LEU 127 ? A LEU 105 
5  1 Y 1 A LEU 128 ? A LEU 106 
6  1 Y 1 A VAL 129 ? A VAL 107 
7  1 Y 1 A PRO 130 ? A PRO 108 
8  1 Y 1 A ASP 131 ? A ASP 109 
9  1 Y 1 A LYS 132 ? A LYS 110 
10 1 Y 1 A CYS 133 ? A CYS 111 
11 1 Y 1 A LYS 134 ? A LYS 112 
12 1 Y 1 A PHE 135 ? A PHE 113 
13 1 Y 1 A LEU 136 ? A LEU 114 
14 1 Y 1 A HIS 137 ? A HIS 115 
15 1 Y 1 A GLN 138 ? A GLN 116 
16 1 Y 1 A GLU 139 ? A GLU 117 
17 1 Y 1 A ARG 140 ? A ARG 118 
18 1 Y 1 A MET 141 ? A MET 119 
19 1 Y 1 A ASP 142 ? A ASP 120 
20 1 Y 1 A VAL 143 ? A VAL 121 
21 1 Y 1 A CYS 144 ? A CYS 122 
22 1 Y 1 A GLU 145 ? A GLU 123 
23 1 Y 1 A THR 146 ? A THR 124 
24 1 Y 1 A HIS 147 ? A HIS 125 
25 1 Y 1 A LEU 148 ? A LEU 126 
26 1 Y 1 A HIS 149 ? A HIS 127 
27 1 Y 1 A TRP 150 ? A TRP 128 
28 1 Y 1 A HIS 151 ? A HIS 129 
29 1 Y 1 A THR 152 ? A THR 130 
30 1 Y 1 A VAL 153 ? A VAL 131 
31 1 Y 1 A ALA 154 ? A ALA 132 
32 1 Y 1 A LYS 155 ? A LYS 133 
33 1 Y 1 A GLU 156 ? A GLU 134 
34 1 Y 1 A THR 157 ? A THR 135 
35 1 Y 1 A CYS 158 ? A CYS 136 
36 1 Y 1 A SER 159 ? A SER 137 
37 1 Y 1 A GLU 160 ? A GLU 138 
38 1 Y 1 A LYS 161 ? A LYS 139 
39 1 Y 1 A SER 162 ? A SER 140 
40 1 Y 1 A THR 163 ? A THR 141 
41 1 Y 1 A ASN 164 ? A ASN 142 
42 1 Y 1 A LEU 165 ? A LEU 143 
43 1 Y 1 A HIS 166 ? A HIS 144 
44 1 Y 1 A ASP 167 ? A ASP 145 
45 1 Y 1 A TYR 168 ? A TYR 146 
46 1 Y 1 A GLY 169 ? A GLY 147 
47 1 Y 1 A MET 170 ? A MET 148 
48 1 Y 1 A LEU 171 ? A LEU 149 
49 1 Y 1 A LEU 172 ? A LEU 150 
50 1 Y 1 A PRO 173 ? A PRO 151 
51 1 Y 1 A CYS 174 ? A CYS 152 
52 1 Y 1 A GLY 175 ? A GLY 153 
53 1 Y 1 A ILE 176 ? A ILE 154 
54 1 Y 1 A ASP 177 ? A ASP 155 
55 1 Y 1 A LYS 178 ? A LYS 156 
56 1 Y 1 A PHE 179 ? A PHE 157 
57 1 Y 1 A ARG 180 ? A ARG 158 
58 1 Y 1 A GLY 181 ? A GLY 159 
59 1 Y 1 A VAL 182 ? A VAL 160 
60 1 Y 1 A GLU 183 ? A GLU 161 
61 1 Y 1 A PHE 184 ? A PHE 162 
62 1 Y 1 A VAL 185 ? A VAL 163 
# 
loop_
_chem_comp_atom.comp_id 
_chem_comp_atom.atom_id 
_chem_comp_atom.type_symbol 
_chem_comp_atom.pdbx_aromatic_flag 
_chem_comp_atom.pdbx_stereo_config 
_chem_comp_atom.pdbx_ordinal 
ALA N    N  N N 1   
ALA CA   C  N S 2   
ALA C    C  N N 3   
ALA O    O  N N 4   
ALA CB   C  N N 5   
ALA OXT  O  N N 6   
ALA H    H  N N 7   
ALA H2   H  N N 8   
ALA HA   H  N N 9   
ALA HB1  H  N N 10  
ALA HB2  H  N N 11  
ALA HB3  H  N N 12  
ALA HXT  H  N N 13  
ARG N    N  N N 14  
ARG CA   C  N S 15  
ARG C    C  N N 16  
ARG O    O  N N 17  
ARG CB   C  N N 18  
ARG CG   C  N N 19  
ARG CD   C  N N 20  
ARG NE   N  N N 21  
ARG CZ   C  N N 22  
ARG NH1  N  N N 23  
ARG NH2  N  N N 24  
ARG OXT  O  N N 25  
ARG H    H  N N 26  
ARG H2   H  N N 27  
ARG HA   H  N N 28  
ARG HB2  H  N N 29  
ARG HB3  H  N N 30  
ARG HG2  H  N N 31  
ARG HG3  H  N N 32  
ARG HD2  H  N N 33  
ARG HD3  H  N N 34  
ARG HE   H  N N 35  
ARG HH11 H  N N 36  
ARG HH12 H  N N 37  
ARG HH21 H  N N 38  
ARG HH22 H  N N 39  
ARG HXT  H  N N 40  
ASN N    N  N N 41  
ASN CA   C  N S 42  
ASN C    C  N N 43  
ASN O    O  N N 44  
ASN CB   C  N N 45  
ASN CG   C  N N 46  
ASN OD1  O  N N 47  
ASN ND2  N  N N 48  
ASN OXT  O  N N 49  
ASN H    H  N N 50  
ASN H2   H  N N 51  
ASN HA   H  N N 52  
ASN HB2  H  N N 53  
ASN HB3  H  N N 54  
ASN HD21 H  N N 55  
ASN HD22 H  N N 56  
ASN HXT  H  N N 57  
ASP N    N  N N 58  
ASP CA   C  N S 59  
ASP C    C  N N 60  
ASP O    O  N N 61  
ASP CB   C  N N 62  
ASP CG   C  N N 63  
ASP OD1  O  N N 64  
ASP OD2  O  N N 65  
ASP OXT  O  N N 66  
ASP H    H  N N 67  
ASP H2   H  N N 68  
ASP HA   H  N N 69  
ASP HB2  H  N N 70  
ASP HB3  H  N N 71  
ASP HD2  H  N N 72  
ASP HXT  H  N N 73  
CU  CU   CU N N 74  
CYS N    N  N N 75  
CYS CA   C  N R 76  
CYS C    C  N N 77  
CYS O    O  N N 78  
CYS CB   C  N N 79  
CYS SG   S  N N 80  
CYS OXT  O  N N 81  
CYS H    H  N N 82  
CYS H2   H  N N 83  
CYS HA   H  N N 84  
CYS HB2  H  N N 85  
CYS HB3  H  N N 86  
CYS HG   H  N N 87  
CYS HXT  H  N N 88  
GLN N    N  N N 89  
GLN CA   C  N S 90  
GLN C    C  N N 91  
GLN O    O  N N 92  
GLN CB   C  N N 93  
GLN CG   C  N N 94  
GLN CD   C  N N 95  
GLN OE1  O  N N 96  
GLN NE2  N  N N 97  
GLN OXT  O  N N 98  
GLN H    H  N N 99  
GLN H2   H  N N 100 
GLN HA   H  N N 101 
GLN HB2  H  N N 102 
GLN HB3  H  N N 103 
GLN HG2  H  N N 104 
GLN HG3  H  N N 105 
GLN HE21 H  N N 106 
GLN HE22 H  N N 107 
GLN HXT  H  N N 108 
GLU N    N  N N 109 
GLU CA   C  N S 110 
GLU C    C  N N 111 
GLU O    O  N N 112 
GLU CB   C  N N 113 
GLU CG   C  N N 114 
GLU CD   C  N N 115 
GLU OE1  O  N N 116 
GLU OE2  O  N N 117 
GLU OXT  O  N N 118 
GLU H    H  N N 119 
GLU H2   H  N N 120 
GLU HA   H  N N 121 
GLU HB2  H  N N 122 
GLU HB3  H  N N 123 
GLU HG2  H  N N 124 
GLU HG3  H  N N 125 
GLU HE2  H  N N 126 
GLU HXT  H  N N 127 
GLY N    N  N N 128 
GLY CA   C  N N 129 
GLY C    C  N N 130 
GLY O    O  N N 131 
GLY OXT  O  N N 132 
GLY H    H  N N 133 
GLY H2   H  N N 134 
GLY HA2  H  N N 135 
GLY HA3  H  N N 136 
GLY HXT  H  N N 137 
GOL C1   C  N N 138 
GOL O1   O  N N 139 
GOL C2   C  N N 140 
GOL O2   O  N N 141 
GOL C3   C  N N 142 
GOL O3   O  N N 143 
GOL H11  H  N N 144 
GOL H12  H  N N 145 
GOL HO1  H  N N 146 
GOL H2   H  N N 147 
GOL HO2  H  N N 148 
GOL H31  H  N N 149 
GOL H32  H  N N 150 
GOL HO3  H  N N 151 
HIS N    N  N N 152 
HIS CA   C  N S 153 
HIS C    C  N N 154 
HIS O    O  N N 155 
HIS CB   C  N N 156 
HIS CG   C  Y N 157 
HIS ND1  N  Y N 158 
HIS CD2  C  Y N 159 
HIS CE1  C  Y N 160 
HIS NE2  N  Y N 161 
HIS OXT  O  N N 162 
HIS H    H  N N 163 
HIS H2   H  N N 164 
HIS HA   H  N N 165 
HIS HB2  H  N N 166 
HIS HB3  H  N N 167 
HIS HD1  H  N N 168 
HIS HD2  H  N N 169 
HIS HE1  H  N N 170 
HIS HE2  H  N N 171 
HIS HXT  H  N N 172 
HOH O    O  N N 173 
HOH H1   H  N N 174 
HOH H2   H  N N 175 
ILE N    N  N N 176 
ILE CA   C  N S 177 
ILE C    C  N N 178 
ILE O    O  N N 179 
ILE CB   C  N S 180 
ILE CG1  C  N N 181 
ILE CG2  C  N N 182 
ILE CD1  C  N N 183 
ILE OXT  O  N N 184 
ILE H    H  N N 185 
ILE H2   H  N N 186 
ILE HA   H  N N 187 
ILE HB   H  N N 188 
ILE HG12 H  N N 189 
ILE HG13 H  N N 190 
ILE HG21 H  N N 191 
ILE HG22 H  N N 192 
ILE HG23 H  N N 193 
ILE HD11 H  N N 194 
ILE HD12 H  N N 195 
ILE HD13 H  N N 196 
ILE HXT  H  N N 197 
LEU N    N  N N 198 
LEU CA   C  N S 199 
LEU C    C  N N 200 
LEU O    O  N N 201 
LEU CB   C  N N 202 
LEU CG   C  N N 203 
LEU CD1  C  N N 204 
LEU CD2  C  N N 205 
LEU OXT  O  N N 206 
LEU H    H  N N 207 
LEU H2   H  N N 208 
LEU HA   H  N N 209 
LEU HB2  H  N N 210 
LEU HB3  H  N N 211 
LEU HG   H  N N 212 
LEU HD11 H  N N 213 
LEU HD12 H  N N 214 
LEU HD13 H  N N 215 
LEU HD21 H  N N 216 
LEU HD22 H  N N 217 
LEU HD23 H  N N 218 
LEU HXT  H  N N 219 
LYS N    N  N N 220 
LYS CA   C  N S 221 
LYS C    C  N N 222 
LYS O    O  N N 223 
LYS CB   C  N N 224 
LYS CG   C  N N 225 
LYS CD   C  N N 226 
LYS CE   C  N N 227 
LYS NZ   N  N N 228 
LYS OXT  O  N N 229 
LYS H    H  N N 230 
LYS H2   H  N N 231 
LYS HA   H  N N 232 
LYS HB2  H  N N 233 
LYS HB3  H  N N 234 
LYS HG2  H  N N 235 
LYS HG3  H  N N 236 
LYS HD2  H  N N 237 
LYS HD3  H  N N 238 
LYS HE2  H  N N 239 
LYS HE3  H  N N 240 
LYS HZ1  H  N N 241 
LYS HZ2  H  N N 242 
LYS HZ3  H  N N 243 
LYS HXT  H  N N 244 
MET N    N  N N 245 
MET CA   C  N S 246 
MET C    C  N N 247 
MET O    O  N N 248 
MET CB   C  N N 249 
MET CG   C  N N 250 
MET SD   S  N N 251 
MET CE   C  N N 252 
MET OXT  O  N N 253 
MET H    H  N N 254 
MET H2   H  N N 255 
MET HA   H  N N 256 
MET HB2  H  N N 257 
MET HB3  H  N N 258 
MET HG2  H  N N 259 
MET HG3  H  N N 260 
MET HE1  H  N N 261 
MET HE2  H  N N 262 
MET HE3  H  N N 263 
MET HXT  H  N N 264 
PHE N    N  N N 265 
PHE CA   C  N S 266 
PHE C    C  N N 267 
PHE O    O  N N 268 
PHE CB   C  N N 269 
PHE CG   C  Y N 270 
PHE CD1  C  Y N 271 
PHE CD2  C  Y N 272 
PHE CE1  C  Y N 273 
PHE CE2  C  Y N 274 
PHE CZ   C  Y N 275 
PHE OXT  O  N N 276 
PHE H    H  N N 277 
PHE H2   H  N N 278 
PHE HA   H  N N 279 
PHE HB2  H  N N 280 
PHE HB3  H  N N 281 
PHE HD1  H  N N 282 
PHE HD2  H  N N 283 
PHE HE1  H  N N 284 
PHE HE2  H  N N 285 
PHE HZ   H  N N 286 
PHE HXT  H  N N 287 
PRO N    N  N N 288 
PRO CA   C  N S 289 
PRO C    C  N N 290 
PRO O    O  N N 291 
PRO CB   C  N N 292 
PRO CG   C  N N 293 
PRO CD   C  N N 294 
PRO OXT  O  N N 295 
PRO H    H  N N 296 
PRO HA   H  N N 297 
PRO HB2  H  N N 298 
PRO HB3  H  N N 299 
PRO HG2  H  N N 300 
PRO HG3  H  N N 301 
PRO HD2  H  N N 302 
PRO HD3  H  N N 303 
PRO HXT  H  N N 304 
SER N    N  N N 305 
SER CA   C  N S 306 
SER C    C  N N 307 
SER O    O  N N 308 
SER CB   C  N N 309 
SER OG   O  N N 310 
SER OXT  O  N N 311 
SER H    H  N N 312 
SER H2   H  N N 313 
SER HA   H  N N 314 
SER HB2  H  N N 315 
SER HB3  H  N N 316 
SER HG   H  N N 317 
SER HXT  H  N N 318 
THR N    N  N N 319 
THR CA   C  N S 320 
THR C    C  N N 321 
THR O    O  N N 322 
THR CB   C  N R 323 
THR OG1  O  N N 324 
THR CG2  C  N N 325 
THR OXT  O  N N 326 
THR H    H  N N 327 
THR H2   H  N N 328 
THR HA   H  N N 329 
THR HB   H  N N 330 
THR HG1  H  N N 331 
THR HG21 H  N N 332 
THR HG22 H  N N 333 
THR HG23 H  N N 334 
THR HXT  H  N N 335 
TRP N    N  N N 336 
TRP CA   C  N S 337 
TRP C    C  N N 338 
TRP O    O  N N 339 
TRP CB   C  N N 340 
TRP CG   C  Y N 341 
TRP CD1  C  Y N 342 
TRP CD2  C  Y N 343 
TRP NE1  N  Y N 344 
TRP CE2  C  Y N 345 
TRP CE3  C  Y N 346 
TRP CZ2  C  Y N 347 
TRP CZ3  C  Y N 348 
TRP CH2  C  Y N 349 
TRP OXT  O  N N 350 
TRP H    H  N N 351 
TRP H2   H  N N 352 
TRP HA   H  N N 353 
TRP HB2  H  N N 354 
TRP HB3  H  N N 355 
TRP HD1  H  N N 356 
TRP HE1  H  N N 357 
TRP HE3  H  N N 358 
TRP HZ2  H  N N 359 
TRP HZ3  H  N N 360 
TRP HH2  H  N N 361 
TRP HXT  H  N N 362 
TYR N    N  N N 363 
TYR CA   C  N S 364 
TYR C    C  N N 365 
TYR O    O  N N 366 
TYR CB   C  N N 367 
TYR CG   C  Y N 368 
TYR CD1  C  Y N 369 
TYR CD2  C  Y N 370 
TYR CE1  C  Y N 371 
TYR CE2  C  Y N 372 
TYR CZ   C  Y N 373 
TYR OH   O  N N 374 
TYR OXT  O  N N 375 
TYR H    H  N N 376 
TYR H2   H  N N 377 
TYR HA   H  N N 378 
TYR HB2  H  N N 379 
TYR HB3  H  N N 380 
TYR HD1  H  N N 381 
TYR HD2  H  N N 382 
TYR HE1  H  N N 383 
TYR HE2  H  N N 384 
TYR HH   H  N N 385 
TYR HXT  H  N N 386 
VAL N    N  N N 387 
VAL CA   C  N S 388 
VAL C    C  N N 389 
VAL O    O  N N 390 
VAL CB   C  N N 391 
VAL CG1  C  N N 392 
VAL CG2  C  N N 393 
VAL OXT  O  N N 394 
VAL H    H  N N 395 
VAL H2   H  N N 396 
VAL HA   H  N N 397 
VAL HB   H  N N 398 
VAL HG11 H  N N 399 
VAL HG12 H  N N 400 
VAL HG13 H  N N 401 
VAL HG21 H  N N 402 
VAL HG22 H  N N 403 
VAL HG23 H  N N 404 
VAL HXT  H  N N 405 
# 
loop_
_chem_comp_bond.comp_id 
_chem_comp_bond.atom_id_1 
_chem_comp_bond.atom_id_2 
_chem_comp_bond.value_order 
_chem_comp_bond.pdbx_aromatic_flag 
_chem_comp_bond.pdbx_stereo_config 
_chem_comp_bond.pdbx_ordinal 
ALA N   CA   sing N N 1   
ALA N   H    sing N N 2   
ALA N   H2   sing N N 3   
ALA CA  C    sing N N 4   
ALA CA  CB   sing N N 5   
ALA CA  HA   sing N N 6   
ALA C   O    doub N N 7   
ALA C   OXT  sing N N 8   
ALA CB  HB1  sing N N 9   
ALA CB  HB2  sing N N 10  
ALA CB  HB3  sing N N 11  
ALA OXT HXT  sing N N 12  
ARG N   CA   sing N N 13  
ARG N   H    sing N N 14  
ARG N   H2   sing N N 15  
ARG CA  C    sing N N 16  
ARG CA  CB   sing N N 17  
ARG CA  HA   sing N N 18  
ARG C   O    doub N N 19  
ARG C   OXT  sing N N 20  
ARG CB  CG   sing N N 21  
ARG CB  HB2  sing N N 22  
ARG CB  HB3  sing N N 23  
ARG CG  CD   sing N N 24  
ARG CG  HG2  sing N N 25  
ARG CG  HG3  sing N N 26  
ARG CD  NE   sing N N 27  
ARG CD  HD2  sing N N 28  
ARG CD  HD3  sing N N 29  
ARG NE  CZ   sing N N 30  
ARG NE  HE   sing N N 31  
ARG CZ  NH1  sing N N 32  
ARG CZ  NH2  doub N N 33  
ARG NH1 HH11 sing N N 34  
ARG NH1 HH12 sing N N 35  
ARG NH2 HH21 sing N N 36  
ARG NH2 HH22 sing N N 37  
ARG OXT HXT  sing N N 38  
ASN N   CA   sing N N 39  
ASN N   H    sing N N 40  
ASN N   H2   sing N N 41  
ASN CA  C    sing N N 42  
ASN CA  CB   sing N N 43  
ASN CA  HA   sing N N 44  
ASN C   O    doub N N 45  
ASN C   OXT  sing N N 46  
ASN CB  CG   sing N N 47  
ASN CB  HB2  sing N N 48  
ASN CB  HB3  sing N N 49  
ASN CG  OD1  doub N N 50  
ASN CG  ND2  sing N N 51  
ASN ND2 HD21 sing N N 52  
ASN ND2 HD22 sing N N 53  
ASN OXT HXT  sing N N 54  
ASP N   CA   sing N N 55  
ASP N   H    sing N N 56  
ASP N   H2   sing N N 57  
ASP CA  C    sing N N 58  
ASP CA  CB   sing N N 59  
ASP CA  HA   sing N N 60  
ASP C   O    doub N N 61  
ASP C   OXT  sing N N 62  
ASP CB  CG   sing N N 63  
ASP CB  HB2  sing N N 64  
ASP CB  HB3  sing N N 65  
ASP CG  OD1  doub N N 66  
ASP CG  OD2  sing N N 67  
ASP OD2 HD2  sing N N 68  
ASP OXT HXT  sing N N 69  
CYS N   CA   sing N N 70  
CYS N   H    sing N N 71  
CYS N   H2   sing N N 72  
CYS CA  C    sing N N 73  
CYS CA  CB   sing N N 74  
CYS CA  HA   sing N N 75  
CYS C   O    doub N N 76  
CYS C   OXT  sing N N 77  
CYS CB  SG   sing N N 78  
CYS CB  HB2  sing N N 79  
CYS CB  HB3  sing N N 80  
CYS SG  HG   sing N N 81  
CYS OXT HXT  sing N N 82  
GLN N   CA   sing N N 83  
GLN N   H    sing N N 84  
GLN N   H2   sing N N 85  
GLN CA  C    sing N N 86  
GLN CA  CB   sing N N 87  
GLN CA  HA   sing N N 88  
GLN C   O    doub N N 89  
GLN C   OXT  sing N N 90  
GLN CB  CG   sing N N 91  
GLN CB  HB2  sing N N 92  
GLN CB  HB3  sing N N 93  
GLN CG  CD   sing N N 94  
GLN CG  HG2  sing N N 95  
GLN CG  HG3  sing N N 96  
GLN CD  OE1  doub N N 97  
GLN CD  NE2  sing N N 98  
GLN NE2 HE21 sing N N 99  
GLN NE2 HE22 sing N N 100 
GLN OXT HXT  sing N N 101 
GLU N   CA   sing N N 102 
GLU N   H    sing N N 103 
GLU N   H2   sing N N 104 
GLU CA  C    sing N N 105 
GLU CA  CB   sing N N 106 
GLU CA  HA   sing N N 107 
GLU C   O    doub N N 108 
GLU C   OXT  sing N N 109 
GLU CB  CG   sing N N 110 
GLU CB  HB2  sing N N 111 
GLU CB  HB3  sing N N 112 
GLU CG  CD   sing N N 113 
GLU CG  HG2  sing N N 114 
GLU CG  HG3  sing N N 115 
GLU CD  OE1  doub N N 116 
GLU CD  OE2  sing N N 117 
GLU OE2 HE2  sing N N 118 
GLU OXT HXT  sing N N 119 
GLY N   CA   sing N N 120 
GLY N   H    sing N N 121 
GLY N   H2   sing N N 122 
GLY CA  C    sing N N 123 
GLY CA  HA2  sing N N 124 
GLY CA  HA3  sing N N 125 
GLY C   O    doub N N 126 
GLY C   OXT  sing N N 127 
GLY OXT HXT  sing N N 128 
GOL C1  O1   sing N N 129 
GOL C1  C2   sing N N 130 
GOL C1  H11  sing N N 131 
GOL C1  H12  sing N N 132 
GOL O1  HO1  sing N N 133 
GOL C2  O2   sing N N 134 
GOL C2  C3   sing N N 135 
GOL C2  H2   sing N N 136 
GOL O2  HO2  sing N N 137 
GOL C3  O3   sing N N 138 
GOL C3  H31  sing N N 139 
GOL C3  H32  sing N N 140 
GOL O3  HO3  sing N N 141 
HIS N   CA   sing N N 142 
HIS N   H    sing N N 143 
HIS N   H2   sing N N 144 
HIS CA  C    sing N N 145 
HIS CA  CB   sing N N 146 
HIS CA  HA   sing N N 147 
HIS C   O    doub N N 148 
HIS C   OXT  sing N N 149 
HIS CB  CG   sing N N 150 
HIS CB  HB2  sing N N 151 
HIS CB  HB3  sing N N 152 
HIS CG  ND1  sing Y N 153 
HIS CG  CD2  doub Y N 154 
HIS ND1 CE1  doub Y N 155 
HIS ND1 HD1  sing N N 156 
HIS CD2 NE2  sing Y N 157 
HIS CD2 HD2  sing N N 158 
HIS CE1 NE2  sing Y N 159 
HIS CE1 HE1  sing N N 160 
HIS NE2 HE2  sing N N 161 
HIS OXT HXT  sing N N 162 
HOH O   H1   sing N N 163 
HOH O   H2   sing N N 164 
ILE N   CA   sing N N 165 
ILE N   H    sing N N 166 
ILE N   H2   sing N N 167 
ILE CA  C    sing N N 168 
ILE CA  CB   sing N N 169 
ILE CA  HA   sing N N 170 
ILE C   O    doub N N 171 
ILE C   OXT  sing N N 172 
ILE CB  CG1  sing N N 173 
ILE CB  CG2  sing N N 174 
ILE CB  HB   sing N N 175 
ILE CG1 CD1  sing N N 176 
ILE CG1 HG12 sing N N 177 
ILE CG1 HG13 sing N N 178 
ILE CG2 HG21 sing N N 179 
ILE CG2 HG22 sing N N 180 
ILE CG2 HG23 sing N N 181 
ILE CD1 HD11 sing N N 182 
ILE CD1 HD12 sing N N 183 
ILE CD1 HD13 sing N N 184 
ILE OXT HXT  sing N N 185 
LEU N   CA   sing N N 186 
LEU N   H    sing N N 187 
LEU N   H2   sing N N 188 
LEU CA  C    sing N N 189 
LEU CA  CB   sing N N 190 
LEU CA  HA   sing N N 191 
LEU C   O    doub N N 192 
LEU C   OXT  sing N N 193 
LEU CB  CG   sing N N 194 
LEU CB  HB2  sing N N 195 
LEU CB  HB3  sing N N 196 
LEU CG  CD1  sing N N 197 
LEU CG  CD2  sing N N 198 
LEU CG  HG   sing N N 199 
LEU CD1 HD11 sing N N 200 
LEU CD1 HD12 sing N N 201 
LEU CD1 HD13 sing N N 202 
LEU CD2 HD21 sing N N 203 
LEU CD2 HD22 sing N N 204 
LEU CD2 HD23 sing N N 205 
LEU OXT HXT  sing N N 206 
LYS N   CA   sing N N 207 
LYS N   H    sing N N 208 
LYS N   H2   sing N N 209 
LYS CA  C    sing N N 210 
LYS CA  CB   sing N N 211 
LYS CA  HA   sing N N 212 
LYS C   O    doub N N 213 
LYS C   OXT  sing N N 214 
LYS CB  CG   sing N N 215 
LYS CB  HB2  sing N N 216 
LYS CB  HB3  sing N N 217 
LYS CG  CD   sing N N 218 
LYS CG  HG2  sing N N 219 
LYS CG  HG3  sing N N 220 
LYS CD  CE   sing N N 221 
LYS CD  HD2  sing N N 222 
LYS CD  HD3  sing N N 223 
LYS CE  NZ   sing N N 224 
LYS CE  HE2  sing N N 225 
LYS CE  HE3  sing N N 226 
LYS NZ  HZ1  sing N N 227 
LYS NZ  HZ2  sing N N 228 
LYS NZ  HZ3  sing N N 229 
LYS OXT HXT  sing N N 230 
MET N   CA   sing N N 231 
MET N   H    sing N N 232 
MET N   H2   sing N N 233 
MET CA  C    sing N N 234 
MET CA  CB   sing N N 235 
MET CA  HA   sing N N 236 
MET C   O    doub N N 237 
MET C   OXT  sing N N 238 
MET CB  CG   sing N N 239 
MET CB  HB2  sing N N 240 
MET CB  HB3  sing N N 241 
MET CG  SD   sing N N 242 
MET CG  HG2  sing N N 243 
MET CG  HG3  sing N N 244 
MET SD  CE   sing N N 245 
MET CE  HE1  sing N N 246 
MET CE  HE2  sing N N 247 
MET CE  HE3  sing N N 248 
MET OXT HXT  sing N N 249 
PHE N   CA   sing N N 250 
PHE N   H    sing N N 251 
PHE N   H2   sing N N 252 
PHE CA  C    sing N N 253 
PHE CA  CB   sing N N 254 
PHE CA  HA   sing N N 255 
PHE C   O    doub N N 256 
PHE C   OXT  sing N N 257 
PHE CB  CG   sing N N 258 
PHE CB  HB2  sing N N 259 
PHE CB  HB3  sing N N 260 
PHE CG  CD1  doub Y N 261 
PHE CG  CD2  sing Y N 262 
PHE CD1 CE1  sing Y N 263 
PHE CD1 HD1  sing N N 264 
PHE CD2 CE2  doub Y N 265 
PHE CD2 HD2  sing N N 266 
PHE CE1 CZ   doub Y N 267 
PHE CE1 HE1  sing N N 268 
PHE CE2 CZ   sing Y N 269 
PHE CE2 HE2  sing N N 270 
PHE CZ  HZ   sing N N 271 
PHE OXT HXT  sing N N 272 
PRO N   CA   sing N N 273 
PRO N   CD   sing N N 274 
PRO N   H    sing N N 275 
PRO CA  C    sing N N 276 
PRO CA  CB   sing N N 277 
PRO CA  HA   sing N N 278 
PRO C   O    doub N N 279 
PRO C   OXT  sing N N 280 
PRO CB  CG   sing N N 281 
PRO CB  HB2  sing N N 282 
PRO CB  HB3  sing N N 283 
PRO CG  CD   sing N N 284 
PRO CG  HG2  sing N N 285 
PRO CG  HG3  sing N N 286 
PRO CD  HD2  sing N N 287 
PRO CD  HD3  sing N N 288 
PRO OXT HXT  sing N N 289 
SER N   CA   sing N N 290 
SER N   H    sing N N 291 
SER N   H2   sing N N 292 
SER CA  C    sing N N 293 
SER CA  CB   sing N N 294 
SER CA  HA   sing N N 295 
SER C   O    doub N N 296 
SER C   OXT  sing N N 297 
SER CB  OG   sing N N 298 
SER CB  HB2  sing N N 299 
SER CB  HB3  sing N N 300 
SER OG  HG   sing N N 301 
SER OXT HXT  sing N N 302 
THR N   CA   sing N N 303 
THR N   H    sing N N 304 
THR N   H2   sing N N 305 
THR CA  C    sing N N 306 
THR CA  CB   sing N N 307 
THR CA  HA   sing N N 308 
THR C   O    doub N N 309 
THR C   OXT  sing N N 310 
THR CB  OG1  sing N N 311 
THR CB  CG2  sing N N 312 
THR CB  HB   sing N N 313 
THR OG1 HG1  sing N N 314 
THR CG2 HG21 sing N N 315 
THR CG2 HG22 sing N N 316 
THR CG2 HG23 sing N N 317 
THR OXT HXT  sing N N 318 
TRP N   CA   sing N N 319 
TRP N   H    sing N N 320 
TRP N   H2   sing N N 321 
TRP CA  C    sing N N 322 
TRP CA  CB   sing N N 323 
TRP CA  HA   sing N N 324 
TRP C   O    doub N N 325 
TRP C   OXT  sing N N 326 
TRP CB  CG   sing N N 327 
TRP CB  HB2  sing N N 328 
TRP CB  HB3  sing N N 329 
TRP CG  CD1  doub Y N 330 
TRP CG  CD2  sing Y N 331 
TRP CD1 NE1  sing Y N 332 
TRP CD1 HD1  sing N N 333 
TRP CD2 CE2  doub Y N 334 
TRP CD2 CE3  sing Y N 335 
TRP NE1 CE2  sing Y N 336 
TRP NE1 HE1  sing N N 337 
TRP CE2 CZ2  sing Y N 338 
TRP CE3 CZ3  doub Y N 339 
TRP CE3 HE3  sing N N 340 
TRP CZ2 CH2  doub Y N 341 
TRP CZ2 HZ2  sing N N 342 
TRP CZ3 CH2  sing Y N 343 
TRP CZ3 HZ3  sing N N 344 
TRP CH2 HH2  sing N N 345 
TRP OXT HXT  sing N N 346 
TYR N   CA   sing N N 347 
TYR N   H    sing N N 348 
TYR N   H2   sing N N 349 
TYR CA  C    sing N N 350 
TYR CA  CB   sing N N 351 
TYR CA  HA   sing N N 352 
TYR C   O    doub N N 353 
TYR C   OXT  sing N N 354 
TYR CB  CG   sing N N 355 
TYR CB  HB2  sing N N 356 
TYR CB  HB3  sing N N 357 
TYR CG  CD1  doub Y N 358 
TYR CG  CD2  sing Y N 359 
TYR CD1 CE1  sing Y N 360 
TYR CD1 HD1  sing N N 361 
TYR CD2 CE2  doub Y N 362 
TYR CD2 HD2  sing N N 363 
TYR CE1 CZ   doub Y N 364 
TYR CE1 HE1  sing N N 365 
TYR CE2 CZ   sing Y N 366 
TYR CE2 HE2  sing N N 367 
TYR CZ  OH   sing N N 368 
TYR OH  HH   sing N N 369 
TYR OXT HXT  sing N N 370 
VAL N   CA   sing N N 371 
VAL N   H    sing N N 372 
VAL N   H2   sing N N 373 
VAL CA  C    sing N N 374 
VAL CA  CB   sing N N 375 
VAL CA  HA   sing N N 376 
VAL C   O    doub N N 377 
VAL C   OXT  sing N N 378 
VAL CB  CG1  sing N N 379 
VAL CB  CG2  sing N N 380 
VAL CB  HB   sing N N 381 
VAL CG1 HG11 sing N N 382 
VAL CG1 HG12 sing N N 383 
VAL CG1 HG13 sing N N 384 
VAL CG2 HG21 sing N N 385 
VAL CG2 HG22 sing N N 386 
VAL CG2 HG23 sing N N 387 
VAL OXT HXT  sing N N 388 
# 
_pdbx_initial_refinement_model.id               1 
_pdbx_initial_refinement_model.entity_id_list   ? 
_pdbx_initial_refinement_model.type             'experimental model' 
_pdbx_initial_refinement_model.source_name      PDB 
_pdbx_initial_refinement_model.accession_code   1MWP 
_pdbx_initial_refinement_model.details          ? 
# 
_atom_sites.entry_id                    4JFN 
_atom_sites.fract_transf_matrix[1][1]   0.00368499 
_atom_sites.fract_transf_matrix[1][2]   0.02792291 
_atom_sites.fract_transf_matrix[1][3]   0.00832288 
_atom_sites.fract_transf_matrix[2][1]   -0.00687345 
_atom_sites.fract_transf_matrix[2][2]   0.00630756 
_atom_sites.fract_transf_matrix[2][3]   -0.01811833 
_atom_sites.fract_transf_matrix[3][1]   -0.01410237 
_atom_sites.fract_transf_matrix[3][2]   0.00024141 
_atom_sites.fract_transf_matrix[3][3]   0.00543398 
_atom_sites.fract_transf_vector[1]      -0.332554 
_atom_sites.fract_transf_vector[2]      -0.188740 
_atom_sites.fract_transf_vector[3]      0.231930 
# 
loop_
_atom_type.symbol 
C  
CU 
N  
O  
S  
# 
loop_
_atom_site.group_PDB 
_atom_site.id 
_atom_site.type_symbol 
_atom_site.label_atom_id 
_atom_site.label_alt_id 
_atom_site.label_comp_id 
_atom_site.label_asym_id 
_atom_site.label_entity_id 
_atom_site.label_seq_id 
_atom_site.pdbx_PDB_ins_code 
_atom_site.Cartn_x 
_atom_site.Cartn_y 
_atom_site.Cartn_z 
_atom_site.occupancy 
_atom_site.B_iso_or_equiv 
_atom_site.pdbx_formal_charge 
_atom_site.auth_seq_id 
_atom_site.auth_comp_id 
_atom_site.auth_asym_id 
_atom_site.auth_atom_id 
_atom_site.pdbx_PDB_model_num 
ATOM   1   N  N   . ASP A 1 1   ? 4.126   -22.738 -0.088  1.00 69.47 ? 23  ASP A N   1 
ATOM   2   C  CA  . ASP A 1 1   ? 2.740   -22.275 -0.068  1.00 70.37 ? 23  ASP A CA  1 
ATOM   3   C  C   . ASP A 1 1   ? 2.544   -20.947 0.678   1.00 67.76 ? 23  ASP A C   1 
ATOM   4   O  O   . ASP A 1 1   ? 3.423   -20.492 1.411   1.00 68.40 ? 23  ASP A O   1 
ATOM   5   C  CB  . ASP A 1 1   ? 1.815   -23.361 0.498   1.00 72.41 ? 23  ASP A CB  1 
ATOM   6   C  CG  . ASP A 1 1   ? 2.296   -23.911 1.832   1.00 73.83 ? 23  ASP A CG  1 
ATOM   7   O  OD1 . ASP A 1 1   ? 3.087   -23.230 2.519   1.00 75.39 ? 23  ASP A OD1 1 
ATOM   8   O  OD2 . ASP A 1 1   ? 1.877   -25.031 2.196   1.00 73.30 ? 23  ASP A OD2 1 
ATOM   9   N  N   . GLY A 1 2   ? 1.388   -20.323 0.475   1.00 63.28 ? 24  GLY A N   1 
ATOM   10  C  CA  . GLY A 1 2   ? 1.077   -19.070 1.133   1.00 60.41 ? 24  GLY A CA  1 
ATOM   11  C  C   . GLY A 1 2   ? 0.039   -19.251 2.227   1.00 58.73 ? 24  GLY A C   1 
ATOM   12  O  O   . GLY A 1 2   ? -0.445  -20.360 2.466   1.00 58.67 ? 24  GLY A O   1 
ATOM   13  N  N   . ASN A 1 3   ? -0.315  -18.156 2.889   1.00 56.31 ? 25  ASN A N   1 
ATOM   14  C  CA  . ASN A 1 3   ? -1.230  -18.221 4.024   1.00 53.36 ? 25  ASN A CA  1 
ATOM   15  C  C   . ASN A 1 3   ? -2.671  -17.885 3.631   1.00 54.49 ? 25  ASN A C   1 
ATOM   16  O  O   . ASN A 1 3   ? -3.030  -16.713 3.483   1.00 55.42 ? 25  ASN A O   1 
ATOM   17  C  CB  . ASN A 1 3   ? -0.741  -17.288 5.127   1.00 48.98 ? 25  ASN A CB  1 
ATOM   18  C  CG  . ASN A 1 3   ? -1.381  -17.579 6.468   1.00 47.70 ? 25  ASN A CG  1 
ATOM   19  O  OD1 . ASN A 1 3   ? -2.476  -18.149 6.552   1.00 46.90 ? 25  ASN A OD1 1 
ATOM   20  N  ND2 . ASN A 1 3   ? -0.700  -17.180 7.530   1.00 47.87 ? 25  ASN A ND2 1 
ATOM   21  N  N   . ALA A 1 4   ? -3.495  -18.919 3.485   1.00 53.62 ? 26  ALA A N   1 
ATOM   22  C  CA  . ALA A 1 4   ? -4.874  -18.748 3.029   1.00 51.80 ? 26  ALA A CA  1 
ATOM   23  C  C   . ALA A 1 4   ? -5.697  -17.922 4.007   1.00 52.72 ? 26  ALA A C   1 
ATOM   24  O  O   . ALA A 1 4   ? -6.696  -17.304 3.631   1.00 51.75 ? 26  ALA A O   1 
ATOM   25  C  CB  . ALA A 1 4   ? -5.525  -20.091 2.803   1.00 51.49 ? 26  ALA A CB  1 
ATOM   26  N  N   . GLY A 1 5   ? -5.271  -17.915 5.266   1.00 53.15 ? 27  GLY A N   1 
ATOM   27  C  CA  . GLY A 1 5   ? -5.948  -17.144 6.292   1.00 53.84 ? 27  GLY A CA  1 
ATOM   28  C  C   . GLY A 1 5   ? -5.717  -15.653 6.132   1.00 54.97 ? 27  GLY A C   1 
ATOM   29  O  O   . GLY A 1 5   ? -6.271  -14.850 6.878   1.00 56.47 ? 27  GLY A O   1 
ATOM   30  N  N   . LEU A 1 6   ? -4.887  -15.282 5.160   1.00 52.73 ? 28  LEU A N   1 
ATOM   31  C  CA  . LEU A 1 6   ? -4.633  -13.878 4.862   1.00 50.31 ? 28  LEU A CA  1 
ATOM   32  C  C   . LEU A 1 6   ? -5.155  -13.537 3.480   1.00 52.96 ? 28  LEU A C   1 
ATOM   33  O  O   . LEU A 1 6   ? -4.633  -14.008 2.469   1.00 55.01 ? 28  LEU A O   1 
ATOM   34  C  CB  . LEU A 1 6   ? -3.146  -13.552 4.993   1.00 46.56 ? 28  LEU A CB  1 
ATOM   35  C  CG  . LEU A 1 6   ? -2.669  -13.731 6.435   1.00 45.80 ? 28  LEU A CG  1 
ATOM   36  C  CD1 . LEU A 1 6   ? -1.189  -13.452 6.589   1.00 46.69 ? 28  LEU A CD1 1 
ATOM   37  C  CD2 . LEU A 1 6   ? -3.481  -12.847 7.369   1.00 46.71 ? 28  LEU A CD2 1 
ATOM   38  N  N   . LEU A 1 7   ? -6.191  -12.707 3.456   1.00 54.63 ? 29  LEU A N   1 
ATOM   39  C  CA  . LEU A 1 7   ? -6.950  -12.432 2.241   1.00 56.45 ? 29  LEU A CA  1 
ATOM   40  C  C   . LEU A 1 7   ? -6.156  -11.737 1.126   1.00 57.92 ? 29  LEU A C   1 
ATOM   41  O  O   . LEU A 1 7   ? -6.596  -11.716 -0.034  1.00 59.90 ? 29  LEU A O   1 
ATOM   42  C  CB  . LEU A 1 7   ? -8.201  -11.611 2.586   1.00 55.63 ? 29  LEU A CB  1 
ATOM   43  C  CG  . LEU A 1 7   ? -9.161  -12.259 3.583   1.00 56.31 ? 29  LEU A CG  1 
ATOM   44  C  CD1 . LEU A 1 7   ? -10.330 -11.331 3.866   1.00 54.36 ? 29  LEU A CD1 1 
ATOM   45  C  CD2 . LEU A 1 7   ? -9.657  -13.596 3.055   1.00 57.20 ? 29  LEU A CD2 1 
ATOM   46  N  N   . ALA A 1 8   ? -4.992  -11.180 1.457   1.00 53.76 ? 30  ALA A N   1 
ATOM   47  C  CA  . ALA A 1 8   ? -4.271  -10.373 0.485   1.00 47.72 ? 30  ALA A CA  1 
ATOM   48  C  C   . ALA A 1 8   ? -2.761  -10.297 0.684   1.00 44.99 ? 30  ALA A C   1 
ATOM   49  O  O   . ALA A 1 8   ? -2.214  -10.679 1.728   1.00 44.43 ? 30  ALA A O   1 
ATOM   50  C  CB  . ALA A 1 8   ? -4.851  -8.979  0.445   1.00 47.24 ? 30  ALA A CB  1 
ATOM   51  N  N   . GLU A 1 9   ? -2.101  -9.781  -0.346  1.00 39.58 ? 31  GLU A N   1 
ATOM   52  C  CA  A GLU A 1 9   ? -0.658  -9.614  -0.313  0.59 38.38 ? 31  GLU A CA  1 
ATOM   53  C  CA  B GLU A 1 9   ? -0.653  -9.606  -0.340  0.41 37.29 ? 31  GLU A CA  1 
ATOM   54  C  C   . GLU A 1 9   ? -0.293  -8.187  0.092   1.00 34.24 ? 31  GLU A C   1 
ATOM   55  O  O   . GLU A 1 9   ? -1.046  -7.246  -0.156  1.00 31.70 ? 31  GLU A O   1 
ATOM   56  C  CB  A GLU A 1 9   ? -0.056  -9.960  -1.679  0.59 40.37 ? 31  GLU A CB  1 
ATOM   57  C  CB  B GLU A 1 9   ? -0.079  -9.899  -1.735  0.41 37.14 ? 31  GLU A CB  1 
ATOM   58  C  CG  A GLU A 1 9   ? -0.478  -11.323 -2.212  0.59 44.64 ? 31  GLU A CG  1 
ATOM   59  C  CG  B GLU A 1 9   ? -0.620  -8.990  -2.836  0.41 39.03 ? 31  GLU A CG  1 
ATOM   60  C  CD  A GLU A 1 9   ? 0.136   -12.481 -1.444  0.59 49.14 ? 31  GLU A CD  1 
ATOM   61  C  CD  B GLU A 1 9   ? -0.128  -9.360  -4.231  0.41 39.63 ? 31  GLU A CD  1 
ATOM   62  O  OE1 A GLU A 1 9   ? 1.154   -12.275 -0.745  0.59 48.32 ? 31  GLU A OE1 1 
ATOM   63  O  OE1 B GLU A 1 9   ? -0.970  -9.459  -5.145  0.41 39.61 ? 31  GLU A OE1 1 
ATOM   64  O  OE2 A GLU A 1 9   ? -0.403  -13.605 -1.542  0.59 52.42 ? 31  GLU A OE2 1 
ATOM   65  O  OE2 B GLU A 1 9   ? 1.094   -9.539  -4.418  0.41 39.36 ? 31  GLU A OE2 1 
ATOM   66  N  N   . PRO A 1 10  ? 0.871   -8.018  0.736   1.00 31.85 ? 32  PRO A N   1 
ATOM   67  C  CA  . PRO A 1 10  ? 1.273   -6.664  1.125   1.00 31.40 ? 32  PRO A CA  1 
ATOM   68  C  C   . PRO A 1 10  ? 1.558   -5.786  -0.095  1.00 29.82 ? 32  PRO A C   1 
ATOM   69  O  O   . PRO A 1 10  ? 2.213   -6.211  -1.053  1.00 30.26 ? 32  PRO A O   1 
ATOM   70  C  CB  . PRO A 1 10  ? 2.544   -6.898  1.953   1.00 32.18 ? 32  PRO A CB  1 
ATOM   71  C  CG  . PRO A 1 10  ? 3.028   -8.226  1.538   1.00 34.14 ? 32  PRO A CG  1 
ATOM   72  C  CD  . PRO A 1 10  ? 1.841   -9.036  1.172   1.00 32.97 ? 32  PRO A CD  1 
ATOM   73  N  N   . GLN A 1 11  ? 1.032   -4.565  -0.068  1.00 29.57 ? 33  GLN A N   1 
ATOM   74  C  CA  . GLN A 1 11  ? 1.042   -3.675  -1.236  1.00 29.34 ? 33  GLN A CA  1 
ATOM   75  C  C   . GLN A 1 11  ? 0.853   -2.251  -0.772  1.00 29.96 ? 33  GLN A C   1 
ATOM   76  O  O   . GLN A 1 11  ? 0.167   -2.003  0.216   1.00 31.03 ? 33  GLN A O   1 
ATOM   77  C  CB  . GLN A 1 11  ? -0.158  -3.952  -2.133  1.00 34.13 ? 33  GLN A CB  1 
ATOM   78  C  CG  . GLN A 1 11  ? -0.282  -5.330  -2.702  1.00 36.54 ? 33  GLN A CG  1 
ATOM   79  C  CD  . GLN A 1 11  ? -1.665  -5.549  -3.258  1.00 36.26 ? 33  GLN A CD  1 
ATOM   80  O  OE1 . GLN A 1 11  ? -2.424  -6.379  -2.757  1.00 38.45 ? 33  GLN A OE1 1 
ATOM   81  N  NE2 . GLN A 1 11  ? -2.011  -4.789  -4.288  1.00 32.76 ? 33  GLN A NE2 1 
ATOM   82  N  N   . ILE A 1 12  ? 1.399   -1.300  -1.509  1.00 30.63 ? 34  ILE A N   1 
ATOM   83  C  CA  . ILE A 1 12  ? 1.118   0.090   -1.213  1.00 31.72 ? 34  ILE A CA  1 
ATOM   84  C  C   . ILE A 1 12  ? 0.503   0.758   -2.438  1.00 30.50 ? 34  ILE A C   1 
ATOM   85  O  O   . ILE A 1 12  ? 0.787   0.385   -3.584  1.00 31.28 ? 34  ILE A O   1 
ATOM   86  C  CB  . ILE A 1 12  ? 2.353   0.858   -0.662  1.00 34.41 ? 34  ILE A CB  1 
ATOM   87  C  CG1 . ILE A 1 12  ? 3.475   0.910   -1.688  1.00 37.05 ? 34  ILE A CG1 1 
ATOM   88  C  CG2 . ILE A 1 12  ? 2.838   0.222   0.670   1.00 34.62 ? 34  ILE A CG2 1 
ATOM   89  C  CD1 . ILE A 1 12  ? 3.441   2.144   -2.571  1.00 38.75 ? 34  ILE A CD1 1 
ATOM   90  N  N   . ALA A 1 13  ? -0.356  1.736   -2.192  1.00 31.03 ? 35  ALA A N   1 
ATOM   91  C  CA  . ALA A 1 13  ? -0.997  2.473   -3.275  1.00 31.75 ? 35  ALA A CA  1 
ATOM   92  C  C   . ALA A 1 13  ? -0.845  3.966   -3.045  1.00 33.33 ? 35  ALA A C   1 
ATOM   93  O  O   . ALA A 1 13  ? -1.105  4.466   -1.944  1.00 33.20 ? 35  ALA A O   1 
ATOM   94  C  CB  . ALA A 1 13  ? -2.473  2.104   -3.371  1.00 32.44 ? 35  ALA A CB  1 
ATOM   95  N  N   . MET A 1 14  ? -0.453  4.684   -4.091  1.00 33.01 ? 36  MET A N   1 
ATOM   96  C  CA  . MET A 1 14  ? -0.146  6.099   -3.963  1.00 34.13 ? 36  MET A CA  1 
ATOM   97  C  C   . MET A 1 14  ? -0.944  6.961   -4.932  1.00 36.58 ? 36  MET A C   1 
ATOM   98  O  O   . MET A 1 14  ? -1.257  6.558   -6.058  1.00 37.86 ? 36  MET A O   1 
ATOM   99  C  CB  . MET A 1 14  ? 1.353   6.341   -4.170  1.00 34.38 ? 36  MET A CB  1 
ATOM   100 C  CG  . MET A 1 14  ? 2.231   5.501   -3.263  1.00 35.96 ? 36  MET A CG  1 
ATOM   101 S  SD  . MET A 1 14  ? 3.988   5.799   -3.461  1.00 37.65 ? 36  MET A SD  1 
ATOM   102 C  CE  . MET A 1 14  ? 4.289   5.172   -5.109  1.00 38.79 ? 36  MET A CE  1 
ATOM   103 N  N   . PHE A 1 15  ? -1.267  8.161   -4.476  1.00 37.70 ? 37  PHE A N   1 
ATOM   104 C  CA  . PHE A 1 15  ? -1.941  9.142   -5.298  1.00 40.24 ? 37  PHE A CA  1 
ATOM   105 C  C   . PHE A 1 15  ? -1.615  10.489  -4.687  1.00 44.08 ? 37  PHE A C   1 
ATOM   106 O  O   . PHE A 1 15  ? -2.113  10.822  -3.607  1.00 44.62 ? 37  PHE A O   1 
ATOM   107 C  CB  . PHE A 1 15  ? -3.448  8.910   -5.293  1.00 41.78 ? 37  PHE A CB  1 
ATOM   108 C  CG  . PHE A 1 15  ? -4.159  9.523   -6.472  1.00 43.56 ? 37  PHE A CG  1 
ATOM   109 C  CD1 . PHE A 1 15  ? -4.209  10.896  -6.635  1.00 44.88 ? 37  PHE A CD1 1 
ATOM   110 C  CD2 . PHE A 1 15  ? -4.798  8.721   -7.409  1.00 45.60 ? 37  PHE A CD2 1 
ATOM   111 C  CE1 . PHE A 1 15  ? -4.866  11.455  -7.722  1.00 47.31 ? 37  PHE A CE1 1 
ATOM   112 C  CE2 . PHE A 1 15  ? -5.460  9.275   -8.498  1.00 44.44 ? 37  PHE A CE2 1 
ATOM   113 C  CZ  . PHE A 1 15  ? -5.495  10.641  -8.654  1.00 46.75 ? 37  PHE A CZ  1 
ATOM   114 N  N   . CYS A 1 16  ? -0.776  11.252  -5.381  1.00 46.79 ? 38  CYS A N   1 
ATOM   115 C  CA  . CYS A 1 16  ? -0.219  12.492  -4.846  1.00 49.48 ? 38  CYS A CA  1 
ATOM   116 C  C   . CYS A 1 16  ? -1.293  13.445  -4.332  1.00 48.81 ? 38  CYS A C   1 
ATOM   117 O  O   . CYS A 1 16  ? -2.316  13.654  -4.980  1.00 49.66 ? 38  CYS A O   1 
ATOM   118 C  CB  . CYS A 1 16  ? 0.672   13.175  -5.887  1.00 52.65 ? 38  CYS A CB  1 
ATOM   119 S  SG  . CYS A 1 16  ? 2.211   12.268  -6.265  1.00 54.84 ? 38  CYS A SG  1 
ATOM   120 N  N   . GLY A 1 17  ? -1.062  13.998  -3.146  1.00 47.76 ? 39  GLY A N   1 
ATOM   121 C  CA  . GLY A 1 17  ? -2.043  14.850  -2.504  1.00 46.50 ? 39  GLY A CA  1 
ATOM   122 C  C   . GLY A 1 17  ? -2.875  14.106  -1.473  1.00 47.07 ? 39  GLY A C   1 
ATOM   123 O  O   . GLY A 1 17  ? -3.524  14.724  -0.632  1.00 49.51 ? 39  GLY A O   1 
ATOM   124 N  N   . ARG A 1 18  ? -2.857  12.777  -1.541  1.00 45.35 ? 40  ARG A N   1 
ATOM   125 C  CA  . ARG A 1 18  ? -3.618  11.938  -0.615  1.00 45.70 ? 40  ARG A CA  1 
ATOM   126 C  C   . ARG A 1 18  ? -2.663  11.089  0.201   1.00 43.35 ? 40  ARG A C   1 
ATOM   127 O  O   . ARG A 1 18  ? -1.514  10.909  -0.189  1.00 42.64 ? 40  ARG A O   1 
ATOM   128 C  CB  . ARG A 1 18  ? -4.570  11.028  -1.391  1.00 48.23 ? 40  ARG A CB  1 
ATOM   129 C  CG  . ARG A 1 18  ? -5.242  11.733  -2.542  1.00 51.90 ? 40  ARG A CG  1 
ATOM   130 C  CD  . ARG A 1 18  ? -6.137  10.823  -3.355  1.00 56.82 ? 40  ARG A CD  1 
ATOM   131 N  NE  . ARG A 1 18  ? -6.572  11.525  -4.557  1.00 62.54 ? 40  ARG A NE  1 
ATOM   132 C  CZ  . ARG A 1 18  ? -7.618  12.344  -4.612  1.00 65.65 ? 40  ARG A CZ  1 
ATOM   133 N  NH1 . ARG A 1 18  ? -8.364  12.548  -3.535  1.00 66.85 ? 40  ARG A NH1 1 
ATOM   134 N  NH2 . ARG A 1 18  ? -7.919  12.954  -5.749  1.00 66.52 ? 40  ARG A NH2 1 
ATOM   135 N  N   . LEU A 1 19  ? -3.133  10.564  1.331   1.00 41.40 ? 41  LEU A N   1 
ATOM   136 C  CA  . LEU A 1 19  ? -2.298  9.692   2.150   1.00 41.22 ? 41  LEU A CA  1 
ATOM   137 C  C   . LEU A 1 19  ? -2.093  8.362   1.450   1.00 39.76 ? 41  LEU A C   1 
ATOM   138 O  O   . LEU A 1 19  ? -3.004  7.853   0.794   1.00 41.60 ? 41  LEU A O   1 
ATOM   139 C  CB  . LEU A 1 19  ? -2.930  9.464   3.521   1.00 40.83 ? 41  LEU A CB  1 
ATOM   140 C  CG  . LEU A 1 19  ? -2.977  10.704  4.409   1.00 42.44 ? 41  LEU A CG  1 
ATOM   141 C  CD1 . LEU A 1 19  ? -3.678  10.377  5.718   1.00 44.65 ? 41  LEU A CD1 1 
ATOM   142 C  CD2 . LEU A 1 19  ? -1.582  11.246  4.661   1.00 43.47 ? 41  LEU A CD2 1 
ATOM   143 N  N   . ASN A 1 20  ? -0.891  7.808   1.583   1.00 36.86 ? 42  ASN A N   1 
ATOM   144 C  CA  . ASN A 1 20  ? -0.594  6.493   1.033   1.00 36.39 ? 42  ASN A CA  1 
ATOM   145 C  C   . ASN A 1 20  ? -1.516  5.449   1.644   1.00 35.89 ? 42  ASN A C   1 
ATOM   146 O  O   . ASN A 1 20  ? -1.836  5.513   2.833   1.00 36.08 ? 42  ASN A O   1 
ATOM   147 C  CB  . ASN A 1 20  ? 0.861   6.096   1.299   1.00 36.71 ? 42  ASN A CB  1 
ATOM   148 C  CG  . ASN A 1 20  ? 1.861   6.962   0.543   1.00 37.83 ? 42  ASN A CG  1 
ATOM   149 O  OD1 . ASN A 1 20  ? 1.536   7.586   -0.471  1.00 36.15 ? 42  ASN A OD1 1 
ATOM   150 N  ND2 . ASN A 1 20  ? 3.098   6.988   1.036   1.00 39.18 ? 42  ASN A ND2 1 
ATOM   151 N  N   . MET A 1 21  ? -1.949  4.499   0.824   1.00 34.71 ? 43  MET A N   1 
ATOM   152 C  CA  . MET A 1 21  ? -2.729  3.375   1.310   1.00 31.83 ? 43  MET A CA  1 
ATOM   153 C  C   . MET A 1 21  ? -1.854  2.133   1.301   1.00 31.73 ? 43  MET A C   1 
ATOM   154 O  O   . MET A 1 21  ? -0.923  2.019   0.505   1.00 31.75 ? 43  MET A O   1 
ATOM   155 C  CB  . MET A 1 21  ? -3.951  3.149   0.424   1.00 33.11 ? 43  MET A CB  1 
ATOM   156 C  CG  . MET A 1 21  ? -4.886  4.339   0.382   1.00 36.95 ? 43  MET A CG  1 
ATOM   157 S  SD  . MET A 1 21  ? -5.764  4.571   1.950   1.00 44.11 ? 43  MET A SD  1 
ATOM   158 C  CE  . MET A 1 21  ? -7.082  3.397   1.783   1.00 47.67 ? 43  MET A CE  1 
ATOM   159 N  N   . HIS A 1 22  ? -2.175  1.192   2.176   1.00 32.00 ? 44  HIS A N   1 
ATOM   160 C  CA  . HIS A 1 22  ? -1.527  -0.110  2.155   1.00 32.46 ? 44  HIS A CA  1 
ATOM   161 C  C   . HIS A 1 22  ? -2.552  -1.207  2.407   1.00 34.78 ? 44  HIS A C   1 
ATOM   162 O  O   . HIS A 1 22  ? -3.593  -0.975  3.026   1.00 35.71 ? 44  HIS A O   1 
ATOM   163 C  CB  . HIS A 1 22  ? -0.376  -0.179  3.168   1.00 30.68 ? 44  HIS A CB  1 
ATOM   164 C  CG  . HIS A 1 22  ? -0.815  -0.154  4.600   1.00 31.75 ? 44  HIS A CG  1 
ATOM   165 N  ND1 . HIS A 1 22  ? -1.114  1.015   5.269   1.00 34.03 ? 44  HIS A ND1 1 
ATOM   166 C  CD2 . HIS A 1 22  ? -0.994  -1.152  5.495   1.00 34.10 ? 44  HIS A CD2 1 
ATOM   167 C  CE1 . HIS A 1 22  ? -1.468  0.733   6.507   1.00 36.84 ? 44  HIS A CE1 1 
ATOM   168 N  NE2 . HIS A 1 22  ? -1.404  -0.577  6.674   1.00 36.24 ? 44  HIS A NE2 1 
ATOM   169 N  N   . MET A 1 23  ? -2.259  -2.406  1.922   1.00 33.89 ? 45  MET A N   1 
ATOM   170 C  CA  . MET A 1 23  ? -3.213  -3.498  2.059   1.00 33.91 ? 45  MET A CA  1 
ATOM   171 C  C   . MET A 1 23  ? -3.178  -4.113  3.455   1.00 32.82 ? 45  MET A C   1 
ATOM   172 O  O   . MET A 1 23  ? -2.126  -4.510  3.952   1.00 32.63 ? 45  MET A O   1 
ATOM   173 C  CB  . MET A 1 23  ? -2.935  -4.555  0.996   1.00 35.93 ? 45  MET A CB  1 
ATOM   174 C  CG  . MET A 1 23  ? -3.778  -5.786  1.111   1.00 34.80 ? 45  MET A CG  1 
ATOM   175 S  SD  . MET A 1 23  ? -5.550  -5.437  0.992   1.00 36.59 ? 45  MET A SD  1 
ATOM   176 C  CE  . MET A 1 23  ? -5.629  -4.549  -0.555  1.00 37.11 ? 45  MET A CE  1 
ATOM   177 N  N   . ASN A 1 24  ? -4.338  -4.170  4.100   1.00 33.95 ? 46  ASN A N   1 
ATOM   178 C  CA  . ASN A 1 24  ? -4.447  -4.875  5.351   1.00 35.56 ? 46  ASN A CA  1 
ATOM   179 C  C   . ASN A 1 24  ? -4.510  -6.360  5.003   1.00 37.55 ? 46  ASN A C   1 
ATOM   180 O  O   . ASN A 1 24  ? -5.499  -6.829  4.450   1.00 37.14 ? 46  ASN A O   1 
ATOM   181 C  CB  . ASN A 1 24  ? -5.690  -4.404  6.105   1.00 36.68 ? 46  ASN A CB  1 
ATOM   182 C  CG  . ASN A 1 24  ? -5.847  -5.063  7.462   1.00 40.80 ? 46  ASN A CG  1 
ATOM   183 O  OD1 . ASN A 1 24  ? -5.572  -6.251  7.631   1.00 42.88 ? 46  ASN A OD1 1 
ATOM   184 N  ND2 . ASN A 1 24  ? -6.304  -4.289  8.437   1.00 42.73 ? 46  ASN A ND2 1 
ATOM   185 N  N   . VAL A 1 25  ? -3.450  -7.106  5.309   1.00 35.54 ? 47  VAL A N   1 
ATOM   186 C  CA  . VAL A 1 25  ? -3.392  -8.493  4.845   1.00 39.08 ? 47  VAL A CA  1 
ATOM   187 C  C   . VAL A 1 25  ? -4.396  -9.392  5.563   1.00 41.74 ? 47  VAL A C   1 
ATOM   188 O  O   . VAL A 1 25  ? -4.740  -10.470 5.077   1.00 42.97 ? 47  VAL A O   1 
ATOM   189 C  CB  . VAL A 1 25  ? -1.966  -9.104  4.922   1.00 36.73 ? 47  VAL A CB  1 
ATOM   190 C  CG1 . VAL A 1 25  ? -0.962  -8.214  4.211   1.00 35.83 ? 47  VAL A CG1 1 
ATOM   191 C  CG2 . VAL A 1 25  ? -1.549  -9.342  6.361   1.00 36.66 ? 47  VAL A CG2 1 
ATOM   192 N  N   . GLN A 1 26  ? -4.871  -8.938  6.717   1.00 43.38 ? 48  GLN A N   1 
ATOM   193 C  CA  . GLN A 1 26  ? -5.837  -9.707  7.486   1.00 47.31 ? 48  GLN A CA  1 
ATOM   194 C  C   . GLN A 1 26  ? -7.207  -9.680  6.831   1.00 48.50 ? 48  GLN A C   1 
ATOM   195 O  O   . GLN A 1 26  ? -7.862  -10.717 6.704   1.00 51.82 ? 48  GLN A O   1 
ATOM   196 C  CB  . GLN A 1 26  ? -5.929  -9.172  8.916   1.00 49.92 ? 48  GLN A CB  1 
ATOM   197 C  CG  . GLN A 1 26  ? -6.867  -9.963  9.811   1.00 54.80 ? 48  GLN A CG  1 
ATOM   198 C  CD  . GLN A 1 26  ? -6.169  -10.466 11.051  1.00 58.50 ? 48  GLN A CD  1 
ATOM   199 O  OE1 . GLN A 1 26  ? -5.360  -9.753  11.651  1.00 60.35 ? 48  GLN A OE1 1 
ATOM   200 N  NE2 . GLN A 1 26  ? -6.463  -11.706 11.435  1.00 59.51 ? 48  GLN A NE2 1 
ATOM   201 N  N   . ASN A 1 27  ? -7.649  -8.500  6.409   1.00 44.62 ? 49  ASN A N   1 
ATOM   202 C  CA  . ASN A 1 27  ? -9.032  -8.373  5.964   1.00 44.49 ? 49  ASN A CA  1 
ATOM   203 C  C   . ASN A 1 27  ? -9.203  -7.992  4.497   1.00 43.52 ? 49  ASN A C   1 
ATOM   204 O  O   . ASN A 1 27  ? -10.317 -7.966  3.978   1.00 44.64 ? 49  ASN A O   1 
ATOM   205 C  CB  . ASN A 1 27  ? -9.821  -7.432  6.881   1.00 47.15 ? 49  ASN A CB  1 
ATOM   206 C  CG  . ASN A 1 27  ? -9.295  -6.010  6.861   1.00 48.74 ? 49  ASN A CG  1 
ATOM   207 O  OD1 . ASN A 1 27  ? -8.537  -5.620  5.978   1.00 47.35 ? 49  ASN A OD1 1 
ATOM   208 N  ND2 . ASN A 1 27  ? -9.703  -5.223  7.849   1.00 50.59 ? 49  ASN A ND2 1 
ATOM   209 N  N   . GLY A 1 28  ? -8.099  -7.700  3.822   1.00 41.44 ? 50  GLY A N   1 
ATOM   210 C  CA  . GLY A 1 28  ? -8.154  -7.425  2.396   1.00 41.30 ? 50  GLY A CA  1 
ATOM   211 C  C   . GLY A 1 28  ? -8.617  -6.023  2.053   1.00 41.08 ? 50  GLY A C   1 
ATOM   212 O  O   . GLY A 1 28  ? -8.902  -5.728  0.892   1.00 43.01 ? 50  GLY A O   1 
ATOM   213 N  N   . LYS A 1 29  ? -8.668  -5.153  3.055   1.00 37.39 ? 51  LYS A N   1 
ATOM   214 C  CA  . LYS A 1 29  ? -9.059  -3.765  2.851   1.00 38.40 ? 51  LYS A CA  1 
ATOM   215 C  C   . LYS A 1 29  ? -7.850  -2.846  2.823   1.00 37.86 ? 51  LYS A C   1 
ATOM   216 O  O   . LYS A 1 29  ? -6.811  -3.141  3.426   1.00 37.88 ? 51  LYS A O   1 
ATOM   217 C  CB  . LYS A 1 29  ? -10.011 -3.317  3.961   1.00 42.32 ? 51  LYS A CB  1 
ATOM   218 C  CG  . LYS A 1 29  ? -11.212 -4.226  4.129   1.00 47.49 ? 51  LYS A CG  1 
ATOM   219 C  CD  . LYS A 1 29  ? -12.070 -4.267  2.870   1.00 52.10 ? 51  LYS A CD  1 
ATOM   220 C  CE  . LYS A 1 29  ? -13.287 -5.157  3.065   1.00 55.94 ? 51  LYS A CE  1 
ATOM   221 N  NZ  . LYS A 1 29  ? -14.211 -5.125  1.898   1.00 57.79 ? 51  LYS A NZ  1 
ATOM   222 N  N   . TRP A 1 30  ? -7.988  -1.723  2.128   1.00 34.72 ? 52  TRP A N   1 
ATOM   223 C  CA  . TRP A 1 30  ? -6.936  -0.722  2.125   1.00 34.78 ? 52  TRP A CA  1 
ATOM   224 C  C   . TRP A 1 30  ? -7.019  0.146   3.375   1.00 36.10 ? 52  TRP A C   1 
ATOM   225 O  O   . TRP A 1 30  ? -8.079  0.701   3.699   1.00 37.66 ? 52  TRP A O   1 
ATOM   226 C  CB  . TRP A 1 30  ? -7.000  0.142   0.866   1.00 32.17 ? 52  TRP A CB  1 
ATOM   227 C  CG  . TRP A 1 30  ? -6.754  -0.590  -0.412  1.00 31.92 ? 52  TRP A CG  1 
ATOM   228 C  CD1 . TRP A 1 30  ? -7.698  -1.092  -1.256  1.00 33.54 ? 52  TRP A CD1 1 
ATOM   229 C  CD2 . TRP A 1 30  ? -5.483  -0.893  -0.998  1.00 32.73 ? 52  TRP A CD2 1 
ATOM   230 N  NE1 . TRP A 1 30  ? -7.094  -1.695  -2.328  1.00 34.16 ? 52  TRP A NE1 1 
ATOM   231 C  CE2 . TRP A 1 30  ? -5.732  -1.592  -2.193  1.00 33.34 ? 52  TRP A CE2 1 
ATOM   232 C  CE3 . TRP A 1 30  ? -4.158  -0.656  -0.620  1.00 33.13 ? 52  TRP A CE3 1 
ATOM   233 C  CZ2 . TRP A 1 30  ? -4.703  -2.043  -3.031  1.00 33.86 ? 52  TRP A CZ2 1 
ATOM   234 C  CZ3 . TRP A 1 30  ? -3.130  -1.106  -1.450  1.00 34.32 ? 52  TRP A CZ3 1 
ATOM   235 C  CH2 . TRP A 1 30  ? -3.414  -1.791  -2.645  1.00 32.80 ? 52  TRP A CH2 1 
ATOM   236 N  N   . ASP A 1 31  ? -5.905  0.229   4.094   1.00 37.78 ? 53  ASP A N   1 
ATOM   237 C  CA  . ASP A 1 31  ? -5.804  1.060   5.288   1.00 40.84 ? 53  ASP A CA  1 
ATOM   238 C  C   . ASP A 1 31  ? -4.971  2.297   4.979   1.00 40.70 ? 53  ASP A C   1 
ATOM   239 O  O   . ASP A 1 31  ? -4.054  2.256   4.148   1.00 38.79 ? 53  ASP A O   1 
ATOM   240 C  CB  . ASP A 1 31  ? -5.160  0.285   6.445   1.00 44.90 ? 53  ASP A CB  1 
ATOM   241 C  CG  . ASP A 1 31  ? -6.122  -0.685  7.119   1.00 47.40 ? 53  ASP A CG  1 
ATOM   242 O  OD1 . ASP A 1 31  ? -7.324  -0.681  6.770   1.00 48.03 ? 53  ASP A OD1 1 
ATOM   243 O  OD2 . ASP A 1 31  ? -5.678  -1.443  8.015   1.00 47.06 ? 53  ASP A OD2 1 
ATOM   244 N  N   . SER A 1 32  ? -5.279  3.396   5.657   1.00 41.14 ? 54  SER A N   1 
ATOM   245 C  CA  . SER A 1 32  ? -4.557  4.642   5.439   1.00 41.08 ? 54  SER A CA  1 
ATOM   246 C  C   . SER A 1 32  ? -3.190  4.626   6.124   1.00 40.44 ? 54  SER A C   1 
ATOM   247 O  O   . SER A 1 32  ? -2.928  3.791   6.998   1.00 41.38 ? 54  SER A O   1 
ATOM   248 C  CB  . SER A 1 32  ? -5.382  5.830   5.933   1.00 45.03 ? 54  SER A CB  1 
ATOM   249 O  OG  . SER A 1 32  ? -4.811  7.045   5.484   1.00 50.22 ? 54  SER A OG  1 
ATOM   250 N  N   . ASP A 1 33  ? -2.329  5.552   5.711   1.00 39.41 ? 55  ASP A N   1 
ATOM   251 C  CA  . ASP A 1 33  ? -0.986  5.702   6.266   1.00 40.68 ? 55  ASP A CA  1 
ATOM   252 C  C   . ASP A 1 33  ? -0.993  5.714   7.797   1.00 43.82 ? 55  ASP A C   1 
ATOM   253 O  O   . ASP A 1 33  ? -1.639  6.564   8.409   1.00 45.96 ? 55  ASP A O   1 
ATOM   254 C  CB  . ASP A 1 33  ? -0.368  6.994   5.759   1.00 40.34 ? 55  ASP A CB  1 
ATOM   255 C  CG  . ASP A 1 33  ? 1.005   7.223   6.311   1.00 42.94 ? 55  ASP A CG  1 
ATOM   256 O  OD1 . ASP A 1 33  ? 1.811   6.275   6.291   1.00 43.98 ? 55  ASP A OD1 1 
ATOM   257 O  OD2 . ASP A 1 33  ? 1.276   8.344   6.778   1.00 45.45 ? 55  ASP A OD2 1 
ATOM   258 N  N   . PRO A 1 34  ? -0.277  4.761   8.417   1.00 45.23 ? 56  PRO A N   1 
ATOM   259 C  CA  . PRO A 1 34  ? -0.273  4.583   9.874   1.00 45.47 ? 56  PRO A CA  1 
ATOM   260 C  C   . PRO A 1 34  ? 0.048   5.852   10.654  1.00 46.86 ? 56  PRO A C   1 
ATOM   261 O  O   . PRO A 1 34  ? -0.526  6.068   11.716  1.00 49.81 ? 56  PRO A O   1 
ATOM   262 C  CB  . PRO A 1 34  ? 0.832   3.548   10.083  1.00 45.34 ? 56  PRO A CB  1 
ATOM   263 C  CG  . PRO A 1 34  ? 0.756   2.717   8.861   1.00 45.19 ? 56  PRO A CG  1 
ATOM   264 C  CD  . PRO A 1 34  ? 0.467   3.685   7.742   1.00 45.42 ? 56  PRO A CD  1 
ATOM   265 N  N   . SER A 1 35  ? 0.957   6.677   10.148  1.00 46.67 ? 57  SER A N   1 
ATOM   266 C  CA  . SER A 1 35  ? 1.261   7.933   10.827  1.00 46.50 ? 57  SER A CA  1 
ATOM   267 C  C   . SER A 1 35  ? 0.277   9.027   10.436  1.00 46.46 ? 57  SER A C   1 
ATOM   268 O  O   . SER A 1 35  ? 0.239   10.074  11.067  1.00 47.29 ? 57  SER A O   1 
ATOM   269 C  CB  . SER A 1 35  ? 2.686   8.394   10.530  1.00 45.56 ? 57  SER A CB  1 
ATOM   270 O  OG  . SER A 1 35  ? 2.784   8.939   9.225   1.00 46.25 ? 57  SER A OG  1 
ATOM   271 N  N   . GLY A 1 36  ? -0.509  8.779   9.394   1.00 45.83 ? 58  GLY A N   1 
ATOM   272 C  CA  . GLY A 1 36  ? -1.472  9.753   8.906   1.00 44.82 ? 58  GLY A CA  1 
ATOM   273 C  C   . GLY A 1 36  ? -0.852  10.989  8.270   1.00 43.38 ? 58  GLY A C   1 
ATOM   274 O  O   . GLY A 1 36  ? -1.453  12.058  8.277   1.00 42.01 ? 58  GLY A O   1 
ATOM   275 N  N   . THR A 1 37  ? 0.346   10.852  7.711   1.00 43.71 ? 59  THR A N   1 
ATOM   276 C  CA  . THR A 1 37  ? 1.076   12.015  7.200   1.00 43.54 ? 59  THR A CA  1 
ATOM   277 C  C   . THR A 1 37  ? 1.766   11.816  5.841   1.00 46.06 ? 59  THR A C   1 
ATOM   278 O  O   . THR A 1 37  ? 2.067   12.794  5.154   1.00 48.82 ? 59  THR A O   1 
ATOM   279 C  CB  . THR A 1 37  ? 2.154   12.515  8.215   1.00 44.09 ? 59  THR A CB  1 
ATOM   280 O  OG1 . THR A 1 37  ? 3.204   11.546  8.338   1.00 43.94 ? 59  THR A OG1 1 
ATOM   281 C  CG2 . THR A 1 37  ? 1.556   12.781  9.584   1.00 45.92 ? 59  THR A CG2 1 
ATOM   282 N  N   . LYS A 1 38  ? 2.029   10.570  5.452   1.00 45.59 ? 60  LYS A N   1 
ATOM   283 C  CA  . LYS A 1 38  ? 2.875   10.316  4.278   1.00 43.78 ? 60  LYS A CA  1 
ATOM   284 C  C   . LYS A 1 38  ? 2.097   10.258  2.972   1.00 42.02 ? 60  LYS A C   1 
ATOM   285 O  O   . LYS A 1 38  ? 1.111   9.536   2.864   1.00 40.46 ? 60  LYS A O   1 
ATOM   286 C  CB  . LYS A 1 38  ? 3.705   9.043   4.473   1.00 46.08 ? 60  LYS A CB  1 
ATOM   287 C  CG  . LYS A 1 38  ? 4.647   9.146   5.671   1.00 49.40 ? 60  LYS A CG  1 
ATOM   288 C  CD  . LYS A 1 38  ? 5.655   8.025   5.729   1.00 52.52 ? 60  LYS A CD  1 
ATOM   289 C  CE  . LYS A 1 38  ? 6.912   8.479   6.465   1.00 53.15 ? 60  LYS A CE  1 
ATOM   290 N  NZ  . LYS A 1 38  ? 7.994   7.456   6.453   1.00 55.39 ? 60  LYS A NZ  1 
ATOM   291 N  N   . THR A 1 39  ? 2.542   11.022  1.977   1.00 42.09 ? 61  THR A N   1 
ATOM   292 C  CA  . THR A 1 39  ? 1.923   10.953  0.659   1.00 42.11 ? 61  THR A CA  1 
ATOM   293 C  C   . THR A 1 39  ? 2.881   10.319  -0.348  1.00 42.21 ? 61  THR A C   1 
ATOM   294 O  O   . THR A 1 39  ? 3.860   9.687   0.046   1.00 42.51 ? 61  THR A O   1 
ATOM   295 C  CB  . THR A 1 39  ? 1.407   12.330  0.166   1.00 44.48 ? 61  THR A CB  1 
ATOM   296 O  OG1 . THR A 1 39  ? 0.673   12.160  -1.055  1.00 44.98 ? 61  THR A OG1 1 
ATOM   297 C  CG2 . THR A 1 39  ? 2.555   13.290  -0.067  1.00 45.70 ? 61  THR A CG2 1 
ATOM   298 N  N   . CYS A 1 40  ? 2.594   10.482  -1.638  1.00 41.17 ? 62  CYS A N   1 
ATOM   299 C  CA  . CYS A 1 40  ? 3.313   9.765   -2.691  1.00 42.97 ? 62  CYS A CA  1 
ATOM   300 C  C   . CYS A 1 40  ? 4.834   9.922   -2.676  1.00 42.61 ? 62  CYS A C   1 
ATOM   301 O  O   . CYS A 1 40  ? 5.376   10.957  -2.274  1.00 43.84 ? 62  CYS A O   1 
ATOM   302 C  CB  . CYS A 1 40  ? 2.775   10.157  -4.066  1.00 45.73 ? 62  CYS A CB  1 
ATOM   303 S  SG  . CYS A 1 40  ? 3.164   11.850  -4.514  1.00 50.11 ? 62  CYS A SG  1 
ATOM   304 N  N   . ILE A 1 41  ? 5.506   8.875   -3.141  1.00 39.64 ? 63  ILE A N   1 
ATOM   305 C  CA  . ILE A 1 41  ? 6.956   8.787   -3.119  1.00 37.95 ? 63  ILE A CA  1 
ATOM   306 C  C   . ILE A 1 41  ? 7.445   8.570   -4.543  1.00 40.21 ? 63  ILE A C   1 
ATOM   307 O  O   . ILE A 1 41  ? 6.861   7.777   -5.282  1.00 41.16 ? 63  ILE A O   1 
ATOM   308 C  CB  . ILE A 1 41  ? 7.379   7.610   -2.240  1.00 34.56 ? 63  ILE A CB  1 
ATOM   309 C  CG1 . ILE A 1 41  ? 6.797   7.794   -0.839  1.00 33.96 ? 63  ILE A CG1 1 
ATOM   310 C  CG2 . ILE A 1 41  ? 8.902   7.469   -2.207  1.00 36.22 ? 63  ILE A CG2 1 
ATOM   311 C  CD1 . ILE A 1 41  ? 6.764   6.546   -0.036  1.00 34.34 ? 63  ILE A CD1 1 
ATOM   312 N  N   . ASP A 1 42  ? 8.506   9.264   -4.939  1.00 42.34 ? 64  ASP A N   1 
ATOM   313 C  CA  . ASP A 1 42  ? 8.894   9.244   -6.349  1.00 45.04 ? 64  ASP A CA  1 
ATOM   314 C  C   . ASP A 1 42  ? 10.155  8.450   -6.687  1.00 43.42 ? 64  ASP A C   1 
ATOM   315 O  O   . ASP A 1 42  ? 10.627  8.503   -7.828  1.00 44.25 ? 64  ASP A O   1 
ATOM   316 C  CB  . ASP A 1 42  ? 8.989   10.663  -6.913  1.00 49.53 ? 64  ASP A CB  1 
ATOM   317 C  CG  . ASP A 1 42  ? 10.087  11.477  -6.270  1.00 52.87 ? 64  ASP A CG  1 
ATOM   318 O  OD1 . ASP A 1 42  ? 10.626  11.052  -5.228  1.00 53.04 ? 64  ASP A OD1 1 
ATOM   319 O  OD2 . ASP A 1 42  ? 10.410  12.552  -6.813  1.00 56.91 ? 64  ASP A OD2 1 
ATOM   320 N  N   . THR A 1 43  ? 10.703  7.718   -5.718  1.00 39.27 ? 65  THR A N   1 
ATOM   321 C  CA  . THR A 1 43  ? 11.826  6.820   -6.012  1.00 39.08 ? 65  THR A CA  1 
ATOM   322 C  C   . THR A 1 43  ? 11.532  5.400   -5.572  1.00 37.15 ? 65  THR A C   1 
ATOM   323 O  O   . THR A 1 43  ? 10.802  5.191   -4.598  1.00 36.63 ? 65  THR A O   1 
ATOM   324 C  CB  . THR A 1 43  ? 13.151  7.269   -5.364  1.00 39.81 ? 65  THR A CB  1 
ATOM   325 O  OG1 . THR A 1 43  ? 12.995  7.335   -3.940  1.00 41.79 ? 65  THR A OG1 1 
ATOM   326 C  CG2 . THR A 1 43  ? 13.603  8.622   -5.915  1.00 39.47 ? 65  THR A CG2 1 
ATOM   327 N  N   . LYS A 1 44  ? 12.072  4.428   -6.296  1.00 35.44 ? 66  LYS A N   1 
ATOM   328 C  CA  . LYS A 1 44  ? 11.859  3.031   -5.944  1.00 35.81 ? 66  LYS A CA  1 
ATOM   329 C  C   . LYS A 1 44  ? 12.391  2.744   -4.541  1.00 34.03 ? 66  LYS A C   1 
ATOM   330 O  O   . LYS A 1 44  ? 11.761  2.012   -3.762  1.00 34.08 ? 66  LYS A O   1 
ATOM   331 C  CB  . LYS A 1 44  ? 12.512  2.088   -6.962  1.00 38.40 ? 66  LYS A CB  1 
ATOM   332 C  CG  . LYS A 1 44  ? 12.270  0.610   -6.648  1.00 41.80 ? 66  LYS A CG  1 
ATOM   333 C  CD  . LYS A 1 44  ? 12.976  -0.351  -7.610  1.00 45.72 ? 66  LYS A CD  1 
ATOM   334 C  CE  . LYS A 1 44  ? 12.760  -1.796  -7.157  1.00 48.11 ? 66  LYS A CE  1 
ATOM   335 N  NZ  . LYS A 1 44  ? 13.740  -2.752  -7.735  1.00 48.64 ? 66  LYS A NZ  1 
ATOM   336 N  N   . GLU A 1 45  ? 13.537  3.333   -4.206  1.00 34.07 ? 67  GLU A N   1 
ATOM   337 C  CA  . GLU A 1 45  ? 14.117  3.138   -2.879  1.00 35.84 ? 67  GLU A CA  1 
ATOM   338 C  C   . GLU A 1 45  ? 13.199  3.695   -1.796  1.00 37.65 ? 67  GLU A C   1 
ATOM   339 O  O   . GLU A 1 45  ? 13.046  3.095   -0.724  1.00 40.31 ? 67  GLU A O   1 
ATOM   340 C  CB  . GLU A 1 45  ? 15.513  3.760   -2.796  1.00 38.35 ? 67  GLU A CB  1 
ATOM   341 C  CG  . GLU A 1 45  ? 16.555  3.031   -3.636  1.00 42.56 ? 67  GLU A CG  1 
ATOM   342 C  CD  . GLU A 1 45  ? 16.597  3.473   -5.099  1.00 44.73 ? 67  GLU A CD  1 
ATOM   343 O  OE1 . GLU A 1 45  ? 15.819  4.372   -5.496  1.00 44.56 ? 67  GLU A OE1 1 
ATOM   344 O  OE2 . GLU A 1 45  ? 17.435  2.922   -5.851  1.00 46.98 ? 67  GLU A OE2 1 
ATOM   345 N  N   . GLY A 1 46  ? 12.548  4.819   -2.083  1.00 35.29 ? 68  GLY A N   1 
ATOM   346 C  CA  . GLY A 1 46  ? 11.618  5.399   -1.125  1.00 34.95 ? 68  GLY A CA  1 
ATOM   347 C  C   . GLY A 1 46  ? 10.392  4.524   -0.912  1.00 34.10 ? 68  GLY A C   1 
ATOM   348 O  O   . GLY A 1 46  ? 9.852   4.439   0.199   1.00 36.66 ? 68  GLY A O   1 
ATOM   349 N  N   . ILE A 1 47  ? 9.958   3.866   -1.982  1.00 32.85 ? 69  ILE A N   1 
ATOM   350 C  CA  . ILE A 1 47  ? 8.817   2.958   -1.913  1.00 31.11 ? 69  ILE A CA  1 
ATOM   351 C  C   . ILE A 1 47  ? 9.165   1.729   -1.073  1.00 32.92 ? 69  ILE A C   1 
ATOM   352 O  O   . ILE A 1 47  ? 8.379   1.303   -0.218  1.00 33.09 ? 69  ILE A O   1 
ATOM   353 C  CB  . ILE A 1 47  ? 8.341   2.544   -3.313  1.00 30.71 ? 69  ILE A CB  1 
ATOM   354 C  CG1 . ILE A 1 47  ? 7.805   3.769   -4.054  1.00 30.13 ? 69  ILE A CG1 1 
ATOM   355 C  CG2 . ILE A 1 47  ? 7.267   1.472   -3.214  1.00 31.36 ? 69  ILE A CG2 1 
ATOM   356 C  CD1 . ILE A 1 47  ? 7.494   3.528   -5.508  1.00 31.19 ? 69  ILE A CD1 1 
ATOM   357 N  N   . LEU A 1 48  ? 10.353  1.175   -1.295  1.00 32.83 ? 70  LEU A N   1 
ATOM   358 C  CA  . LEU A 1 48  ? 10.818  0.048   -0.499  1.00 32.61 ? 70  LEU A CA  1 
ATOM   359 C  C   . LEU A 1 48  ? 10.850  0.417   0.975   1.00 33.25 ? 70  LEU A C   1 
ATOM   360 O  O   . LEU A 1 48  ? 10.405  -0.363  1.820   1.00 33.74 ? 70  LEU A O   1 
ATOM   361 C  CB  . LEU A 1 48  ? 12.209  -0.399  -0.948  1.00 32.78 ? 70  LEU A CB  1 
ATOM   362 C  CG  . LEU A 1 48  ? 12.864  -1.483  -0.089  1.00 33.47 ? 70  LEU A CG  1 
ATOM   363 C  CD1 . LEU A 1 48  ? 12.115  -2.803  -0.135  1.00 33.23 ? 70  LEU A CD1 1 
ATOM   364 C  CD2 . LEU A 1 48  ? 14.284  -1.691  -0.562  1.00 34.29 ? 70  LEU A CD2 1 
ATOM   365 N  N   . GLN A 1 49  ? 11.371  1.602   1.281   1.00 36.09 ? 71  GLN A N   1 
ATOM   366 C  CA  . GLN A 1 49  ? 11.431  2.073   2.662   1.00 38.24 ? 71  GLN A CA  1 
ATOM   367 C  C   . GLN A 1 49  ? 10.034  2.154   3.245   1.00 37.57 ? 71  GLN A C   1 
ATOM   368 O  O   . GLN A 1 49  ? 9.813   1.830   4.406   1.00 38.34 ? 71  GLN A O   1 
ATOM   369 C  CB  . GLN A 1 49  ? 12.085  3.449   2.753   1.00 43.31 ? 71  GLN A CB  1 
ATOM   370 C  CG  . GLN A 1 49  ? 13.579  3.435   2.506   1.00 52.93 ? 71  GLN A CG  1 
ATOM   371 C  CD  . GLN A 1 49  ? 14.178  4.826   2.488   1.00 61.08 ? 71  GLN A CD  1 
ATOM   372 O  OE1 . GLN A 1 49  ? 13.459  5.829   2.579   1.00 64.09 ? 71  GLN A OE1 1 
ATOM   373 N  NE2 . GLN A 1 49  ? 15.502  4.898   2.369   1.00 65.01 ? 71  GLN A NE2 1 
ATOM   374 N  N   . TYR A 1 50  ? 9.090   2.594   2.431   1.00 35.49 ? 72  TYR A N   1 
ATOM   375 C  CA  . TYR A 1 50  ? 7.718   2.726   2.916   1.00 35.23 ? 72  TYR A CA  1 
ATOM   376 C  C   . TYR A 1 50  ? 7.069   1.367   3.149   1.00 34.90 ? 72  TYR A C   1 
ATOM   377 O  O   . TYR A 1 50  ? 6.307   1.204   4.111   1.00 34.81 ? 72  TYR A O   1 
ATOM   378 C  CB  . TYR A 1 50  ? 6.868   3.579   1.975   1.00 35.28 ? 72  TYR A CB  1 
ATOM   379 C  CG  . TYR A 1 50  ? 5.501   3.901   2.562   1.00 34.40 ? 72  TYR A CG  1 
ATOM   380 C  CD1 . TYR A 1 50  ? 5.378   4.784   3.627   1.00 35.67 ? 72  TYR A CD1 1 
ATOM   381 C  CD2 . TYR A 1 50  ? 4.344   3.323   2.054   1.00 34.58 ? 72  TYR A CD2 1 
ATOM   382 C  CE1 . TYR A 1 50  ? 4.130   5.080   4.184   1.00 34.45 ? 72  TYR A CE1 1 
ATOM   383 C  CE2 . TYR A 1 50  ? 3.085   3.616   2.602   1.00 34.07 ? 72  TYR A CE2 1 
ATOM   384 C  CZ  . TYR A 1 50  ? 2.992   4.497   3.659   1.00 34.09 ? 72  TYR A CZ  1 
ATOM   385 O  OH  . TYR A 1 50  ? 1.766   4.783   4.213   1.00 33.76 ? 72  TYR A OH  1 
ATOM   386 N  N   . CYS A 1 51  ? 7.348   0.402   2.274   1.00 34.38 ? 73  CYS A N   1 
ATOM   387 C  CA  . CYS A 1 51  ? 6.872   -0.967  2.484   1.00 34.28 ? 73  CYS A CA  1 
ATOM   388 C  C   . CYS A 1 51  ? 7.378   -1.496  3.821   1.00 33.94 ? 73  CYS A C   1 
ATOM   389 O  O   . CYS A 1 51  ? 6.651   -2.148  4.573   1.00 34.25 ? 73  CYS A O   1 
ATOM   390 C  CB  . CYS A 1 51  ? 7.364   -1.901  1.383   1.00 35.52 ? 73  CYS A CB  1 
ATOM   391 S  SG  . CYS A 1 51  ? 6.439   -1.888  -0.166  1.00 36.52 ? 73  CYS A SG  1 
ATOM   392 N  N   . GLN A 1 52  ? 8.645   -1.222  4.106   1.00 32.06 ? 74  GLN A N   1 
ATOM   393 C  CA  . GLN A 1 52  ? 9.245   -1.683  5.345   1.00 34.60 ? 74  GLN A CA  1 
ATOM   394 C  C   . GLN A 1 52  ? 8.646   -0.982  6.558   1.00 37.26 ? 74  GLN A C   1 
ATOM   395 O  O   . GLN A 1 52  ? 8.566   -1.562  7.646   1.00 40.22 ? 74  GLN A O   1 
ATOM   396 C  CB  . GLN A 1 52  ? 10.769  -1.514  5.291   1.00 35.30 ? 74  GLN A CB  1 
ATOM   397 C  CG  . GLN A 1 52  ? 11.412  -2.443  4.267   1.00 36.93 ? 74  GLN A CG  1 
ATOM   398 C  CD  . GLN A 1 52  ? 12.848  -2.081  3.926   1.00 37.97 ? 74  GLN A CD  1 
ATOM   399 O  OE1 . GLN A 1 52  ? 13.297  -0.961  4.169   1.00 40.14 ? 74  GLN A OE1 1 
ATOM   400 N  NE2 . GLN A 1 52  ? 13.569  -3.031  3.347   1.00 38.35 ? 74  GLN A NE2 1 
ATOM   401 N  N   . GLU A 1 53  ? 8.219   0.263   6.382   1.00 35.74 ? 75  GLU A N   1 
ATOM   402 C  CA  . GLU A 1 53  ? 7.607   1.000   7.487   1.00 38.76 ? 75  GLU A CA  1 
ATOM   403 C  C   . GLU A 1 53  ? 6.228   0.451   7.859   1.00 38.87 ? 75  GLU A C   1 
ATOM   404 O  O   . GLU A 1 53  ? 5.908   0.276   9.044   1.00 38.17 ? 75  GLU A O   1 
ATOM   405 C  CB  . GLU A 1 53  ? 7.516   2.493   7.157   1.00 43.12 ? 75  GLU A CB  1 
ATOM   406 C  CG  . GLU A 1 53  ? 6.806   3.319   8.227   1.00 51.27 ? 75  GLU A CG  1 
ATOM   407 C  CD  . GLU A 1 53  ? 6.744   4.802   7.893   1.00 58.49 ? 75  GLU A CD  1 
ATOM   408 O  OE1 . GLU A 1 53  ? 7.557   5.257   7.054   1.00 61.40 ? 75  GLU A OE1 1 
ATOM   409 O  OE2 . GLU A 1 53  ? 5.883   5.510   8.468   1.00 60.95 ? 75  GLU A OE2 1 
ATOM   410 N  N   . VAL A 1 54  ? 5.409   0.166   6.853   1.00 38.10 ? 76  VAL A N   1 
ATOM   411 C  CA  . VAL A 1 54  ? 4.036   -0.262  7.121   1.00 36.28 ? 76  VAL A CA  1 
ATOM   412 C  C   . VAL A 1 54  ? 3.908   -1.770  7.314   1.00 35.71 ? 76  VAL A C   1 
ATOM   413 O  O   . VAL A 1 54  ? 2.916   -2.247  7.875   1.00 38.60 ? 76  VAL A O   1 
ATOM   414 C  CB  . VAL A 1 54  ? 3.052   0.237   6.053   1.00 38.75 ? 76  VAL A CB  1 
ATOM   415 C  CG1 . VAL A 1 54  ? 3.155   1.748   5.924   1.00 40.47 ? 76  VAL A CG1 1 
ATOM   416 C  CG2 . VAL A 1 54  ? 3.319   -0.432  4.722   1.00 38.00 ? 76  VAL A CG2 1 
ATOM   417 N  N   . TYR A 1 55  ? 4.922   -2.518  6.886   1.00 34.78 ? 77  TYR A N   1 
ATOM   418 C  CA  . TYR A 1 55  ? 4.988   -3.949  7.174   1.00 32.09 ? 77  TYR A CA  1 
ATOM   419 C  C   . TYR A 1 55  ? 6.300   -4.281  7.879   1.00 33.75 ? 77  TYR A C   1 
ATOM   420 O  O   . TYR A 1 55  ? 7.117   -5.026  7.338   1.00 32.72 ? 77  TYR A O   1 
ATOM   421 C  CB  . TYR A 1 55  ? 4.872   -4.774  5.898   1.00 31.63 ? 77  TYR A CB  1 
ATOM   422 C  CG  . TYR A 1 55  ? 3.619   -4.511  5.097   1.00 30.54 ? 77  TYR A CG  1 
ATOM   423 C  CD1 . TYR A 1 55  ? 2.387   -4.947  5.548   1.00 29.54 ? 77  TYR A CD1 1 
ATOM   424 C  CD2 . TYR A 1 55  ? 3.677   -3.844  3.882   1.00 31.76 ? 77  TYR A CD2 1 
ATOM   425 C  CE1 . TYR A 1 55  ? 1.226   -4.707  4.783   1.00 31.93 ? 77  TYR A CE1 1 
ATOM   426 C  CE2 . TYR A 1 55  ? 2.548   -3.601  3.128   1.00 31.58 ? 77  TYR A CE2 1 
ATOM   427 C  CZ  . TYR A 1 55  ? 1.326   -4.031  3.586   1.00 33.25 ? 77  TYR A CZ  1 
ATOM   428 O  OH  . TYR A 1 55  ? 0.205   -3.782  2.817   1.00 33.80 ? 77  TYR A OH  1 
ATOM   429 N  N   . PRO A 1 56  ? 6.485   -3.748  9.096   1.00 35.88 ? 78  PRO A N   1 
ATOM   430 C  CA  . PRO A 1 56  ? 7.771   -3.805  9.808   1.00 37.89 ? 78  PRO A CA  1 
ATOM   431 C  C   . PRO A 1 56  ? 8.270   -5.208  10.125  1.00 39.22 ? 78  PRO A C   1 
ATOM   432 O  O   . PRO A 1 56  ? 9.475   -5.369  10.324  1.00 42.16 ? 78  PRO A O   1 
ATOM   433 C  CB  . PRO A 1 56  ? 7.480   -3.052  11.110  1.00 37.90 ? 78  PRO A CB  1 
ATOM   434 C  CG  . PRO A 1 56  ? 6.016   -3.177  11.297  1.00 39.06 ? 78  PRO A CG  1 
ATOM   435 C  CD  . PRO A 1 56  ? 5.445   -3.107  9.915   1.00 37.27 ? 78  PRO A CD  1 
ATOM   436 N  N   . GLU A 1 57  ? 7.382   -6.196  10.190  1.00 37.89 ? 79  GLU A N   1 
ATOM   437 C  CA  . GLU A 1 57  ? 7.804   -7.541  10.569  1.00 37.81 ? 79  GLU A CA  1 
ATOM   438 C  C   . GLU A 1 57  ? 7.824   -8.541  9.415   1.00 37.17 ? 79  GLU A C   1 
ATOM   439 O  O   . GLU A 1 57  ? 8.058   -9.730  9.630   1.00 37.23 ? 79  GLU A O   1 
ATOM   440 C  CB  . GLU A 1 57  ? 6.920   -8.078  11.695  1.00 42.20 ? 79  GLU A CB  1 
ATOM   441 C  CG  . GLU A 1 57  ? 6.744   -7.123  12.870  1.00 48.23 ? 79  GLU A CG  1 
ATOM   442 C  CD  . GLU A 1 57  ? 8.057   -6.692  13.510  1.00 53.51 ? 79  GLU A CD  1 
ATOM   443 O  OE1 . GLU A 1 57  ? 9.036   -7.478  13.499  1.00 55.13 ? 79  GLU A OE1 1 
ATOM   444 O  OE2 . GLU A 1 57  ? 8.107   -5.555  14.037  1.00 55.21 ? 79  GLU A OE2 1 
ATOM   445 N  N   . LEU A 1 58  ? 7.581   -8.067  8.191   1.00 36.29 ? 80  LEU A N   1 
ATOM   446 C  CA  . LEU A 1 58  ? 7.475   -8.969  7.041   1.00 35.34 ? 80  LEU A CA  1 
ATOM   447 C  C   . LEU A 1 58  ? 8.775   -9.233  6.289   1.00 36.42 ? 80  LEU A C   1 
ATOM   448 O  O   . LEU A 1 58  ? 8.776   -10.026 5.345   1.00 37.08 ? 80  LEU A O   1 
ATOM   449 C  CB  . LEU A 1 58  ? 6.448   -8.452  6.027   1.00 34.86 ? 80  LEU A CB  1 
ATOM   450 C  CG  . LEU A 1 58  ? 4.998   -8.519  6.486   1.00 34.06 ? 80  LEU A CG  1 
ATOM   451 C  CD1 . LEU A 1 58  ? 4.109   -8.289  5.274   1.00 32.65 ? 80  LEU A CD1 1 
ATOM   452 C  CD2 . LEU A 1 58  ? 4.693   -9.849  7.146   1.00 32.98 ? 80  LEU A CD2 1 
ATOM   453 N  N   . GLN A 1 59  ? 9.854   -8.568  6.686   1.00 36.14 ? 81  GLN A N   1 
ATOM   454 C  CA  . GLN A 1 59  ? 11.138  -8.685  5.983   1.00 38.16 ? 81  GLN A CA  1 
ATOM   455 C  C   . GLN A 1 59  ? 11.047  -8.377  4.479   1.00 38.39 ? 81  GLN A C   1 
ATOM   456 O  O   . GLN A 1 59  ? 11.548  -9.129  3.631   1.00 40.07 ? 81  GLN A O   1 
ATOM   457 C  CB  . GLN A 1 59  ? 11.775  -10.052 6.264   1.00 40.43 ? 81  GLN A CB  1 
ATOM   458 C  CG  . GLN A 1 59  ? 11.967  -10.280 7.770   1.00 42.67 ? 81  GLN A CG  1 
ATOM   459 C  CD  . GLN A 1 59  ? 12.408  -11.682 8.130   1.00 45.78 ? 81  GLN A CD  1 
ATOM   460 O  OE1 . GLN A 1 59  ? 13.029  -12.380 7.325   1.00 44.71 ? 81  GLN A OE1 1 
ATOM   461 N  NE2 . GLN A 1 59  ? 12.091  -12.103 9.360   1.00 48.08 ? 81  GLN A NE2 1 
ATOM   462 N  N   . ILE A 1 60  ? 10.412  -7.252  4.161   1.00 34.54 ? 82  ILE A N   1 
ATOM   463 C  CA  . ILE A 1 60  ? 10.296  -6.791  2.780   1.00 32.74 ? 82  ILE A CA  1 
ATOM   464 C  C   . ILE A 1 60  ? 11.680  -6.419  2.235   1.00 33.80 ? 82  ILE A C   1 
ATOM   465 O  O   . ILE A 1 60  ? 12.411  -5.652  2.869   1.00 35.43 ? 82  ILE A O   1 
ATOM   466 C  CB  . ILE A 1 60  ? 9.403   -5.566  2.689   1.00 31.91 ? 82  ILE A CB  1 
ATOM   467 C  CG1 . ILE A 1 60  ? 7.996   -5.887  3.228   1.00 30.33 ? 82  ILE A CG1 1 
ATOM   468 C  CG2 . ILE A 1 60  ? 9.283   -5.122  1.257   1.00 31.07 ? 82  ILE A CG2 1 
ATOM   469 C  CD1 . ILE A 1 60  ? 7.368   -7.096  2.567   1.00 28.32 ? 82  ILE A CD1 1 
ATOM   470 N  N   . THR A 1 61  ? 12.044  -6.963  1.077   1.00 33.65 ? 83  THR A N   1 
ATOM   471 C  CA  . THR A 1 61  ? 13.372  -6.696  0.519   1.00 35.10 ? 83  THR A CA  1 
ATOM   472 C  C   . THR A 1 61  ? 13.364  -6.071  -0.879  1.00 35.28 ? 83  THR A C   1 
ATOM   473 O  O   . THR A 1 61  ? 14.404  -5.610  -1.361  1.00 36.63 ? 83  THR A O   1 
ATOM   474 C  CB  . THR A 1 61  ? 14.237  -7.967  0.461   1.00 35.46 ? 83  THR A CB  1 
ATOM   475 O  OG1 . THR A 1 61  ? 13.577  -8.947  -0.349  1.00 38.44 ? 83  THR A OG1 1 
ATOM   476 C  CG2 . THR A 1 61  ? 14.476  -8.528  1.856   1.00 34.46 ? 83  THR A CG2 1 
ATOM   477 N  N   . ASN A 1 62  ? 12.210  -6.050  -1.541  1.00 33.66 ? 84  ASN A N   1 
ATOM   478 C  CA  . ASN A 1 62  ? 12.121  -5.452  -2.863  1.00 35.39 ? 84  ASN A CA  1 
ATOM   479 C  C   . ASN A 1 62  ? 10.689  -5.031  -3.117  1.00 36.53 ? 84  ASN A C   1 
ATOM   480 O  O   . ASN A 1 62  ? 9.805   -5.388  -2.345  1.00 35.16 ? 84  ASN A O   1 
ATOM   481 C  CB  . ASN A 1 62  ? 12.553  -6.446  -3.931  1.00 36.35 ? 84  ASN A CB  1 
ATOM   482 C  CG  . ASN A 1 62  ? 12.819  -5.782  -5.271  1.00 42.40 ? 84  ASN A CG  1 
ATOM   483 O  OD1 . ASN A 1 62  ? 12.994  -4.563  -5.353  1.00 43.52 ? 84  ASN A OD1 1 
ATOM   484 N  ND2 . ASN A 1 62  ? 12.846  -6.581  -6.331  1.00 45.80 ? 84  ASN A ND2 1 
ATOM   485 N  N   . VAL A 1 63  ? 10.472  -4.260  -4.174  1.00 35.89 ? 85  VAL A N   1 
ATOM   486 C  CA  . VAL A 1 63  ? 9.126   -3.861  -4.566  1.00 34.88 ? 85  VAL A CA  1 
ATOM   487 C  C   . VAL A 1 63  ? 9.028   -3.947  -6.080  1.00 34.28 ? 85  VAL A C   1 
ATOM   488 O  O   . VAL A 1 63  ? 10.037  -3.858  -6.789  1.00 34.38 ? 85  VAL A O   1 
ATOM   489 C  CB  . VAL A 1 63  ? 8.786   -2.418  -4.120  1.00 35.58 ? 85  VAL A CB  1 
ATOM   490 C  CG1 . VAL A 1 63  ? 8.978   -2.248  -2.632  1.00 34.21 ? 85  VAL A CG1 1 
ATOM   491 C  CG2 . VAL A 1 63  ? 9.632   -1.407  -4.873  1.00 35.53 ? 85  VAL A CG2 1 
ATOM   492 N  N   . VAL A 1 64  ? 7.814   -4.133  -6.577  1.00 33.11 ? 86  VAL A N   1 
ATOM   493 C  CA  . VAL A 1 64  ? 7.581   -4.166  -8.006  1.00 35.41 ? 86  VAL A CA  1 
ATOM   494 C  C   . VAL A 1 64  ? 6.177   -3.668  -8.264  1.00 35.50 ? 86  VAL A C   1 
ATOM   495 O  O   . VAL A 1 64  ? 5.275   -3.867  -7.441  1.00 36.43 ? 86  VAL A O   1 
ATOM   496 C  CB  . VAL A 1 64  ? 7.764   -5.589  -8.594  1.00 36.32 ? 86  VAL A CB  1 
ATOM   497 C  CG1 . VAL A 1 64  ? 6.719   -6.544  -8.041  1.00 37.11 ? 86  VAL A CG1 1 
ATOM   498 C  CG2 . VAL A 1 64  ? 7.715   -5.553  -10.118 1.00 38.11 ? 86  VAL A CG2 1 
ATOM   499 N  N   . GLU A 1 65  ? 5.987   -2.997  -9.393  1.00 37.46 ? 87  GLU A N   1 
ATOM   500 C  CA  . GLU A 1 65  ? 4.656   -2.547  -9.763  1.00 38.88 ? 87  GLU A CA  1 
ATOM   501 C  C   . GLU A 1 65  ? 3.741   -3.746  -10.014 1.00 39.13 ? 87  GLU A C   1 
ATOM   502 O  O   . GLU A 1 65  ? 4.166   -4.763  -10.568 1.00 42.91 ? 87  GLU A O   1 
ATOM   503 C  CB  . GLU A 1 65  ? 4.717   -1.668  -11.009 1.00 40.66 ? 87  GLU A CB  1 
ATOM   504 C  CG  . GLU A 1 65  ? 3.900   -0.406  -10.904 1.00 43.19 ? 87  GLU A CG  1 
ATOM   505 C  CD  . GLU A 1 65  ? 4.199   0.563   -12.020 1.00 45.67 ? 87  GLU A CD  1 
ATOM   506 O  OE1 . GLU A 1 65  ? 5.080   0.257   -12.849 1.00 47.87 ? 87  GLU A OE1 1 
ATOM   507 O  OE2 . GLU A 1 65  ? 3.557   1.632   -12.064 1.00 45.33 ? 87  GLU A OE2 1 
ATOM   508 N  N   . ALA A 1 66  ? 2.492   -3.617  -9.593  1.00 38.23 ? 88  ALA A N   1 
ATOM   509 C  CA  . ALA A 1 66  ? 1.472   -4.633  -9.830  1.00 39.10 ? 88  ALA A CA  1 
ATOM   510 C  C   . ALA A 1 66  ? 1.031   -4.608  -11.289 1.00 42.22 ? 88  ALA A C   1 
ATOM   511 O  O   . ALA A 1 66  ? 1.341   -3.670  -12.027 1.00 41.05 ? 88  ALA A O   1 
ATOM   512 C  CB  . ALA A 1 66  ? 0.267   -4.403  -8.905  1.00 38.56 ? 88  ALA A CB  1 
ATOM   513 N  N   . ASN A 1 67  ? 0.303   -5.642  -11.696 1.00 44.39 ? 89  ASN A N   1 
ATOM   514 C  CA  A ASN A 1 67  ? -0.147  -5.756  -13.078 0.39 45.04 ? 89  ASN A CA  1 
ATOM   515 C  CA  B ASN A 1 67  ? -0.153  -5.773  -13.075 0.61 46.38 ? 89  ASN A CA  1 
ATOM   516 C  C   . ASN A 1 67  ? -1.537  -5.176  -13.294 1.00 44.29 ? 89  ASN A C   1 
ATOM   517 O  O   . ASN A 1 67  ? -1.864  -4.730  -14.389 1.00 48.38 ? 89  ASN A O   1 
ATOM   518 C  CB  A ASN A 1 67  ? -0.117  -7.216  -13.530 0.39 46.32 ? 89  ASN A CB  1 
ATOM   519 C  CB  B ASN A 1 67  ? -0.142  -7.245  -13.503 0.61 50.01 ? 89  ASN A CB  1 
ATOM   520 C  CG  A ASN A 1 67  ? 1.232   -7.863  -13.308 0.39 46.28 ? 89  ASN A CG  1 
ATOM   521 C  CG  B ASN A 1 67  ? -0.666  -8.175  -12.419 0.61 51.77 ? 89  ASN A CG  1 
ATOM   522 O  OD1 A ASN A 1 67  ? 1.358   -8.811  -12.533 0.39 47.41 ? 89  ASN A OD1 1 
ATOM   523 O  OD1 B ASN A 1 67  ? -0.366  -8.002  -11.235 0.61 54.73 ? 89  ASN A OD1 1 
ATOM   524 N  ND2 A ASN A 1 67  ? 2.254   -7.345  -13.980 0.39 46.29 ? 89  ASN A ND2 1 
ATOM   525 N  ND2 B ASN A 1 67  ? -1.445  -9.172  -12.821 0.61 50.29 ? 89  ASN A ND2 1 
ATOM   526 N  N   . GLN A 1 68  ? -2.351  -5.175  -12.247 1.00 39.77 ? 90  GLN A N   1 
ATOM   527 C  CA  . GLN A 1 68  ? -3.723  -4.681  -12.384 1.00 37.37 ? 90  GLN A CA  1 
ATOM   528 C  C   . GLN A 1 68  ? -3.917  -3.336  -11.704 1.00 35.10 ? 90  GLN A C   1 
ATOM   529 O  O   . GLN A 1 68  ? -3.426  -3.116  -10.603 1.00 35.60 ? 90  GLN A O   1 
ATOM   530 C  CB  . GLN A 1 68  ? -4.712  -5.683  -11.781 1.00 41.25 ? 90  GLN A CB  1 
ATOM   531 C  CG  . GLN A 1 68  ? -4.821  -6.993  -12.527 1.00 43.01 ? 90  GLN A CG  1 
ATOM   532 C  CD  . GLN A 1 68  ? -5.707  -6.891  -13.753 1.00 45.94 ? 90  GLN A CD  1 
ATOM   533 O  OE1 . GLN A 1 68  ? -6.374  -5.874  -13.984 1.00 46.66 ? 90  GLN A OE1 1 
ATOM   534 N  NE2 . GLN A 1 68  ? -5.723  -7.949  -14.547 1.00 47.59 ? 90  GLN A NE2 1 
ATOM   535 N  N   . PRO A 1 69  ? -4.664  -2.428  -12.345 1.00 32.69 ? 91  PRO A N   1 
ATOM   536 C  CA  . PRO A 1 69  ? -5.034  -1.185  -11.665 1.00 31.39 ? 91  PRO A CA  1 
ATOM   537 C  C   . PRO A 1 69  ? -6.121  -1.477  -10.625 1.00 33.28 ? 91  PRO A C   1 
ATOM   538 O  O   . PRO A 1 69  ? -6.892  -2.437  -10.769 1.00 34.50 ? 91  PRO A O   1 
ATOM   539 C  CB  . PRO A 1 69  ? -5.592  -0.322  -12.810 1.00 31.55 ? 91  PRO A CB  1 
ATOM   540 C  CG  . PRO A 1 69  ? -6.155  -1.333  -13.765 1.00 31.32 ? 91  PRO A CG  1 
ATOM   541 C  CD  . PRO A 1 69  ? -5.194  -2.490  -13.723 1.00 30.89 ? 91  PRO A CD  1 
ATOM   542 N  N   . VAL A 1 70  ? -6.176  -0.672  -9.573  1.00 32.08 ? 92  VAL A N   1 
ATOM   543 C  CA  A VAL A 1 70  ? -7.165  -0.891  -8.517  0.50 33.07 ? 92  VAL A CA  1 
ATOM   544 C  CA  B VAL A 1 70  ? -7.136  -0.887  -8.488  0.50 32.62 ? 92  VAL A CA  1 
ATOM   545 C  C   . VAL A 1 70  ? -7.892  0.397   -8.157  1.00 34.29 ? 92  VAL A C   1 
ATOM   546 O  O   . VAL A 1 70  ? -7.301  1.476   -8.127  1.00 35.78 ? 92  VAL A O   1 
ATOM   547 C  CB  A VAL A 1 70  ? -6.536  -1.501  -7.237  0.50 33.47 ? 92  VAL A CB  1 
ATOM   548 C  CB  B VAL A 1 70  ? -6.420  -1.391  -7.214  0.50 32.43 ? 92  VAL A CB  1 
ATOM   549 C  CG1 A VAL A 1 70  ? -5.762  -2.764  -7.567  0.50 35.17 ? 92  VAL A CG1 1 
ATOM   550 C  CG1 B VAL A 1 70  ? -7.412  -1.578  -6.073  0.50 30.76 ? 92  VAL A CG1 1 
ATOM   551 C  CG2 A VAL A 1 70  ? -5.650  -0.494  -6.542  0.50 32.33 ? 92  VAL A CG2 1 
ATOM   552 C  CG2 B VAL A 1 70  ? -5.699  -2.691  -7.499  0.50 34.09 ? 92  VAL A CG2 1 
ATOM   553 N  N   . THR A 1 71  ? -9.196  0.279   -7.905  1.00 33.22 ? 93  THR A N   1 
ATOM   554 C  CA  . THR A 1 71  ? -9.992  1.422   -7.484  1.00 34.38 ? 93  THR A CA  1 
ATOM   555 C  C   . THR A 1 71  ? -10.044 1.489   -5.965  1.00 35.31 ? 93  THR A C   1 
ATOM   556 O  O   . THR A 1 71  ? -10.240 0.476   -5.291  1.00 37.90 ? 93  THR A O   1 
ATOM   557 C  CB  . THR A 1 71  ? -11.423 1.356   -8.065  1.00 35.58 ? 93  THR A CB  1 
ATOM   558 O  OG1 . THR A 1 71  ? -11.379 1.684   -9.461  1.00 37.32 ? 93  THR A OG1 1 
ATOM   559 C  CG2 . THR A 1 71  ? -12.369 2.329   -7.343  1.00 35.27 ? 93  THR A CG2 1 
ATOM   560 N  N   . ILE A 1 72  ? -9.819  2.682   -5.429  1.00 33.64 ? 94  ILE A N   1 
ATOM   561 C  CA  . ILE A 1 72  ? -9.965  2.913   -4.000  1.00 34.17 ? 94  ILE A CA  1 
ATOM   562 C  C   . ILE A 1 72  ? -10.987 4.020   -3.776  1.00 37.56 ? 94  ILE A C   1 
ATOM   563 O  O   . ILE A 1 72  ? -10.867 5.102   -4.358  1.00 38.05 ? 94  ILE A O   1 
ATOM   564 C  CB  . ILE A 1 72  ? -8.599  3.243   -3.352  1.00 34.60 ? 94  ILE A CB  1 
ATOM   565 C  CG1 . ILE A 1 72  ? -7.700  2.016   -3.439  1.00 33.19 ? 94  ILE A CG1 1 
ATOM   566 C  CG2 . ILE A 1 72  ? -8.795  3.676   -1.896  1.00 34.03 ? 94  ILE A CG2 1 
ATOM   567 C  CD1 . ILE A 1 72  ? -6.269  2.236   -2.950  1.00 35.85 ? 94  ILE A CD1 1 
ATOM   568 N  N   . GLN A 1 73  ? -12.010 3.727   -2.968  1.00 39.44 ? 95  GLN A N   1 
ATOM   569 C  CA  . GLN A 1 73  ? -13.103 4.663   -2.718  1.00 41.39 ? 95  GLN A CA  1 
ATOM   570 C  C   . GLN A 1 73  ? -12.755 5.594   -1.568  1.00 42.44 ? 95  GLN A C   1 
ATOM   571 O  O   . GLN A 1 73  ? -11.961 5.239   -0.686  1.00 39.37 ? 95  GLN A O   1 
ATOM   572 C  CB  . GLN A 1 73  ? -14.415 3.924   -2.390  1.00 40.24 ? 95  GLN A CB  1 
ATOM   573 C  CG  . GLN A 1 73  ? -14.803 2.824   -3.373  1.00 42.72 ? 95  GLN A CG  1 
ATOM   574 C  CD  . GLN A 1 73  ? -15.785 3.292   -4.439  1.00 43.22 ? 95  GLN A CD  1 
ATOM   575 O  OE1 . GLN A 1 73  ? -16.483 4.286   -4.250  1.00 42.06 ? 95  GLN A OE1 1 
ATOM   576 N  NE2 . GLN A 1 73  ? -15.831 2.579   -5.573  1.00 40.66 ? 95  GLN A NE2 1 
ATOM   577 N  N   . ASN A 1 74  ? -13.356 6.782   -1.596  1.00 44.57 ? 96  ASN A N   1 
ATOM   578 C  CA  . ASN A 1 74  ? -13.229 7.760   -0.525  1.00 47.38 ? 96  ASN A CA  1 
ATOM   579 C  C   . ASN A 1 74  ? -11.797 7.886   0.030   1.00 50.85 ? 96  ASN A C   1 
ATOM   580 O  O   . ASN A 1 74  ? -11.572 7.614   1.207   1.00 51.89 ? 96  ASN A O   1 
ATOM   581 C  CB  . ASN A 1 74  ? -14.211 7.400   0.597   1.00 48.57 ? 96  ASN A CB  1 
ATOM   582 C  CG  . ASN A 1 74  ? -15.643 7.270   0.101   1.00 51.99 ? 96  ASN A CG  1 
ATOM   583 O  OD1 . ASN A 1 74  ? -16.141 8.130   -0.625  1.00 53.93 ? 96  ASN A OD1 1 
ATOM   584 N  ND2 . ASN A 1 74  ? -16.311 6.190   0.494   1.00 52.34 ? 96  ASN A ND2 1 
ATOM   585 N  N   . TRP A 1 75  ? -10.853 8.292   -0.829  1.00 50.53 ? 97  TRP A N   1 
ATOM   586 C  CA  A TRP A 1 75  ? -9.443  8.332   -0.442  0.50 47.73 ? 97  TRP A CA  1 
ATOM   587 C  CA  B TRP A 1 75  ? -9.415  8.411   -0.512  0.50 51.00 ? 97  TRP A CA  1 
ATOM   588 C  C   . TRP A 1 75  ? -9.098  9.489   0.522   1.00 54.65 ? 97  TRP A C   1 
ATOM   589 O  O   . TRP A 1 75  ? -9.509  10.637  0.343   1.00 56.99 ? 97  TRP A O   1 
ATOM   590 C  CB  A TRP A 1 75  ? -8.561  8.344   -1.698  0.50 40.09 ? 97  TRP A CB  1 
ATOM   591 C  CB  B TRP A 1 75  ? -8.644  8.814   -1.768  0.50 48.92 ? 97  TRP A CB  1 
ATOM   592 C  CG  A TRP A 1 75  ? -7.130  7.915   -1.496  0.50 31.96 ? 97  TRP A CG  1 
ATOM   593 C  CG  B TRP A 1 75  ? -8.048  7.717   -2.601  0.50 44.67 ? 97  TRP A CG  1 
ATOM   594 C  CD1 A TRP A 1 75  ? -6.352  8.144   -0.404  0.50 30.70 ? 97  TRP A CD1 1 
ATOM   595 C  CD1 B TRP A 1 75  ? -8.667  7.031   -3.599  0.50 43.64 ? 97  TRP A CD1 1 
ATOM   596 C  CD2 A TRP A 1 75  ? -6.308  7.178   -2.423  0.50 29.69 ? 97  TRP A CD2 1 
ATOM   597 C  CD2 B TRP A 1 75  ? -6.695  7.227   -2.559  0.50 43.08 ? 97  TRP A CD2 1 
ATOM   598 N  NE1 A TRP A 1 75  ? -5.098  7.609   -0.590  0.50 29.70 ? 97  TRP A NE1 1 
ATOM   599 N  NE1 B TRP A 1 75  ? -7.800  6.133   -4.170  0.50 43.89 ? 97  TRP A NE1 1 
ATOM   600 C  CE2 A TRP A 1 75  ? -5.046  7.007   -1.817  0.50 29.76 ? 97  TRP A CE2 1 
ATOM   601 C  CE2 B TRP A 1 75  ? -6.584  6.227   -3.548  0.50 42.69 ? 97  TRP A CE2 1 
ATOM   602 C  CE3 A TRP A 1 75  ? -6.517  6.652   -3.703  0.50 28.67 ? 97  TRP A CE3 1 
ATOM   603 C  CE3 B TRP A 1 75  ? -5.571  7.530   -1.779  0.50 42.58 ? 97  TRP A CE3 1 
ATOM   604 C  CZ2 A TRP A 1 75  ? -3.990  6.330   -2.451  0.50 29.59 ? 97  TRP A CZ2 1 
ATOM   605 C  CZ2 B TRP A 1 75  ? -5.405  5.525   -3.778  0.50 42.75 ? 97  TRP A CZ2 1 
ATOM   606 C  CZ3 A TRP A 1 75  ? -5.472  5.978   -4.333  0.50 28.07 ? 97  TRP A CZ3 1 
ATOM   607 C  CZ3 B TRP A 1 75  ? -4.394  6.826   -2.008  0.50 43.29 ? 97  TRP A CZ3 1 
ATOM   608 C  CH2 A TRP A 1 75  ? -4.223  5.824   -3.702  0.50 27.87 ? 97  TRP A CH2 1 
ATOM   609 C  CH2 B TRP A 1 75  ? -4.320  5.837   -3.002  0.50 42.88 ? 97  TRP A CH2 1 
ATOM   610 N  N   . CYS A 1 76  ? -8.340  9.153   1.567   1.00 61.88 ? 98  CYS A N   1 
ATOM   611 C  CA  . CYS A 1 76  ? -7.885  10.132  2.570   1.00 69.05 ? 98  CYS A CA  1 
ATOM   612 C  C   . CYS A 1 76  ? -6.906  11.185  2.024   1.00 72.71 ? 98  CYS A C   1 
ATOM   613 O  O   . CYS A 1 76  ? -5.769  10.861  1.697   1.00 72.12 ? 98  CYS A O   1 
ATOM   614 C  CB  . CYS A 1 76  ? -7.263  9.415   3.783   1.00 73.28 ? 98  CYS A CB  1 
ATOM   615 S  SG  . CYS A 1 76  ? -8.394  8.371   4.767   1.00 76.93 ? 98  CYS A SG  1 
ATOM   616 N  N   . LYS A 1 77  ? -7.341  12.444  1.956   1.00 75.74 ? 99  LYS A N   1 
ATOM   617 C  CA  . LYS A 1 77  ? -6.497  13.504  1.395   1.00 77.76 ? 99  LYS A CA  1 
ATOM   618 C  C   . LYS A 1 77  ? -5.608  14.251  2.399   1.00 80.70 ? 99  LYS A C   1 
ATOM   619 O  O   . LYS A 1 77  ? -4.650  14.915  1.997   1.00 81.62 ? 99  LYS A O   1 
ATOM   620 C  CB  . LYS A 1 77  ? -7.316  14.502  0.572   1.00 76.47 ? 99  LYS A CB  1 
ATOM   621 C  CG  . LYS A 1 77  ? -7.435  14.134  -0.900  1.00 75.01 ? 99  LYS A CG  1 
ATOM   622 C  CD  . LYS A 1 77  ? -7.700  15.350  -1.790  1.00 73.72 ? 99  LYS A CD  1 
ATOM   623 C  CE  . LYS A 1 77  ? -6.435  16.161  -2.064  1.00 71.85 ? 99  LYS A CE  1 
ATOM   624 N  NZ  . LYS A 1 77  ? -6.048  17.036  -0.921  1.00 71.05 ? 99  LYS A NZ  1 
ATOM   625 N  N   . ARG A 1 78  ? -5.930  14.153  3.688   1.00 81.78 ? 100 ARG A N   1 
ATOM   626 C  CA  . ARG A 1 78  ? -5.058  14.686  4.741   1.00 82.04 ? 100 ARG A CA  1 
ATOM   627 C  C   . ARG A 1 78  ? -5.378  14.106  6.116   1.00 83.18 ? 100 ARG A C   1 
ATOM   628 O  O   . ARG A 1 78  ? -6.251  13.243  6.239   1.00 83.64 ? 100 ARG A O   1 
ATOM   629 C  CB  . ARG A 1 78  ? -5.101  16.215  4.794   1.00 81.69 ? 100 ARG A CB  1 
ATOM   630 C  CG  . ARG A 1 78  ? -3.817  16.871  4.312   1.00 82.80 ? 100 ARG A CG  1 
ATOM   631 C  CD  . ARG A 1 78  ? -2.580  16.160  4.875   1.00 84.03 ? 100 ARG A CD  1 
ATOM   632 N  NE  . ARG A 1 78  ? -2.211  16.633  6.209   1.00 84.73 ? 100 ARG A NE  1 
ATOM   633 C  CZ  . ARG A 1 78  ? -1.652  15.873  7.146   1.00 84.32 ? 100 ARG A CZ  1 
ATOM   634 N  NH1 . ARG A 1 78  ? -1.402  14.592  6.902   1.00 85.09 ? 100 ARG A NH1 1 
ATOM   635 N  NH2 . ARG A 1 78  ? -1.347  16.391  8.332   1.00 83.39 ? 100 ARG A NH2 1 
ATOM   636 N  N   . GLY A 1 79  ? -4.664  14.596  7.135   1.00 83.33 ? 101 GLY A N   1 
ATOM   637 C  CA  . GLY A 1 79  ? -4.795  14.136  8.514   1.00 83.93 ? 101 GLY A CA  1 
ATOM   638 C  C   . GLY A 1 79  ? -4.930  12.630  8.631   1.00 85.10 ? 101 GLY A C   1 
ATOM   639 O  O   . GLY A 1 79  ? -3.979  11.887  8.442   1.00 87.52 ? 101 GLY A O   1 
ATOM   640 N  N   . ARG A 1 80  ? -6.129  12.187  8.976   1.00 83.41 ? 102 ARG A N   1 
ATOM   641 C  CA  . ARG A 1 80  ? -6.581  10.836  8.683   1.00 81.23 ? 102 ARG A CA  1 
ATOM   642 C  C   . ARG A 1 80  ? -8.079  11.044  8.582   1.00 81.09 ? 102 ARG A C   1 
ATOM   643 O  O   . ARG A 1 80  ? -8.895  10.237  9.029   1.00 80.72 ? 102 ARG A O   1 
ATOM   644 C  CB  . ARG A 1 80  ? -6.175  9.838   9.770   1.00 79.51 ? 102 ARG A CB  1 
ATOM   645 C  CG  . ARG A 1 80  ? -5.327  8.685   9.226   1.00 78.55 ? 102 ARG A CG  1 
ATOM   646 C  CD  . ARG A 1 80  ? -4.836  7.755   10.323  1.00 78.38 ? 102 ARG A CD  1 
ATOM   647 N  NE  . ARG A 1 80  ? -4.862  6.358   9.893   1.00 79.49 ? 102 ARG A NE  1 
ATOM   648 C  CZ  . ARG A 1 80  ? -4.532  5.328   10.668  1.00 80.94 ? 102 ARG A CZ  1 
ATOM   649 N  NH1 . ARG A 1 80  ? -4.141  5.536   11.919  1.00 81.49 ? 102 ARG A NH1 1 
ATOM   650 N  NH2 . ARG A 1 80  ? -4.591  4.089   10.191  1.00 80.18 ? 102 ARG A NH2 1 
ATOM   651 N  N   . LYS A 1 81  ? -8.397  12.189  7.981   1.00 81.20 ? 103 LYS A N   1 
ATOM   652 C  CA  . LYS A 1 81  ? -9.732  12.756  7.920   1.00 81.54 ? 103 LYS A CA  1 
ATOM   653 C  C   . LYS A 1 81  ? -9.958  13.246  6.492   1.00 82.94 ? 103 LYS A C   1 
ATOM   654 O  O   . LYS A 1 81  ? -9.102  13.052  5.626   1.00 82.60 ? 103 LYS A O   1 
ATOM   655 C  CB  . LYS A 1 81  ? -9.818  13.952  8.875   1.00 81.08 ? 103 LYS A CB  1 
ATOM   656 C  CG  . LYS A 1 81  ? -9.097  13.761  10.216  1.00 80.03 ? 103 LYS A CG  1 
ATOM   657 C  CD  . LYS A 1 81  ? -10.053 13.274  11.304  1.00 79.29 ? 103 LYS A CD  1 
ATOM   658 C  CE  . LYS A 1 81  ? -9.317  12.807  12.556  1.00 78.03 ? 103 LYS A CE  1 
ATOM   659 N  NZ  . LYS A 1 81  ? -9.132  11.327  12.574  1.00 77.35 ? 103 LYS A NZ  1 
ATOM   660 N  N   . GLN A 1 82  ? -11.106 13.881  6.255   1.00 84.48 ? 104 GLN A N   1 
ATOM   661 C  CA  . GLN A 1 82  ? -11.402 14.529  4.969   1.00 85.00 ? 104 GLN A CA  1 
ATOM   662 C  C   . GLN A 1 82  ? -11.269 13.593  3.762   1.00 85.10 ? 104 GLN A C   1 
ATOM   663 O  O   . GLN A 1 82  ? -10.518 13.874  2.825   1.00 86.57 ? 104 GLN A O   1 
ATOM   664 C  CB  . GLN A 1 82  ? -10.509 15.760  4.788   1.00 85.09 ? 104 GLN A CB  1 
ATOM   665 C  CG  . GLN A 1 82  ? -10.790 16.863  5.793   1.00 86.11 ? 104 GLN A CG  1 
ATOM   666 C  CD  . GLN A 1 82  ? -12.146 17.502  5.572   1.00 87.39 ? 104 GLN A CD  1 
ATOM   667 O  OE1 . GLN A 1 82  ? -12.542 17.755  4.434   1.00 88.00 ? 104 GLN A OE1 1 
ATOM   668 N  NE2 . GLN A 1 82  ? -12.870 17.757  6.659   1.00 87.61 ? 104 GLN A NE2 1 
ATOM   669 N  N   . CYS A 1 83  ? -12.022 12.498  3.781   1.00 83.10 ? 105 CYS A N   1 
ATOM   670 C  CA  . CYS A 1 83  ? -11.786 11.397  2.856   1.00 81.67 ? 105 CYS A CA  1 
ATOM   671 C  C   . CYS A 1 83  ? -13.047 10.781  2.283   1.00 80.59 ? 105 CYS A C   1 
ATOM   672 O  O   . CYS A 1 83  ? -13.266 9.581   2.443   1.00 80.87 ? 105 CYS A O   1 
ATOM   673 C  CB  . CYS A 1 83  ? -11.024 10.298  3.581   1.00 81.85 ? 105 CYS A CB  1 
ATOM   674 S  SG  . CYS A 1 83  ? -11.264 10.277  5.365   1.00 83.28 ? 105 CYS A SG  1 
ATOM   675 N  N   . LYS A 1 84  ? -13.874 11.585  1.622   1.00 79.04 ? 106 LYS A N   1 
ATOM   676 C  CA  . LYS A 1 84  ? -15.137 11.087  1.079   1.00 75.53 ? 106 LYS A CA  1 
ATOM   677 C  C   . LYS A 1 84  ? -15.412 11.715  -0.286  1.00 71.39 ? 106 LYS A C   1 
ATOM   678 O  O   . LYS A 1 84  ? -15.880 12.849  -0.385  1.00 72.42 ? 106 LYS A O   1 
ATOM   679 C  CB  . LYS A 1 84  ? -16.274 11.338  2.072   1.00 76.15 ? 106 LYS A CB  1 
ATOM   680 C  CG  . LYS A 1 84  ? -16.035 10.667  3.424   1.00 77.13 ? 106 LYS A CG  1 
ATOM   681 C  CD  . LYS A 1 84  ? -16.817 11.310  4.553   1.00 77.49 ? 106 LYS A CD  1 
ATOM   682 C  CE  . LYS A 1 84  ? -16.129 11.088  5.898   1.00 76.31 ? 106 LYS A CE  1 
ATOM   683 N  NZ  . LYS A 1 84  ? -15.955 9.646   6.230   1.00 75.58 ? 106 LYS A NZ  1 
ATOM   684 N  N   . THR A 1 85  ? -15.108 10.963  -1.338  1.00 66.58 ? 107 THR A N   1 
ATOM   685 C  CA  . THR A 1 85  ? -15.050 11.519  -2.683  1.00 61.23 ? 107 THR A CA  1 
ATOM   686 C  C   . THR A 1 85  ? -15.333 10.459  -3.743  1.00 56.79 ? 107 THR A C   1 
ATOM   687 O  O   . THR A 1 85  ? -15.786 9.355   -3.435  1.00 57.05 ? 107 THR A O   1 
ATOM   688 C  CB  . THR A 1 85  ? -13.659 12.138  -2.941  1.00 61.33 ? 107 THR A CB  1 
ATOM   689 O  OG1 . THR A 1 85  ? -13.540 12.525  -4.316  1.00 61.55 ? 107 THR A OG1 1 
ATOM   690 C  CG2 . THR A 1 85  ? -12.561 11.132  -2.598  1.00 60.47 ? 107 THR A CG2 1 
ATOM   691 N  N   . HIS A 1 86  ? -15.059 10.803  -4.997  1.00 52.17 ? 108 HIS A N   1 
ATOM   692 C  CA  . HIS A 1 86  ? -15.271 9.895   -6.116  1.00 48.36 ? 108 HIS A CA  1 
ATOM   693 C  C   . HIS A 1 86  ? -14.139 8.878   -6.181  1.00 44.63 ? 108 HIS A C   1 
ATOM   694 O  O   . HIS A 1 86  ? -13.107 9.061   -5.543  1.00 45.72 ? 108 HIS A O   1 
ATOM   695 C  CB  . HIS A 1 86  ? -15.339 10.694  -7.410  1.00 48.73 ? 108 HIS A CB  1 
ATOM   696 C  CG  . HIS A 1 86  ? -14.202 11.644  -7.571  1.00 49.56 ? 108 HIS A CG  1 
ATOM   697 N  ND1 . HIS A 1 86  ? -14.279 12.965  -7.188  1.00 52.06 ? 108 HIS A ND1 1 
ATOM   698 C  CD2 . HIS A 1 86  ? -12.946 11.456  -8.038  1.00 49.77 ? 108 HIS A CD2 1 
ATOM   699 C  CE1 . HIS A 1 86  ? -13.123 13.557  -7.433  1.00 53.84 ? 108 HIS A CE1 1 
ATOM   700 N  NE2 . HIS A 1 86  ? -12.297 12.662  -7.946  1.00 52.11 ? 108 HIS A NE2 1 
ATOM   701 N  N   . PRO A 1 87  ? -14.330 7.789   -6.940  1.00 42.30 ? 109 PRO A N   1 
ATOM   702 C  CA  . PRO A 1 87  ? -13.275 6.770   -6.924  1.00 41.51 ? 109 PRO A CA  1 
ATOM   703 C  C   . PRO A 1 87  ? -12.026 7.230   -7.668  1.00 39.15 ? 109 PRO A C   1 
ATOM   704 O  O   . PRO A 1 87  ? -12.108 8.075   -8.560  1.00 40.99 ? 109 PRO A O   1 
ATOM   705 C  CB  . PRO A 1 87  ? -13.912 5.584   -7.660  1.00 42.56 ? 109 PRO A CB  1 
ATOM   706 C  CG  . PRO A 1 87  ? -15.385 5.883   -7.724  1.00 44.91 ? 109 PRO A CG  1 
ATOM   707 C  CD  . PRO A 1 87  ? -15.513 7.357   -7.705  1.00 43.23 ? 109 PRO A CD  1 
ATOM   708 N  N   . HIS A 1 88  ? -10.879 6.685   -7.282  1.00 36.70 ? 110 HIS A N   1 
ATOM   709 C  CA  . HIS A 1 88  ? -9.641  6.899   -8.022  1.00 39.41 ? 110 HIS A CA  1 
ATOM   710 C  C   . HIS A 1 88  ? -8.996  5.548   -8.221  1.00 39.68 ? 110 HIS A C   1 
ATOM   711 O  O   . HIS A 1 88  ? -9.060  4.692   -7.337  1.00 40.98 ? 110 HIS A O   1 
ATOM   712 C  CB  . HIS A 1 88  ? -8.681  7.789   -7.236  1.00 43.27 ? 110 HIS A CB  1 
ATOM   713 C  CG  . HIS A 1 88  ? -9.231  9.138   -6.924  1.00 46.42 ? 110 HIS A CG  1 
ATOM   714 N  ND1 . HIS A 1 88  ? -9.989  9.392   -5.795  1.00 50.75 ? 110 HIS A ND1 1 
ATOM   715 C  CD2 . HIS A 1 88  ? -9.143  10.316  -7.582  1.00 48.28 ? 110 HIS A CD2 1 
ATOM   716 C  CE1 . HIS A 1 88  ? -10.342 10.661  -5.780  1.00 51.33 ? 110 HIS A CE1 1 
ATOM   717 N  NE2 . HIS A 1 88  ? -9.846  11.247  -6.859  1.00 49.17 ? 110 HIS A NE2 1 
ATOM   718 N  N   . PHE A 1 89  ? -8.366  5.340   -9.374  1.00 37.65 ? 111 PHE A N   1 
ATOM   719 C  CA  . PHE A 1 89  ? -7.629  4.111   -9.548  1.00 37.41 ? 111 PHE A CA  1 
ATOM   720 C  C   . PHE A 1 89  ? -6.148  4.339   -9.807  1.00 35.36 ? 111 PHE A C   1 
ATOM   721 O  O   . PHE A 1 89  ? -5.747  5.334   -10.410 1.00 37.16 ? 111 PHE A O   1 
ATOM   722 C  CB  . PHE A 1 89  ? -8.265  3.148   -10.562 1.00 41.02 ? 111 PHE A CB  1 
ATOM   723 C  CG  . PHE A 1 89  ? -8.522  3.739   -11.914 1.00 42.66 ? 111 PHE A CG  1 
ATOM   724 C  CD1 . PHE A 1 89  ? -7.511  3.819   -12.855 1.00 45.44 ? 111 PHE A CD1 1 
ATOM   725 C  CD2 . PHE A 1 89  ? -9.791  4.166   -12.264 1.00 45.51 ? 111 PHE A CD2 1 
ATOM   726 C  CE1 . PHE A 1 89  ? -7.759  4.353   -14.120 1.00 46.19 ? 111 PHE A CE1 1 
ATOM   727 C  CE2 . PHE A 1 89  ? -10.042 4.692   -13.519 1.00 45.26 ? 111 PHE A CE2 1 
ATOM   728 C  CZ  . PHE A 1 89  ? -9.028  4.785   -14.444 1.00 46.45 ? 111 PHE A CZ  1 
ATOM   729 N  N   . VAL A 1 90  ? -5.362  3.411   -9.285  1.00 32.10 ? 112 VAL A N   1 
ATOM   730 C  CA  . VAL A 1 90  ? -3.907  3.477   -9.353  1.00 34.83 ? 112 VAL A CA  1 
ATOM   731 C  C   . VAL A 1 90  ? -3.370  2.077   -9.570  1.00 34.51 ? 112 VAL A C   1 
ATOM   732 O  O   . VAL A 1 90  ? -4.067  1.085   -9.370  1.00 34.24 ? 112 VAL A O   1 
ATOM   733 C  CB  . VAL A 1 90  ? -3.289  4.027   -8.041  1.00 35.48 ? 112 VAL A CB  1 
ATOM   734 C  CG1 . VAL A 1 90  ? -3.784  5.436   -7.751  1.00 36.60 ? 112 VAL A CG1 1 
ATOM   735 C  CG2 . VAL A 1 90  ? -3.615  3.114   -6.866  1.00 36.39 ? 112 VAL A CG2 1 
ATOM   736 N  N   . ILE A 1 91  ? -2.103  1.995   -9.959  1.00 32.61 ? 113 ILE A N   1 
ATOM   737 C  CA  . ILE A 1 91  ? -1.433  0.721   -10.010 1.00 31.08 ? 113 ILE A CA  1 
ATOM   738 C  C   . ILE A 1 91  ? -0.600  0.642   -8.738  1.00 31.76 ? 113 ILE A C   1 
ATOM   739 O  O   . ILE A 1 91  ? 0.265   1.478   -8.524  1.00 33.13 ? 113 ILE A O   1 
ATOM   740 C  CB  . ILE A 1 91  ? -0.464  0.665   -11.196 1.00 32.47 ? 113 ILE A CB  1 
ATOM   741 C  CG1 . ILE A 1 91  ? -1.205  0.883   -12.515 1.00 37.67 ? 113 ILE A CG1 1 
ATOM   742 C  CG2 . ILE A 1 91  ? 0.259   -0.653  -11.199 1.00 31.65 ? 113 ILE A CG2 1 
ATOM   743 C  CD1 . ILE A 1 91  ? -1.794  -0.379  -13.085 1.00 40.28 ? 113 ILE A CD1 1 
ATOM   744 N  N   . PRO A 1 92  ? -0.884  -0.338  -7.872  1.00 32.27 ? 114 PRO A N   1 
ATOM   745 C  CA  . PRO A 1 92  ? -0.160  -0.462  -6.601  1.00 31.71 ? 114 PRO A CA  1 
ATOM   746 C  C   . PRO A 1 92  ? 1.242   -0.999  -6.810  1.00 31.73 ? 114 PRO A C   1 
ATOM   747 O  O   . PRO A 1 92  ? 1.546   -1.469  -7.911  1.00 32.32 ? 114 PRO A O   1 
ATOM   748 C  CB  . PRO A 1 92  ? -0.954  -1.523  -5.839  1.00 30.33 ? 114 PRO A CB  1 
ATOM   749 C  CG  . PRO A 1 92  ? -2.255  -1.663  -6.566  1.00 34.34 ? 114 PRO A CG  1 
ATOM   750 C  CD  . PRO A 1 92  ? -1.945  -1.343  -8.001  1.00 33.62 ? 114 PRO A CD  1 
ATOM   751 N  N   . TYR A 1 93  ? 2.063   -0.932  -5.761  1.00 30.64 ? 115 TYR A N   1 
ATOM   752 C  CA  . TYR A 1 93  ? 3.364   -1.593  -5.724  1.00 30.94 ? 115 TYR A CA  1 
ATOM   753 C  C   . TYR A 1 93  ? 3.268   -2.760  -4.773  1.00 31.41 ? 115 TYR A C   1 
ATOM   754 O  O   . TYR A 1 93  ? 2.755   -2.621  -3.652  1.00 32.95 ? 115 TYR A O   1 
ATOM   755 C  CB  . TYR A 1 93  ? 4.453   -0.638  -5.240  1.00 30.35 ? 115 TYR A CB  1 
ATOM   756 C  CG  . TYR A 1 93  ? 4.935   0.294   -6.318  1.00 33.52 ? 115 TYR A CG  1 
ATOM   757 C  CD1 . TYR A 1 93  ? 4.223   1.438   -6.645  1.00 36.18 ? 115 TYR A CD1 1 
ATOM   758 C  CD2 . TYR A 1 93  ? 6.112   0.032   -7.005  1.00 34.92 ? 115 TYR A CD2 1 
ATOM   759 C  CE1 . TYR A 1 93  ? 4.659   2.294   -7.637  1.00 37.47 ? 115 TYR A CE1 1 
ATOM   760 C  CE2 . TYR A 1 93  ? 6.555   0.877   -7.991  1.00 36.25 ? 115 TYR A CE2 1 
ATOM   761 C  CZ  . TYR A 1 93  ? 5.825   2.007   -8.306  1.00 37.81 ? 115 TYR A CZ  1 
ATOM   762 O  OH  . TYR A 1 93  ? 6.276   2.852   -9.290  1.00 42.14 ? 115 TYR A OH  1 
ATOM   763 N  N   . ARG A 1 94  ? 3.741   -3.917  -5.219  1.00 31.36 ? 116 ARG A N   1 
ATOM   764 C  CA  . ARG A 1 94  ? 3.748   -5.098  -4.373  1.00 31.85 ? 116 ARG A CA  1 
ATOM   765 C  C   . ARG A 1 94  ? 4.988   -5.032  -3.493  1.00 31.86 ? 116 ARG A C   1 
ATOM   766 O  O   . ARG A 1 94  ? 6.080   -4.741  -3.977  1.00 31.91 ? 116 ARG A O   1 
ATOM   767 C  CB  . ARG A 1 94  ? 3.781   -6.364  -5.226  1.00 34.60 ? 116 ARG A CB  1 
ATOM   768 C  CG  . ARG A 1 94  ? 2.620   -6.491  -6.193  1.00 38.47 ? 116 ARG A CG  1 
ATOM   769 C  CD  . ARG A 1 94  ? 2.880   -7.576  -7.216  1.00 41.63 ? 116 ARG A CD  1 
ATOM   770 N  NE  . ARG A 1 94  ? 3.189   -8.847  -6.577  1.00 44.51 ? 116 ARG A NE  1 
ATOM   771 C  CZ  . ARG A 1 94  ? 4.063   -9.729  -7.049  1.00 47.54 ? 116 ARG A CZ  1 
ATOM   772 N  NH1 . ARG A 1 94  ? 4.723   -9.484  -8.179  1.00 49.16 ? 116 ARG A NH1 1 
ATOM   773 N  NH2 . ARG A 1 94  ? 4.280   -10.858 -6.386  1.00 47.82 ? 116 ARG A NH2 1 
ATOM   774 N  N   . CYS A 1 95  ? 4.815   -5.271  -2.197  1.00 30.21 ? 117 CYS A N   1 
ATOM   775 C  CA  . CYS A 1 95  ? 5.939   -5.309  -1.267  1.00 31.21 ? 117 CYS A CA  1 
ATOM   776 C  C   . CYS A 1 95  ? 6.403   -6.755  -1.206  1.00 32.55 ? 117 CYS A C   1 
ATOM   777 O  O   . CYS A 1 95  ? 5.669   -7.620  -0.732  1.00 33.82 ? 117 CYS A O   1 
ATOM   778 C  CB  . CYS A 1 95  ? 5.507   -4.826  0.124   1.00 31.26 ? 117 CYS A CB  1 
ATOM   779 S  SG  . CYS A 1 95  ? 4.822   -3.111  0.211   1.00 34.74 ? 117 CYS A SG  1 
ATOM   780 N  N   . LEU A 1 96  ? 7.618   -7.025  -1.684  1.00 32.64 ? 118 LEU A N   1 
ATOM   781 C  CA  . LEU A 1 96  ? 8.075   -8.404  -1.823  1.00 31.93 ? 118 LEU A CA  1 
ATOM   782 C  C   . LEU A 1 96  ? 8.947   -8.869  -0.654  1.00 34.45 ? 118 LEU A C   1 
ATOM   783 O  O   . LEU A 1 96  ? 9.879   -8.180  -0.248  1.00 36.41 ? 118 LEU A O   1 
ATOM   784 C  CB  . LEU A 1 96  ? 8.826   -8.588  -3.144  1.00 32.63 ? 118 LEU A CB  1 
ATOM   785 C  CG  . LEU A 1 96  ? 8.114   -8.113  -4.406  1.00 32.68 ? 118 LEU A CG  1 
ATOM   786 C  CD1 . LEU A 1 96  ? 9.103   -8.082  -5.569  1.00 31.46 ? 118 LEU A CD1 1 
ATOM   787 C  CD2 . LEU A 1 96  ? 6.926   -8.998  -4.725  1.00 35.76 ? 118 LEU A CD2 1 
ATOM   788 N  N   . VAL A 1 97  ? 8.628   -10.045 -0.123  1.00 34.86 ? 119 VAL A N   1 
ATOM   789 C  CA  . VAL A 1 97  ? 9.351   -10.612 0.998   1.00 36.92 ? 119 VAL A CA  1 
ATOM   790 C  C   . VAL A 1 97  ? 10.475  -11.467 0.457   1.00 39.72 ? 119 VAL A C   1 
ATOM   791 O  O   . VAL A 1 97  ? 10.236  -12.393 -0.317  1.00 43.88 ? 119 VAL A O   1 
ATOM   792 C  CB  . VAL A 1 97  ? 8.437   -11.516 1.836   1.00 37.16 ? 119 VAL A CB  1 
ATOM   793 C  CG1 . VAL A 1 97  ? 9.237   -12.167 2.961   1.00 38.34 ? 119 VAL A CG1 1 
ATOM   794 C  CG2 . VAL A 1 97  ? 7.233   -10.727 2.381   1.00 39.25 ? 119 VAL A CG2 1 
ATOM   795 N  N   . GLY A 1 98  ? 11.707  -11.162 0.846   1.00 40.76 ? 120 GLY A N   1 
ATOM   796 C  CA  . GLY A 1 98  ? 12.833  -11.948 0.391   1.00 39.80 ? 120 GLY A CA  1 
ATOM   797 C  C   . GLY A 1 98  ? 13.077  -13.198 1.212   1.00 38.32 ? 120 GLY A C   1 
ATOM   798 O  O   . GLY A 1 98  ? 12.744  -13.255 2.407   1.00 37.48 ? 120 GLY A O   1 
ATOM   799 N  N   . GLU A 1 99  ? 13.633  -14.214 0.557   1.00 36.18 ? 121 GLU A N   1 
ATOM   800 C  CA  . GLU A 1 99  ? 14.102  -15.409 1.238   1.00 38.27 ? 121 GLU A CA  1 
ATOM   801 C  C   . GLU A 1 99  ? 15.584  -15.246 1.532   1.00 38.31 ? 121 GLU A C   1 
ATOM   802 O  O   . GLU A 1 99  ? 16.424  -15.317 0.619   1.00 37.24 ? 121 GLU A O   1 
ATOM   803 C  CB  . GLU A 1 99  ? 13.898  -16.657 0.382   1.00 42.44 ? 121 GLU A CB  1 
ATOM   804 C  CG  . GLU A 1 99  ? 14.417  -17.917 1.063   1.00 45.90 ? 121 GLU A CG  1 
ATOM   805 C  CD  . GLU A 1 99  ? 14.189  -19.180 0.259   1.00 49.20 ? 121 GLU A CD  1 
ATOM   806 O  OE1 . GLU A 1 99  ? 13.274  -19.198 -0.588  1.00 47.79 ? 121 GLU A OE1 1 
ATOM   807 O  OE2 . GLU A 1 99  ? 14.943  -20.160 0.474   1.00 53.83 ? 121 GLU A OE2 1 
ATOM   808 N  N   . PHE A 1 100 ? 15.910  -15.015 2.796   1.00 38.38 ? 122 PHE A N   1 
ATOM   809 C  CA  . PHE A 1 100 ? 17.299  -14.765 3.178   1.00 41.08 ? 122 PHE A CA  1 
ATOM   810 C  C   . PHE A 1 100 ? 18.127  -16.038 3.121   1.00 44.42 ? 122 PHE A C   1 
ATOM   811 O  O   . PHE A 1 100 ? 17.680  -17.096 3.548   1.00 46.80 ? 122 PHE A O   1 
ATOM   812 C  CB  . PHE A 1 100 ? 17.387  -14.119 4.569   1.00 43.30 ? 122 PHE A CB  1 
ATOM   813 C  CG  . PHE A 1 100 ? 16.955  -12.682 4.589   1.00 46.57 ? 122 PHE A CG  1 
ATOM   814 C  CD1 . PHE A 1 100 ? 17.716  -11.711 3.954   1.00 46.89 ? 122 PHE A CD1 1 
ATOM   815 C  CD2 . PHE A 1 100 ? 15.784  -12.302 5.220   1.00 47.96 ? 122 PHE A CD2 1 
ATOM   816 C  CE1 . PHE A 1 100 ? 17.319  -10.385 3.957   1.00 47.07 ? 122 PHE A CE1 1 
ATOM   817 C  CE2 . PHE A 1 100 ? 15.381  -10.974 5.229   1.00 48.46 ? 122 PHE A CE2 1 
ATOM   818 C  CZ  . PHE A 1 100 ? 16.152  -10.016 4.596   1.00 47.23 ? 122 PHE A CZ  1 
ATOM   819 N  N   . VAL A 1 101 ? 19.334  -15.937 2.578   1.00 46.16 ? 123 VAL A N   1 
ATOM   820 C  CA  . VAL A 1 101 ? 20.210  -17.097 2.485   1.00 48.88 ? 123 VAL A CA  1 
ATOM   821 C  C   . VAL A 1 101 ? 21.291  -17.067 3.562   1.00 54.05 ? 123 VAL A C   1 
ATOM   822 O  O   . VAL A 1 101 ? 21.388  -16.112 4.330   1.00 55.45 ? 123 VAL A O   1 
ATOM   823 C  CB  . VAL A 1 101 ? 20.860  -17.209 1.102   1.00 49.82 ? 123 VAL A CB  1 
ATOM   824 C  CG1 . VAL A 1 101 ? 19.788  -17.328 0.035   1.00 49.50 ? 123 VAL A CG1 1 
ATOM   825 C  CG2 . VAL A 1 101 ? 21.749  -16.009 0.839   1.00 50.09 ? 123 VAL A CG2 1 
HETATM 826 CU CU  . CU  B 2 .   ? -10.269 12.761  -8.011  0.60 47.19 ? 201 CU  A CU  1 
HETATM 827 C  C1  . GOL C 3 .   ? -1.571  -2.754  9.080   1.00 57.91 ? 202 GOL A C1  1 
HETATM 828 O  O1  . GOL C 3 .   ? -2.945  -2.728  8.721   1.00 59.77 ? 202 GOL A O1  1 
HETATM 829 C  C2  . GOL C 3 .   ? -0.897  -4.059  8.642   1.00 55.04 ? 202 GOL A C2  1 
HETATM 830 O  O2  . GOL C 3 .   ? 0.475   -3.836  8.379   1.00 53.22 ? 202 GOL A O2  1 
HETATM 831 C  C3  . GOL C 3 .   ? -1.575  -4.612  7.390   1.00 51.50 ? 202 GOL A C3  1 
HETATM 832 O  O3  . GOL C 3 .   ? -1.350  -6.002  7.244   1.00 44.96 ? 202 GOL A O3  1 
HETATM 833 O  O   . HOH D 4 .   ? 0.744   3.425   -6.379  1.00 41.62 ? 301 HOH A O   1 
HETATM 834 O  O   . HOH D 4 .   ? 15.298  1.862   0.388   1.00 48.76 ? 302 HOH A O   1 
HETATM 835 O  O   . HOH D 4 .   ? -8.224  -4.301  -12.321 1.00 35.44 ? 303 HOH A O   1 
HETATM 836 O  O   . HOH D 4 .   ? -8.446  7.754   -11.014 1.00 52.87 ? 304 HOH A O   1 
HETATM 837 O  O   . HOH D 4 .   ? -3.371  -4.925  -8.458  1.00 42.52 ? 305 HOH A O   1 
HETATM 838 O  O   . HOH D 4 .   ? 0.117   5.879   -8.335  1.00 49.94 ? 306 HOH A O   1 
HETATM 839 O  O   . HOH D 4 .   ? 6.522   -11.716 -1.219  1.00 45.95 ? 307 HOH A O   1 
HETATM 840 O  O   . HOH D 4 .   ? 8.134   -2.174  -11.042 1.00 50.05 ? 308 HOH A O   1 
HETATM 841 O  O   . HOH D 4 .   ? 9.722   6.667   2.119   1.00 52.73 ? 309 HOH A O   1 
HETATM 842 O  O   . HOH D 4 .   ? -8.695  -3.592  -3.923  1.00 47.27 ? 310 HOH A O   1 
HETATM 843 O  O   . HOH D 4 .   ? -4.260  -4.970  -5.786  1.00 51.60 ? 311 HOH A O   1 
HETATM 844 O  O   . HOH D 4 .   ? -12.153 0.932   -1.650  1.00 60.01 ? 312 HOH A O   1 
HETATM 845 O  O   . HOH D 4 .   ? -0.582  3.307   4.069   1.00 40.20 ? 313 HOH A O   1 
HETATM 846 O  O   . HOH D 4 .   ? 4.200   -18.303 2.023   1.00 47.16 ? 314 HOH A O   1 
HETATM 847 O  O   . HOH D 4 .   ? -0.307  8.837   -1.828  1.00 43.98 ? 315 HOH A O   1 
HETATM 848 O  O   . HOH D 4 .   ? -3.690  -9.772  -3.025  1.00 62.99 ? 316 HOH A O   1 
HETATM 849 O  O   . HOH D 4 .   ? -10.634 -1.330  0.629   1.00 46.23 ? 317 HOH A O   1 
HETATM 850 O  O   . HOH D 4 .   ? 2.154   2.862   -10.173 1.00 38.40 ? 318 HOH A O   1 
HETATM 851 O  O   . HOH D 4 .   ? 10.102  -11.033 11.175  1.00 45.48 ? 319 HOH A O   1 
HETATM 852 O  O   . HOH D 4 .   ? 3.831   -7.593  -10.516 1.00 51.08 ? 320 HOH A O   1 
HETATM 853 O  O   . HOH D 4 .   ? 11.107  -7.395  8.933   1.00 44.70 ? 321 HOH A O   1 
HETATM 854 O  O   . HOH D 4 .   ? 9.750   -5.184  6.230   1.00 35.04 ? 322 HOH A O   1 
HETATM 855 O  O   . HOH D 4 .   ? -0.831  4.770   -10.425 1.00 38.99 ? 323 HOH A O   1 
HETATM 856 O  O   . HOH D 4 .   ? 3.507   5.963   8.063   1.00 54.87 ? 324 HOH A O   1 
HETATM 857 O  O   . HOH D 4 .   ? -11.507 7.971   -3.681  1.00 58.43 ? 325 HOH A O   1 
HETATM 858 O  O   . HOH D 4 .   ? 13.695  -5.966  5.463   1.00 51.56 ? 326 HOH A O   1 
HETATM 859 O  O   . HOH D 4 .   ? -3.025  -7.090  9.134   1.00 52.86 ? 327 HOH A O   1 
HETATM 860 O  O   . HOH D 4 .   ? -0.778  10.638  -8.505  1.00 54.52 ? 328 HOH A O   1 
HETATM 861 O  O   . HOH D 4 .   ? 15.172  0.412   2.893   1.00 52.85 ? 329 HOH A O   1 
HETATM 862 O  O   . HOH D 4 .   ? 5.028   12.280  2.392   1.00 56.97 ? 330 HOH A O   1 
HETATM 863 O  O   . HOH D 4 .   ? -9.961  -4.562  -1.519  1.00 54.99 ? 331 HOH A O   1 
HETATM 864 O  O   . HOH D 4 .   ? -8.987  -2.238  8.088   1.00 50.36 ? 332 HOH A O   1 
HETATM 865 O  O   . HOH D 4 .   ? -14.967 7.014   -3.841  1.00 51.15 ? 333 HOH A O   1 
HETATM 866 O  O   . HOH D 4 .   ? 11.359  -4.986  -9.027  1.00 55.57 ? 334 HOH A O   1 
HETATM 867 O  O   . HOH D 4 .   ? 19.379  3.314   -6.960  1.00 64.59 ? 335 HOH A O   1 
HETATM 868 O  O   . HOH D 4 .   ? -10.841 -0.930  -3.032  1.00 60.50 ? 336 HOH A O   1 
HETATM 869 O  O   . HOH D 4 .   ? 1.291   -1.068  9.703   1.00 60.23 ? 337 HOH A O   1 
HETATM 870 O  O   . HOH D 4 .   ? 12.291  -4.598  7.306   1.00 51.39 ? 338 HOH A O   1 
HETATM 871 O  O   . HOH D 4 .   ? 2.028   -5.325  -15.494 1.00 64.73 ? 339 HOH A O   1 
HETATM 872 O  O   . HOH D 4 .   ? 4.369   5.186   -9.680  1.00 60.74 ? 340 HOH A O   1 
HETATM 873 O  O   . HOH D 4 .   ? 1.073   4.436   -12.374 1.00 68.46 ? 341 HOH A O   1 
HETATM 874 O  O   . HOH D 4 .   ? 16.318  -3.214  2.483   1.00 56.81 ? 342 HOH A O   1 
HETATM 875 O  O   . HOH D 4 .   ? 13.491  0.315   6.350   1.00 65.41 ? 343 HOH A O   1 
HETATM 876 O  O   . HOH D 4 .   ? -2.316  3.506   12.866  1.00 64.14 ? 344 HOH A O   1 
HETATM 877 O  O   . HOH D 4 .   ? 7.500   0.982   11.319  1.00 60.66 ? 345 HOH A O   1 
HETATM 878 O  O   . HOH D 4 .   ? 3.000   -8.985  -2.570  1.00 74.81 ? 346 HOH A O   1 
HETATM 879 O  O   . HOH D 4 .   ? 12.229  -18.133 -2.651  1.00 62.45 ? 347 HOH A O   1 
HETATM 880 O  O   . HOH D 4 .   ? 8.300   -12.812 -2.843  1.00 61.04 ? 348 HOH A O   1 
HETATM 881 O  O   . HOH D 4 .   ? -7.525  3.903   7.290   1.00 73.24 ? 349 HOH A O   1 
HETATM 882 O  O   . HOH D 4 .   ? 4.519   -10.455 -1.380  1.00 66.71 ? 350 HOH A O   1 
HETATM 883 O  O   . HOH D 4 .   ? -8.332  -7.465  -1.456  1.00 61.81 ? 351 HOH A O   1 
HETATM 884 O  O   . HOH D 4 .   ? 0.874   -15.826 2.104   1.00 59.71 ? 352 HOH A O   1 
# 
loop_
_atom_site_anisotrop.id 
_atom_site_anisotrop.type_symbol 
_atom_site_anisotrop.pdbx_label_atom_id 
_atom_site_anisotrop.pdbx_label_alt_id 
_atom_site_anisotrop.pdbx_label_comp_id 
_atom_site_anisotrop.pdbx_label_asym_id 
_atom_site_anisotrop.pdbx_label_seq_id 
_atom_site_anisotrop.pdbx_PDB_ins_code 
_atom_site_anisotrop.U[1][1] 
_atom_site_anisotrop.U[2][2] 
_atom_site_anisotrop.U[3][3] 
_atom_site_anisotrop.U[1][2] 
_atom_site_anisotrop.U[1][3] 
_atom_site_anisotrop.U[2][3] 
_atom_site_anisotrop.pdbx_auth_seq_id 
_atom_site_anisotrop.pdbx_auth_comp_id 
_atom_site_anisotrop.pdbx_auth_asym_id 
_atom_site_anisotrop.pdbx_auth_atom_id 
1   N  N   . ASP A 1   ? 0.5434 1.1467 0.9494 0.0480  0.0813  0.0828  23  ASP A N   
2   C  CA  . ASP A 1   ? 0.5578 1.1742 0.9418 0.0253  0.0722  0.0749  23  ASP A CA  
3   C  C   . ASP A 1   ? 0.5144 1.2084 0.8518 0.0417  0.0699  0.0125  23  ASP A C   
4   O  O   . ASP A 1   ? 0.5266 1.2370 0.8353 0.0120  0.0711  -0.0084 23  ASP A O   
5   C  CB  . ASP A 1   ? 0.5954 1.1642 0.9917 -0.0152 0.0675  0.1118  23  ASP A CB  
6   C  CG  . ASP A 1   ? 0.6311 1.1661 1.0081 -0.0530 0.0714  0.1238  23  ASP A CG  
7   O  OD1 . ASP A 1   ? 0.6744 1.1944 0.9956 -0.0408 0.0770  0.1075  23  ASP A OD1 
8   O  OD2 . ASP A 1   ? 0.6237 1.1406 1.0206 -0.0865 0.0807  0.1483  23  ASP A OD2 
9   N  N   . GLY A 2   ? 0.4412 1.1903 0.7728 0.0831  0.0657  -0.0226 24  GLY A N   
10  C  CA  . GLY A 2   ? 0.4176 1.2120 0.6656 0.0915  0.0674  -0.0513 24  GLY A CA  
11  C  C   . GLY A 2   ? 0.4182 1.2348 0.5783 0.0964  0.0702  -0.0749 24  GLY A C   
12  O  O   . GLY A 2   ? 0.4161 1.2620 0.5512 0.0732  0.0505  -0.0849 24  GLY A O   
13  N  N   . ASN A 3   ? 0.3984 1.2112 0.5301 0.1204  0.0890  -0.0898 25  ASN A N   
14  C  CA  . ASN A 3   ? 0.3510 1.1481 0.5282 0.1023  0.0877  -0.0993 25  ASN A CA  
15  C  C   . ASN A 3   ? 0.3469 1.1792 0.5444 0.0531  0.0647  -0.1256 25  ASN A C   
16  O  O   . ASN A 3   ? 0.3393 1.2351 0.5314 0.0230  0.0592  -0.1586 25  ASN A O   
17  C  CB  . ASN A 3   ? 0.3247 1.0740 0.4622 0.0889  0.0755  -0.0903 25  ASN A CB  
18  C  CG  . ASN A 3   ? 0.3020 1.0423 0.4678 0.0545  0.0844  -0.0298 25  ASN A CG  
19  O  OD1 . ASN A 3   ? 0.3062 0.9987 0.4770 0.0535  0.0876  -0.0384 25  ASN A OD1 
20  N  ND2 . ASN A 3   ? 0.2883 1.0584 0.4720 0.0197  0.0693  0.0110  25  ASN A ND2 
21  N  N   . ALA A 4   ? 0.3587 1.1422 0.5363 0.0422  0.0624  -0.1278 26  ALA A N   
22  C  CA  . ALA A 4   ? 0.3395 1.1197 0.5090 0.0472  0.0670  -0.0963 26  ALA A CA  
23  C  C   . ALA A 4   ? 0.3634 1.1446 0.4952 0.0689  0.0674  -0.0581 26  ALA A C   
24  O  O   . ALA A 4   ? 0.3126 1.1422 0.5114 0.0932  -0.0006 -0.0164 26  ALA A O   
25  C  CB  . ALA A 4   ? 0.3553 1.0896 0.5113 0.0484  0.0717  -0.0834 26  ALA A CB  
26  N  N   . GLY A 5   ? 0.4068 1.1312 0.4816 0.0695  0.1084  -0.0361 27  GLY A N   
27  C  CA  . GLY A 5   ? 0.4565 1.1081 0.4811 0.0729  0.1411  0.0047  27  GLY A CA  
28  C  C   . GLY A 5   ? 0.4666 1.1144 0.5075 0.1015  0.1500  0.0414  27  GLY A C   
29  O  O   . GLY A 5   ? 0.4797 1.1276 0.5384 0.1268  0.2051  0.0591  27  GLY A O   
30  N  N   . LEU A 6   ? 0.4315 1.0805 0.4915 0.0883  0.1062  0.0848  28  LEU A N   
31  C  CA  . LEU A 6   ? 0.4140 1.0170 0.4807 0.1212  0.0558  0.1195  28  LEU A CA  
32  C  C   . LEU A 6   ? 0.4402 1.0343 0.5378 0.1651  0.0513  0.1782  28  LEU A C   
33  O  O   . LEU A 6   ? 0.4598 1.0502 0.5802 0.2146  0.0408  0.2009  28  LEU A O   
34  C  CB  . LEU A 6   ? 0.3752 0.9446 0.4492 0.0977  0.0611  0.1092  28  LEU A CB  
35  C  CG  . LEU A 6   ? 0.3264 0.9284 0.4854 0.1011  -0.0171 0.0905  28  LEU A CG  
36  C  CD1 . LEU A 6   ? 0.3089 0.9301 0.5349 0.1269  -0.0558 0.0815  28  LEU A CD1 
37  C  CD2 . LEU A 6   ? 0.3467 0.9732 0.4550 0.1028  -0.0372 0.0753  28  LEU A CD2 
38  N  N   . LEU A 7   ? 0.4383 1.0615 0.5759 0.1134  0.0447  0.2019  29  LEU A N   
39  C  CA  . LEU A 7   ? 0.4218 1.0657 0.6573 0.0916  0.0440  0.1981  29  LEU A CA  
40  C  C   . LEU A 7   ? 0.4190 1.1203 0.6613 0.0536  0.0193  0.1961  29  LEU A C   
41  O  O   . LEU A 7   ? 0.4499 1.1759 0.6503 0.0283  0.0065  0.1769  29  LEU A O   
42  C  CB  . LEU A 7   ? 0.4067 0.9932 0.7137 0.1226  0.0681  0.1703  29  LEU A CB  
43  C  CG  . LEU A 7   ? 0.4356 0.9478 0.7562 0.1503  0.0732  0.1601  29  LEU A CG  
44  C  CD1 . LEU A 7   ? 0.3563 0.9321 0.7772 0.1933  0.0538  0.1614  29  LEU A CD1 
45  C  CD2 . LEU A 7   ? 0.4756 0.9368 0.7608 0.1442  0.0738  0.1491  29  LEU A CD2 
46  N  N   . ALA A 8   ? 0.3368 1.0793 0.6267 0.0041  0.0064  0.1962  30  ALA A N   
47  C  CA  . ALA A 8   ? 0.2634 1.0016 0.5481 -0.0164 -0.0199 0.1512  30  ALA A CA  
48  C  C   . ALA A 8   ? 0.2598 0.9582 0.4914 0.0097  0.0482  0.1400  30  ALA A C   
49  O  O   . ALA A 8   ? 0.2730 0.9333 0.4817 -0.0037 0.0779  0.1406  30  ALA A O   
50  C  CB  . ALA A 8   ? 0.2691 0.9955 0.5304 -0.0424 -0.0607 0.1016  30  ALA A CB  
51  N  N   . GLU A 9   ? 0.2495 0.8561 0.3981 0.0121  0.0638  0.1355  31  GLU A N   
52  C  CA  A GLU A 9   ? 0.2441 0.8514 0.3629 0.0354  0.0472  0.1085  31  GLU A CA  
53  C  CA  B GLU A 9   ? 0.2334 0.8355 0.3479 0.0222  0.0493  0.1044  31  GLU A CA  
54  C  C   . GLU A 9   ? 0.2167 0.7873 0.2971 0.0370  0.0336  0.1192  31  GLU A C   
55  O  O   . GLU A 9   ? 0.2050 0.7564 0.2431 0.0633  0.0152  0.1222  31  GLU A O   
56  C  CB  A GLU A 9   ? 0.3043 0.8345 0.3950 0.0522  0.0492  0.0937  31  GLU A CB  
57  C  CB  B GLU A 9   ? 0.2555 0.8122 0.3435 0.0135  0.0597  0.0786  31  GLU A CB  
58  C  CG  A GLU A 9   ? 0.3689 0.8598 0.4674 0.0638  0.0419  0.0644  31  GLU A CG  
59  C  CG  B GLU A 9   ? 0.2837 0.8235 0.3757 0.0056  0.0586  0.0356  31  GLU A CG  
60  C  CD  A GLU A 9   ? 0.4166 0.8929 0.5576 0.0221  0.0325  0.0379  31  GLU A CD  
61  C  CD  B GLU A 9   ? 0.3097 0.8156 0.3806 0.0024  0.0519  0.0218  31  GLU A CD  
62  O  OE1 A GLU A 9   ? 0.3811 0.9037 0.5510 0.0076  0.0041  0.0038  31  GLU A OE1 
63  O  OE1 B GLU A 9   ? 0.3202 0.8117 0.3729 -0.0015 0.0211  -0.0078 31  GLU A OE1 
64  O  OE2 A GLU A 9   ? 0.4629 0.9092 0.6196 0.0102  0.0465  0.0377  31  GLU A OE2 
65  O  OE2 B GLU A 9   ? 0.3092 0.7936 0.3925 0.0041  0.0929  0.0383  31  GLU A OE2 
66  N  N   . PRO A 10  ? 0.2049 0.7428 0.2624 0.0572  0.0204  0.1499  32  PRO A N   
67  C  CA  . PRO A 10  ? 0.2008 0.7297 0.2624 0.0591  0.0108  0.1396  32  PRO A CA  
68  C  C   . PRO A 10  ? 0.1981 0.7012 0.2337 0.0679  0.0202  0.1515  32  PRO A C   
69  O  O   . PRO A 10  ? 0.2032 0.6909 0.2558 0.0891  0.0219  0.1419  32  PRO A O   
70  C  CB  . PRO A 10  ? 0.2004 0.7426 0.2798 0.0692  0.0117  0.0862  32  PRO A CB  
71  C  CG  . PRO A 10  ? 0.2016 0.7511 0.3444 0.0641  0.0029  0.0850  32  PRO A CG  
72  C  CD  . PRO A 10  ? 0.1946 0.7026 0.3553 0.0645  0.0171  0.1167  32  PRO A CD  
73  N  N   . GLN A 11  ? 0.1948 0.6944 0.2344 0.0467  0.0072  0.1461  33  GLN A N   
74  C  CA  . GLN A 11  ? 0.1957 0.6890 0.2300 0.0135  -0.0011 0.1497  33  GLN A CA  
75  C  C   . GLN A 11  ? 0.1927 0.7172 0.2284 0.0446  0.0119  0.1344  33  GLN A C   
76  O  O   . GLN A 11  ? 0.2062 0.7410 0.2318 0.0792  0.0176  0.1196  33  GLN A O   
77  C  CB  . GLN A 11  ? 0.2987 0.7295 0.2686 0.0259  -0.0528 0.1480  33  GLN A CB  
78  C  CG  . GLN A 11  ? 0.3208 0.7630 0.3044 0.0380  -0.0659 0.1643  33  GLN A CG  
79  C  CD  . GLN A 11  ? 0.2729 0.7630 0.3417 0.0476  -0.0525 0.1800  33  GLN A CD  
80  O  OE1 . GLN A 11  ? 0.2647 0.8294 0.3667 0.0732  -0.0071 0.1617  33  GLN A OE1 
81  N  NE2 . GLN A 11  ? 0.2846 0.6866 0.2736 0.0584  -0.0466 0.1499  33  GLN A NE2 
82  N  N   . ILE A 12  ? 0.2057 0.7374 0.2206 0.0637  0.0172  0.1187  34  ILE A N   
83  C  CA  . ILE A 12  ? 0.2035 0.7683 0.2334 0.0367  0.0056  0.1273  34  ILE A CA  
84  C  C   . ILE A 12  ? 0.1926 0.7327 0.2334 0.0193  0.0040  0.1345  34  ILE A C   
85  O  O   . ILE A 12  ? 0.1994 0.7417 0.2474 0.0491  0.0164  0.1238  34  ILE A O   
86  C  CB  . ILE A 12  ? 0.2413 0.8100 0.2559 0.0167  -0.0242 0.1193  34  ILE A CB  
87  C  CG1 . ILE A 12  ? 0.2940 0.8373 0.2766 0.0566  -0.0105 0.1662  34  ILE A CG1 
88  C  CG2 . ILE A 12  ? 0.2485 0.8133 0.2537 0.0159  -0.0319 0.0996  34  ILE A CG2 
89  C  CD1 . ILE A 12  ? 0.3135 0.8684 0.2906 0.0629  -0.0234 0.1631  34  ILE A CD1 
90  N  N   . ALA A 13  ? 0.1988 0.7545 0.2256 0.0388  0.0090  0.1221  35  ALA A N   
91  C  CA  . ALA A 13  ? 0.2060 0.7636 0.2368 0.0497  0.0130  0.1414  35  ALA A CA  
92  C  C   . ALA A 13  ? 0.2169 0.7639 0.2857 0.0657  0.0142  0.1655  35  ALA A C   
93  O  O   . ALA A 13  ? 0.2558 0.7073 0.2984 0.0988  0.0402  0.1485  35  ALA A O   
94  C  CB  . ALA A 13  ? 0.2059 0.7970 0.2296 0.0134  0.0028  0.1195  35  ALA A CB  
95  N  N   . MET A 14  ? 0.2153 0.6930 0.3461 0.0859  0.0056  0.1731  36  MET A N   
96  C  CA  . MET A 14  ? 0.2227 0.7215 0.3527 0.0948  0.0245  0.1526  36  MET A CA  
97  C  C   . MET A 14  ? 0.2745 0.7381 0.3773 0.0739  0.0466  0.1711  36  MET A C   
98  O  O   . MET A 14  ? 0.2720 0.7435 0.4229 0.0606  0.0257  0.2085  36  MET A O   
99  C  CB  . MET A 14  ? 0.2079 0.7529 0.3457 0.0656  0.0276  0.1214  36  MET A CB  
100 C  CG  . MET A 14  ? 0.2125 0.7633 0.3905 0.0458  0.0448  0.1220  36  MET A CG  
101 S  SD  . MET A 14  ? 0.2319 0.7891 0.4094 0.0106  0.0583  0.1493  36  MET A SD  
102 C  CE  . MET A 14  ? 0.2755 0.8410 0.3572 -0.0056 0.0747  0.1426  36  MET A CE  
103 N  N   . PHE A 15  ? 0.2892 0.7224 0.4206 0.0451  0.0413  0.1954  37  PHE A N   
104 C  CA  . PHE A 15  ? 0.3002 0.7490 0.4796 0.0571  0.0101  0.2136  37  PHE A CA  
105 C  C   . PHE A 15  ? 0.3491 0.7765 0.5493 0.0762  0.0447  0.2245  37  PHE A C   
106 O  O   . PHE A 15  ? 0.3633 0.7647 0.5675 0.0655  0.0544  0.2638  37  PHE A O   
107 C  CB  . PHE A 15  ? 0.3151 0.7739 0.4982 0.0537  -0.0267 0.2510  37  PHE A CB  
108 C  CG  . PHE A 15  ? 0.3851 0.7805 0.4896 0.0578  0.0079  0.2690  37  PHE A CG  
109 C  CD1 . PHE A 15  ? 0.4118 0.7746 0.5189 0.0825  0.0134  0.2557  37  PHE A CD1 
110 C  CD2 . PHE A 15  ? 0.4129 0.8085 0.5110 0.0915  0.0452  0.2716  37  PHE A CD2 
111 C  CE1 . PHE A 15  ? 0.4098 0.8152 0.5727 0.0998  0.0147  0.2349  37  PHE A CE1 
112 C  CE2 . PHE A 15  ? 0.3591 0.7760 0.5533 0.1068  0.0142  0.2689  37  PHE A CE2 
113 C  CZ  . PHE A 15  ? 0.3834 0.8254 0.5673 0.0968  0.0169  0.2285  37  PHE A CZ  
114 N  N   . CYS A 16  ? 0.3916 0.8009 0.5853 0.0880  0.0667  0.2104  38  CYS A N   
115 C  CA  . CYS A 16  ? 0.4333 0.8334 0.6133 0.0561  0.0657  0.2085  38  CYS A CA  
116 C  C   . CYS A 16  ? 0.4656 0.7923 0.5968 0.0234  0.0638  0.1960  38  CYS A C   
117 O  O   . CYS A 16  ? 0.4799 0.7814 0.6255 0.0125  0.0787  0.2387  38  CYS A O   
118 C  CB  . CYS A 16  ? 0.4499 0.9224 0.6283 0.0397  0.0723  0.2087  38  CYS A CB  
119 S  SG  . CYS A 16  ? 0.4816 0.9909 0.6112 -0.0062 0.0855  0.2295  38  CYS A SG  
120 N  N   . GLY A 17  ? 0.4665 0.7806 0.5675 -0.0158 0.0409  0.1338  39  GLY A N   
121 C  CA  . GLY A 17  ? 0.4460 0.7618 0.5588 -0.0237 0.0458  0.1213  39  GLY A CA  
122 C  C   . GLY A 17  ? 0.4425 0.7687 0.5772 -0.0240 0.0493  0.1254  39  GLY A C   
123 O  O   . GLY A 17  ? 0.4713 0.7908 0.6189 -0.0314 0.0481  0.1301  39  GLY A O   
124 N  N   . ARG A 18  ? 0.4064 0.7442 0.5726 -0.0083 0.0350  0.1389  40  ARG A N   
125 C  CA  . ARG A 18  ? 0.3877 0.7362 0.6125 0.0149  0.0028  0.1698  40  ARG A CA  
126 C  C   . ARG A 18  ? 0.3453 0.7322 0.5698 0.0532  0.0132  0.1403  40  ARG A C   
127 O  O   . ARG A 18  ? 0.3180 0.7657 0.5364 0.0619  0.0127  0.0865  40  ARG A O   
128 C  CB  . ARG A 18  ? 0.4229 0.7304 0.6793 -0.0007 -0.0220 0.2394  40  ARG A CB  
129 C  CG  . ARG A 18  ? 0.4821 0.7785 0.7114 -0.0304 -0.0447 0.2726  40  ARG A CG  
130 C  CD  . ARG A 18  ? 0.5583 0.8381 0.7624 -0.0152 -0.0490 0.3108  40  ARG A CD  
131 N  NE  . ARG A 18  ? 0.6218 0.9403 0.8140 -0.0114 -0.0516 0.2961  40  ARG A NE  
132 C  CZ  . ARG A 18  ? 0.6492 1.0160 0.8293 -0.0376 -0.0702 0.2841  40  ARG A CZ  
133 N  NH1 . ARG A 18  ? 0.6619 1.0430 0.8351 -0.0433 -0.0735 0.2781  40  ARG A NH1 
134 N  NH2 . ARG A 18  ? 0.6804 1.0228 0.8244 -0.0444 -0.0670 0.2939  40  ARG A NH2 
135 N  N   . LEU A 19  ? 0.3222 0.6979 0.5529 0.0728  0.0276  0.1583  41  LEU A N   
136 C  CA  . LEU A 19  ? 0.3277 0.7542 0.4844 0.0637  0.0785  0.1362  41  LEU A CA  
137 C  C   . LEU A 19  ? 0.2964 0.7847 0.4297 0.0673  0.0773  0.1575  41  LEU A C   
138 O  O   . LEU A 19  ? 0.3175 0.8266 0.4367 0.1117  0.0582  0.1635  41  LEU A O   
139 C  CB  . LEU A 19  ? 0.3176 0.7784 0.4556 0.0708  0.1037  0.0972  41  LEU A CB  
140 C  CG  . LEU A 19  ? 0.3362 0.8119 0.4641 0.0792  0.1310  0.0423  41  LEU A CG  
141 C  CD1 . LEU A 19  ? 0.3801 0.8389 0.4775 0.0912  0.1302  0.0043  41  LEU A CD1 
142 C  CD2 . LEU A 19  ? 0.3494 0.8229 0.4793 0.0754  0.1255  0.0588  41  LEU A CD2 
143 N  N   . ASN A 20  ? 0.2685 0.7968 0.3354 0.0156  0.0801  0.1303  42  ASN A N   
144 C  CA  . ASN A 20  ? 0.2379 0.8013 0.3434 0.0190  0.0665  0.0889  42  ASN A CA  
145 C  C   . ASN A 20  ? 0.2297 0.8033 0.3307 0.0449  0.0545  0.0862  42  ASN A C   
146 O  O   . ASN A 20  ? 0.2371 0.7900 0.3440 0.0543  0.0709  0.0408  42  ASN A O   
147 C  CB  . ASN A 20  ? 0.2299 0.7920 0.3728 0.0496  0.0687  0.0487  42  ASN A CB  
148 C  CG  . ASN A 20  ? 0.2294 0.7994 0.4086 0.0528  0.0681  0.0759  42  ASN A CG  
149 O  OD1 . ASN A 20  ? 0.2214 0.7046 0.4474 0.0404  0.0785  0.1559  42  ASN A OD1 
150 N  ND2 . ASN A 20  ? 0.2449 0.8337 0.4101 0.0688  0.0733  0.0812  42  ASN A ND2 
151 N  N   . MET A 21  ? 0.2115 0.7765 0.3310 0.0510  0.0339  0.1069  43  MET A N   
152 C  CA  . MET A 21  ? 0.1993 0.7614 0.2488 0.0472  0.0132  0.0772  43  MET A CA  
153 C  C   . MET A 21  ? 0.2060 0.7766 0.2227 0.0512  0.0129  0.0918  43  MET A C   
154 O  O   . MET A 21  ? 0.2132 0.7602 0.2329 0.0655  0.0244  0.0999  43  MET A O   
155 C  CB  . MET A 21  ? 0.1985 0.7625 0.2972 0.0186  0.0243  0.0609  43  MET A CB  
156 C  CG  . MET A 21  ? 0.2447 0.8606 0.2988 0.0470  0.0424  0.1070  43  MET A CG  
157 S  SD  . MET A 21  ? 0.2997 1.0133 0.3629 0.1167  0.0566  0.1096  43  MET A SD  
158 C  CE  . MET A 21  ? 0.3544 1.0647 0.3920 0.1146  0.0950  0.1052  43  MET A CE  
159 N  N   . HIS A 22  ? 0.2185 0.7825 0.2147 0.0610  0.0063  0.0881  44  HIS A N   
160 C  CA  . HIS A 22  ? 0.2114 0.7766 0.2452 0.0453  0.0213  0.1128  44  HIS A CA  
161 C  C   . HIS A 22  ? 0.2270 0.7964 0.2982 0.0635  0.0348  0.1592  44  HIS A C   
162 O  O   . HIS A 22  ? 0.2303 0.7822 0.3441 0.0706  0.0523  0.1468  44  HIS A O   
163 C  CB  . HIS A 22  ? 0.2224 0.7365 0.2070 0.0301  -0.0004 0.0967  44  HIS A CB  
164 C  CG  . HIS A 22  ? 0.2816 0.7213 0.2034 0.0435  0.0136  0.0963  44  HIS A CG  
165 N  ND1 . HIS A 22  ? 0.3427 0.7348 0.2155 0.0480  0.0267  0.1109  44  HIS A ND1 
166 C  CD2 . HIS A 22  ? 0.3231 0.7689 0.2036 0.0720  0.0138  0.0614  44  HIS A CD2 
167 C  CE1 . HIS A 22  ? 0.3850 0.7802 0.2344 0.1044  0.0306  0.1127  44  HIS A CE1 
168 N  NE2 . HIS A 22  ? 0.3840 0.7781 0.2149 0.0991  0.0170  0.0816  44  HIS A NE2 
169 N  N   . MET A 23  ? 0.2215 0.7804 0.2858 0.0640  0.0065  0.1654  45  MET A N   
170 C  CA  . MET A 23  ? 0.2192 0.7815 0.2878 0.0527  0.0015  0.1635  45  MET A CA  
171 C  C   . MET A 23  ? 0.2071 0.7442 0.2957 0.0440  0.0104  0.1816  45  MET A C   
172 O  O   . MET A 23  ? 0.2113 0.7739 0.2547 0.0544  0.0119  0.1531  45  MET A O   
173 C  CB  . MET A 23  ? 0.2365 0.8007 0.3279 0.0811  0.0115  0.1926  45  MET A CB  
174 C  CG  . MET A 23  ? 0.2170 0.7610 0.3444 0.0550  0.0098  0.1917  45  MET A CG  
175 S  SD  . MET A 23  ? 0.2321 0.8261 0.3321 0.0616  0.0006  0.1708  45  MET A SD  
176 C  CE  . MET A 23  ? 0.2488 0.8669 0.2945 0.0945  0.0041  0.1373  45  MET A CE  
177 N  N   . ASN A 24  ? 0.2162 0.7725 0.3013 0.0367  0.0139  0.2105  46  ASN A N   
178 C  CA  . ASN A 24  ? 0.2263 0.7966 0.3282 0.0388  0.0195  0.2261  46  ASN A CA  
179 C  C   . ASN A 24  ? 0.2297 0.8139 0.3832 0.0297  0.0100  0.2262  46  ASN A C   
180 O  O   . ASN A 24  ? 0.2236 0.7580 0.4295 -0.0144 -0.0077 0.2494  46  ASN A O   
181 C  CB  . ASN A 24  ? 0.2843 0.8017 0.3076 0.0471  0.0620  0.1799  46  ASN A CB  
182 C  CG  . ASN A 24  ? 0.3386 0.8740 0.3377 0.0877  0.0869  0.1907  46  ASN A CG  
183 O  OD1 . ASN A 24  ? 0.3784 0.8674 0.3835 0.1132  0.1057  0.2458  46  ASN A OD1 
184 N  ND2 . ASN A 24  ? 0.3542 0.9110 0.3583 0.0461  0.1067  0.1536  46  ASN A ND2 
185 N  N   . VAL A 25  ? 0.2243 0.7851 0.3407 0.0561  0.0107  0.2026  47  VAL A N   
186 C  CA  . VAL A 25  ? 0.2424 0.8457 0.3967 0.0462  0.0179  0.2273  47  VAL A CA  
187 C  C   . VAL A 25  ? 0.2449 0.8487 0.4924 0.0162  0.0068  0.2494  47  VAL A C   
188 O  O   . VAL A 25  ? 0.2531 0.8430 0.5365 -0.0211 -0.0486 0.2397  47  VAL A O   
189 C  CB  . VAL A 25  ? 0.2527 0.8282 0.3146 0.0463  0.0182  0.1633  47  VAL A CB  
190 C  CG1 . VAL A 25  ? 0.2506 0.8176 0.2932 0.0027  0.0117  0.1390  47  VAL A CG1 
191 C  CG2 . VAL A 25  ? 0.2625 0.8650 0.2654 0.0711  -0.0053 0.1316  47  VAL A CG2 
192 N  N   . GLN A 26  ? 0.2735 0.8782 0.4966 0.0087  0.0570  0.2588  48  GLN A N   
193 C  CA  . GLN A 26  ? 0.2781 0.9325 0.5868 -0.0060 0.0513  0.2478  48  GLN A CA  
194 C  C   . GLN A 26  ? 0.2722 0.9355 0.6352 -0.0040 0.0247  0.2358  48  GLN A C   
195 O  O   . GLN A 26  ? 0.2780 0.9824 0.7083 0.0036  -0.0058 0.2279  48  GLN A O   
196 C  CB  . GLN A 26  ? 0.3418 0.9872 0.5677 -0.0302 0.0981  0.2621  48  GLN A CB  
197 C  CG  . GLN A 26  ? 0.3481 1.1110 0.6232 -0.0441 0.0781  0.2687  48  GLN A CG  
198 C  CD  . GLN A 26  ? 0.3699 1.2103 0.6426 -0.0508 0.0684  0.2346  48  GLN A CD  
199 O  OE1 . GLN A 26  ? 0.3970 1.2318 0.6643 -0.0340 0.0663  0.1817  48  GLN A OE1 
200 N  NE2 . GLN A 26  ? 0.3634 1.2542 0.6435 -0.0666 0.0593  0.2394  48  GLN A NE2 
201 N  N   . ASN A 27  ? 0.2553 0.8833 0.5567 -0.0088 0.0229  0.2372  49  ASN A N   
202 C  CA  . ASN A 27  ? 0.2473 0.8784 0.5645 0.0135  0.0142  0.2136  49  ASN A CA  
203 C  C   . ASN A 27  ? 0.2411 0.8471 0.5654 0.0246  -0.0188 0.1981  49  ASN A C   
204 O  O   . ASN A 27  ? 0.2381 0.8746 0.5833 0.0139  -0.0105 0.1646  49  ASN A O   
205 C  CB  . ASN A 27  ? 0.2834 0.9508 0.5573 0.0293  0.0543  0.1949  49  ASN A CB  
206 C  CG  . ASN A 27  ? 0.3155 1.0176 0.5188 0.0714  0.0997  0.1965  49  ASN A CG  
207 O  OD1 . ASN A 27  ? 0.3375 0.9815 0.4801 0.0926  0.1115  0.2364  49  ASN A OD1 
208 N  ND2 . ASN A 27  ? 0.3731 1.0486 0.5004 0.0942  0.1416  0.1775  49  ASN A ND2 
209 N  N   . GLY A 28  ? 0.2480 0.8136 0.5130 0.0459  -0.0106 0.2484  50  GLY A N   
210 C  CA  . GLY A 28  ? 0.2530 0.8133 0.5028 0.0515  -0.0421 0.2093  50  GLY A CA  
211 C  C   . GLY A 28  ? 0.2456 0.8144 0.5008 0.0334  -0.0414 0.2071  50  GLY A C   
212 O  O   . GLY A 28  ? 0.2618 0.8189 0.5533 0.0279  -0.0544 0.2397  50  GLY A O   
213 N  N   . LYS A 29  ? 0.2090 0.7581 0.4536 0.0163  -0.0015 0.1687  51  LYS A N   
214 C  CA  . LYS A 29  ? 0.2139 0.7906 0.4544 -0.0027 0.0322  0.1308  51  LYS A CA  
215 C  C   . LYS A 29  ? 0.2271 0.8029 0.4088 0.0294  0.0536  0.1370  51  LYS A C   
216 O  O   . LYS A 29  ? 0.2371 0.7881 0.4141 0.0315  0.0463  0.1672  51  LYS A O   
217 C  CB  . LYS A 29  ? 0.2219 0.8351 0.5511 0.0030  0.0304  0.1148  51  LYS A CB  
218 C  CG  . LYS A 29  ? 0.2403 0.9232 0.6408 -0.0157 0.0072  0.1064  51  LYS A CG  
219 C  CD  . LYS A 29  ? 0.2667 1.0235 0.6895 -0.0402 -0.0161 0.1039  51  LYS A CD  
220 C  CE  . LYS A 29  ? 0.3033 1.1110 0.7110 -0.0687 -0.0593 0.0855  51  LYS A CE  
221 N  NZ  . LYS A 29  ? 0.3226 1.1795 0.6938 -0.0587 -0.0935 0.0624  51  LYS A NZ  
222 N  N   . TRP A 30  ? 0.2338 0.7614 0.3241 0.0535  0.0604  0.1423  52  TRP A N   
223 C  CA  . TRP A 30  ? 0.2511 0.7558 0.3147 0.0674  0.0726  0.1416  52  TRP A CA  
224 C  C   . TRP A 30  ? 0.2721 0.7474 0.3520 0.1003  0.1015  0.1197  52  TRP A C   
225 O  O   . TRP A 30  ? 0.2491 0.7754 0.4064 0.1106  0.0796  0.1085  52  TRP A O   
226 C  CB  . TRP A 30  ? 0.2286 0.7157 0.2782 0.0729  0.0267  0.1493  52  TRP A CB  
227 C  CG  . TRP A 30  ? 0.2225 0.7018 0.2886 0.0766  -0.0019 0.1682  52  TRP A CG  
228 C  CD1 . TRP A 30  ? 0.2581 0.7393 0.2771 0.0882  0.0166  0.1885  52  TRP A CD1 
229 C  CD2 . TRP A 30  ? 0.2273 0.7473 0.2689 0.0732  0.0071  0.1671  52  TRP A CD2 
230 N  NE1 . TRP A 30  ? 0.2390 0.7784 0.2807 0.1126  0.0379  0.1900  52  TRP A NE1 
231 C  CE2 . TRP A 30  ? 0.2285 0.7547 0.2836 0.0833  0.0206  0.1897  52  TRP A CE2 
232 C  CE3 . TRP A 30  ? 0.2252 0.7624 0.2713 0.1009  0.0183  0.1445  52  TRP A CE3 
233 C  CZ2 . TRP A 30  ? 0.2432 0.7360 0.3074 0.1012  0.0113  0.1886  52  TRP A CZ2 
234 C  CZ3 . TRP A 30  ? 0.2497 0.7951 0.2592 0.1365  0.0371  0.1528  52  TRP A CZ3 
235 C  CH2 . TRP A 30  ? 0.2390 0.7556 0.2517 0.1280  0.0180  0.1247  52  TRP A CH2 
236 N  N   . ASP A 31  ? 0.2940 0.7933 0.3482 0.0676  0.1118  0.0860  53  ASP A N   
237 C  CA  . ASP A 31  ? 0.3084 0.8722 0.3711 0.0760  0.1088  0.0973  53  ASP A CA  
238 C  C   . ASP A 31  ? 0.2906 0.8782 0.3775 0.0987  0.0939  0.0742  53  ASP A C   
239 O  O   . ASP A 31  ? 0.2856 0.8346 0.3537 0.1171  0.0894  0.0887  53  ASP A O   
240 C  CB  . ASP A 31  ? 0.3768 0.9320 0.3972 0.0913  0.1388  0.1115  53  ASP A CB  
241 C  CG  . ASP A 31  ? 0.4127 0.9735 0.4147 0.1297  0.1360  0.0834  53  ASP A CG  
242 O  OD1 . ASP A 31  ? 0.4259 0.9695 0.4293 0.1759  0.1363  0.0539  53  ASP A OD1 
243 O  OD2 . ASP A 31  ? 0.4250 0.9797 0.3832 0.1097  0.1282  0.1081  53  ASP A OD2 
244 N  N   . SER A 32  ? 0.2900 0.8761 0.3970 0.1079  0.0954  0.0397  54  SER A N   
245 C  CA  . SER A 32  ? 0.2887 0.8775 0.3947 0.0596  0.0861  0.0571  54  SER A CA  
246 C  C   . SER A 32  ? 0.2934 0.9033 0.3399 0.0404  0.0790  0.0609  54  SER A C   
247 O  O   . SER A 32  ? 0.3123 0.9441 0.3159 0.0016  0.0773  0.0285  54  SER A O   
248 C  CB  . SER A 32  ? 0.2931 0.8819 0.5360 0.0393  0.0493  0.1305  54  SER A CB  
249 O  OG  . SER A 32  ? 0.3177 0.9760 0.6142 0.0430  0.0549  0.1413  54  SER A OG  
250 N  N   . ASP A 33  ? 0.2919 0.8921 0.3134 0.0799  0.0504  0.0341  55  ASP A N   
251 C  CA  . ASP A 33  ? 0.3319 0.8796 0.3342 0.0700  0.0662  0.0373  55  ASP A CA  
252 C  C   . ASP A 33  ? 0.3920 0.9429 0.3301 0.0411  0.0682  0.0285  55  ASP A C   
253 O  O   . ASP A 33  ? 0.3884 0.9919 0.3661 0.0072  0.0682  -0.0205 55  ASP A O   
254 C  CB  . ASP A 33  ? 0.3033 0.8574 0.3720 0.0918  0.0786  0.0328  55  ASP A CB  
255 C  CG  . ASP A 33  ? 0.3257 0.8534 0.4522 0.0861  0.0972  0.0372  55  ASP A CG  
256 O  OD1 . ASP A 33  ? 0.3252 0.8756 0.4703 0.0765  0.1001  0.0509  55  ASP A OD1 
257 O  OD2 . ASP A 33  ? 0.3363 0.8815 0.5092 0.1030  0.1156  0.0103  55  ASP A OD2 
258 N  N   . PRO A 34  ? 0.4328 0.9766 0.3093 0.0305  0.0692  0.0741  56  PRO A N   
259 C  CA  . PRO A 34  ? 0.4455 0.9769 0.3053 0.0390  0.0702  0.1075  56  PRO A CA  
260 C  C   . PRO A 34  ? 0.4531 1.0123 0.3149 0.0380  0.0533  0.1021  56  PRO A C   
261 O  O   . PRO A 34  ? 0.4717 1.0681 0.3529 0.0326  0.0792  0.0958  56  PRO A O   
262 C  CB  . PRO A 34  ? 0.4347 0.9831 0.3048 0.0550  0.0752  0.1061  56  PRO A CB  
263 C  CG  . PRO A 34  ? 0.4220 0.9950 0.3002 0.0299  0.0767  0.1014  56  PRO A CG  
264 C  CD  . PRO A 34  ? 0.4207 0.9911 0.3137 0.0345  0.0765  0.1211  56  PRO A CD  
265 N  N   . SER A 35  ? 0.4404 1.0019 0.3312 0.0387  0.0190  0.0797  57  SER A N   
266 C  CA  . SER A 35  ? 0.4497 0.9830 0.3341 0.0543  0.0213  0.0441  57  SER A CA  
267 C  C   . SER A 35  ? 0.4170 0.9645 0.3839 0.0541  0.0019  -0.0197 57  SER A C   
268 O  O   . SER A 35  ? 0.4011 0.9812 0.4147 0.0279  -0.0320 -0.0364 57  SER A O   
269 C  CB  . SER A 35  ? 0.4662 0.9657 0.2992 0.0493  0.0535  0.0817  57  SER A CB  
270 O  OG  . SER A 35  ? 0.4746 0.9456 0.3372 0.0657  0.0740  0.1446  57  SER A OG  
271 N  N   . GLY A 36  ? 0.3883 0.9447 0.4086 0.0525  0.0104  -0.0173 58  GLY A N   
272 C  CA  . GLY A 36  ? 0.3666 0.8644 0.4718 0.1012  0.0476  -0.0133 58  GLY A CA  
273 C  C   . GLY A 36  ? 0.3497 0.8123 0.4863 0.0920  0.0484  -0.0486 58  GLY A C   
274 O  O   . GLY A 36  ? 0.3066 0.7828 0.5066 0.0882  0.0467  -0.0231 58  GLY A O   
275 N  N   . THR A 37  ? 0.3298 0.8430 0.4881 0.0465  0.0182  -0.0617 59  THR A N   
276 C  CA  . THR A 37  ? 0.3766 0.8329 0.4449 0.0481  0.0515  -0.0558 59  THR A CA  
277 C  C   . THR A 37  ? 0.3558 0.8905 0.5039 0.0642  0.0521  -0.0294 59  THR A C   
278 O  O   . THR A 37  ? 0.3867 0.9354 0.5328 0.1011  0.0779  -0.0140 59  THR A O   
279 C  CB  . THR A 37  ? 0.4073 0.7793 0.4885 0.0921  0.0484  -0.0360 59  THR A CB  
280 O  OG1 . THR A 37  ? 0.4051 0.7386 0.5257 0.0710  0.0014  -0.0160 59  THR A OG1 
281 C  CG2 . THR A 37  ? 0.4670 0.7916 0.4863 0.1569  0.0726  -0.0448 59  THR A CG2 
282 N  N   . LYS A 38  ? 0.3407 0.9149 0.4766 0.0261  0.0455  -0.0423 60  LYS A N   
283 C  CA  . LYS A 38  ? 0.3302 0.8960 0.4371 0.0195  0.0357  -0.0688 60  LYS A CA  
284 C  C   . LYS A 38  ? 0.3232 0.8758 0.3974 -0.0184 0.0542  -0.0588 60  LYS A C   
285 O  O   . LYS A 38  ? 0.2886 0.8719 0.3767 -0.0173 0.0371  -0.0528 60  LYS A O   
286 C  CB  . LYS A 38  ? 0.3391 0.9162 0.4955 0.0441  0.0192  -0.0660 60  LYS A CB  
287 C  CG  . LYS A 38  ? 0.3547 0.9084 0.6140 0.0987  0.0319  -0.0077 60  LYS A CG  
288 C  CD  . LYS A 38  ? 0.3679 0.9232 0.7044 0.0950  0.0178  0.0239  60  LYS A CD  
289 C  CE  . LYS A 38  ? 0.3418 0.9043 0.7735 0.0827  -0.0140 0.0530  60  LYS A CE  
290 N  NZ  . LYS A 38  ? 0.3711 0.9095 0.8240 0.0765  0.0121  0.0885  60  LYS A NZ  
291 N  N   . THR A 39  ? 0.3335 0.8514 0.4144 -0.0181 0.0827  -0.0215 61  THR A N   
292 C  CA  . THR A 39  ? 0.3136 0.8435 0.4430 0.0280  0.0968  0.0005  61  THR A CA  
293 C  C   . THR A 39  ? 0.2675 0.8749 0.4612 0.0322  0.0974  0.0678  61  THR A C   
294 O  O   . THR A 39  ? 0.2841 0.8782 0.4527 0.0570  0.1139  0.0880  61  THR A O   
295 C  CB  . THR A 39  ? 0.3292 0.8397 0.5212 0.0323  0.0871  -0.0208 61  THR A CB  
296 O  OG1 . THR A 39  ? 0.3314 0.8222 0.5555 0.0473  0.0849  -0.0107 61  THR A OG1 
297 C  CG2 . THR A 39  ? 0.3495 0.8283 0.5588 0.0100  0.0828  -0.0349 61  THR A CG2 
298 N  N   . CYS A 40  ? 0.2688 0.8412 0.4545 0.0273  0.1094  0.1010  62  CYS A N   
299 C  CA  . CYS A 40  ? 0.3089 0.8494 0.4743 0.0141  0.1035  0.1502  62  CYS A CA  
300 C  C   . CYS A 40  ? 0.2849 0.8376 0.4966 0.0064  0.1212  0.1483  62  CYS A C   
301 O  O   . CYS A 40  ? 0.2841 0.8386 0.5429 0.0180  0.1219  0.1735  62  CYS A O   
302 C  CB  . CYS A 40  ? 0.3808 0.8647 0.4920 0.0079  0.0937  0.2060  62  CYS A CB  
303 S  SG  . CYS A 40  ? 0.4295 0.9345 0.5402 0.0221  0.0873  0.2283  62  CYS A SG  
304 N  N   . ILE A 41  ? 0.2709 0.7706 0.4647 0.0289  0.1293  0.1172  63  ILE A N   
305 C  CA  . ILE A 41  ? 0.2770 0.7362 0.4287 0.0225  0.1380  0.0994  63  ILE A CA  
306 C  C   . ILE A 41  ? 0.3167 0.7544 0.4566 0.0331  0.1609  0.1385  63  ILE A C   
307 O  O   . ILE A 41  ? 0.3621 0.7580 0.4437 0.0241  0.1840  0.1333  63  ILE A O   
308 C  CB  . ILE A 41  ? 0.2475 0.6641 0.4015 0.0419  0.1224  0.1079  63  ILE A CB  
309 C  CG1 . ILE A 41  ? 0.2342 0.6144 0.4419 0.0205  0.1128  0.1552  63  ILE A CG1 
310 C  CG2 . ILE A 41  ? 0.2479 0.7070 0.4213 -0.0043 0.1109  0.1161  63  ILE A CG2 
311 C  CD1 . ILE A 41  ? 0.2324 0.6182 0.4542 0.0058  0.1057  0.1568  63  ILE A CD1 
312 N  N   . ASP A 42  ? 0.3309 0.7863 0.4918 0.0558  0.1699  0.1576  64  ASP A N   
313 C  CA  . ASP A 42  ? 0.3417 0.8286 0.5409 0.0465  0.1763  0.1758  64  ASP A CA  
314 C  C   . ASP A 42  ? 0.3278 0.8182 0.5036 0.0293  0.1575  0.1743  64  ASP A C   
315 O  O   . ASP A 42  ? 0.3365 0.8286 0.5163 0.0487  0.1568  0.2052  64  ASP A O   
316 C  CB  . ASP A 42  ? 0.3868 0.8768 0.6184 0.0435  0.2103  0.2005  64  ASP A CB  
317 C  CG  . ASP A 42  ? 0.4568 0.8964 0.6555 0.0536  0.2558  0.2184  64  ASP A CG  
318 O  OD1 . ASP A 42  ? 0.4903 0.8808 0.6441 0.0634  0.2769  0.2088  64  ASP A OD1 
319 O  OD2 . ASP A 42  ? 0.5005 0.9665 0.6955 0.0748  0.2567  0.1945  64  ASP A OD2 
320 N  N   . THR A 43  ? 0.2964 0.7882 0.4075 0.0053  0.1211  0.1389  65  THR A N   
321 C  CA  . THR A 43  ? 0.2751 0.8107 0.3990 -0.0300 0.0740  0.1774  65  THR A CA  
322 C  C   . THR A 43  ? 0.2384 0.8031 0.3703 -0.0491 0.0259  0.1782  65  THR A C   
323 O  O   . THR A 43  ? 0.2555 0.7999 0.3365 -0.0423 0.0230  0.2052  65  THR A O   
324 C  CB  . THR A 43  ? 0.2765 0.8452 0.3911 -0.0732 0.0514  0.1173  65  THR A CB  
325 O  OG1 . THR A 43  ? 0.3064 0.8417 0.4395 -0.1028 -0.0014 0.0809  65  THR A OG1 
326 C  CG2 . THR A 43  ? 0.2565 0.8802 0.3631 -0.0501 0.0536  0.0867  65  THR A CG2 
327 N  N   . LYS A 44  ? 0.2157 0.7846 0.3462 -0.0339 0.0131  0.1541  66  LYS A N   
328 C  CA  . LYS A 44  ? 0.2313 0.8008 0.3285 -0.0058 0.0425  0.1361  66  LYS A CA  
329 C  C   . LYS A 44  ? 0.2114 0.7929 0.2889 0.0050  0.0144  0.1425  66  LYS A C   
330 O  O   . LYS A 44  ? 0.2129 0.7764 0.3055 0.0503  0.0066  0.1600  66  LYS A O   
331 C  CB  . LYS A 44  ? 0.2804 0.8071 0.3717 0.0502  0.1048  0.1118  66  LYS A CB  
332 C  CG  . LYS A 44  ? 0.3151 0.8223 0.4510 0.0453  0.1457  0.1345  66  LYS A CG  
333 C  CD  . LYS A 44  ? 0.3759 0.8359 0.5254 0.0119  0.1663  0.1641  66  LYS A CD  
334 C  CE  . LYS A 44  ? 0.3886 0.8789 0.5603 -0.0013 0.1782  0.1363  66  LYS A CE  
335 N  NZ  . LYS A 44  ? 0.4314 0.9023 0.5143 0.0365  0.2287  0.1087  66  LYS A NZ  
336 N  N   . GLU A 45  ? 0.2180 0.8187 0.2580 -0.0128 0.0073  0.1309  67  GLU A N   
337 C  CA  . GLU A 45  ? 0.2210 0.8477 0.2930 -0.0287 0.0085  0.1023  67  GLU A CA  
338 C  C   . GLU A 45  ? 0.2356 0.9032 0.2919 -0.0304 0.0061  0.1138  67  GLU A C   
339 O  O   . GLU A 45  ? 0.2613 0.9961 0.2741 -0.0548 -0.0091 0.1194  67  GLU A O   
340 C  CB  . GLU A 45  ? 0.2326 0.8859 0.3385 -0.0150 0.0236  0.0947  67  GLU A CB  
341 C  CG  . GLU A 45  ? 0.2643 0.9677 0.3853 -0.0016 0.0425  0.1251  67  GLU A CG  
342 C  CD  . GLU A 45  ? 0.2879 0.9859 0.4257 0.0087  0.0594  0.1831  67  GLU A CD  
343 O  OE1 . GLU A 45  ? 0.2880 1.0011 0.4042 -0.0049 0.0330  0.2271  67  GLU A OE1 
344 O  OE2 . GLU A 45  ? 0.3084 1.0092 0.4674 0.0692  0.0880  0.1834  67  GLU A OE2 
345 N  N   . GLY A 46  ? 0.2112 0.8177 0.3121 -0.0213 0.0016  0.1079  68  GLY A N   
346 C  CA  . GLY A 46  ? 0.2062 0.8074 0.3144 -0.0115 -0.0056 0.0893  68  GLY A CA  
347 C  C   . GLY A 46  ? 0.2082 0.8075 0.2799 0.0047  0.0108  0.0992  68  GLY A C   
348 O  O   . GLY A 46  ? 0.2312 0.8770 0.2846 -0.0176 0.0177  0.0895  68  GLY A O   
349 N  N   . ILE A 47  ? 0.1987 0.7741 0.2754 0.0096  0.0052  0.0989  69  ILE A N   
350 C  CA  . ILE A 47  ? 0.1921 0.7293 0.2607 -0.0333 -0.0057 0.1194  69  ILE A CA  
351 C  C   . ILE A 47  ? 0.2060 0.7836 0.2614 0.0112  0.0072  0.1415  69  ILE A C   
352 O  O   . ILE A 47  ? 0.2324 0.7664 0.2585 0.0355  0.0135  0.1611  69  ILE A O   
353 C  CB  . ILE A 47  ? 0.1876 0.7116 0.2675 -0.0261 -0.0086 0.1230  69  ILE A CB  
354 C  CG1 . ILE A 47  ? 0.1921 0.7207 0.2318 -0.0158 -0.0076 0.1359  69  ILE A CG1 
355 C  CG2 . ILE A 47  ? 0.1866 0.7287 0.2760 -0.0023 0.0027  0.0895  69  ILE A CG2 
356 C  CD1 . ILE A 47  ? 0.2092 0.7350 0.2407 -0.0303 -0.0240 0.1281  69  ILE A CD1 
357 N  N   . LEU A 48  ? 0.2123 0.7877 0.2473 0.0376  0.0119  0.1492  70  LEU A N   
358 C  CA  . LEU A 48  ? 0.2146 0.7723 0.2523 0.0675  0.0192  0.1609  70  LEU A CA  
359 C  C   . LEU A 48  ? 0.2397 0.7530 0.2706 0.0505  0.0311  0.1799  70  LEU A C   
360 O  O   . LEU A 48  ? 0.2150 0.7939 0.2732 0.0263  0.0083  0.1857  70  LEU A O   
361 C  CB  . LEU A 48  ? 0.2173 0.7179 0.3101 0.0979  -0.0074 0.1126  70  LEU A CB  
362 C  CG  . LEU A 48  ? 0.2151 0.7351 0.3216 0.1087  -0.0008 0.0675  70  LEU A CG  
363 C  CD1 . LEU A 48  ? 0.2085 0.7164 0.3379 0.1087  0.0124  0.0459  70  LEU A CD1 
364 C  CD2 . LEU A 48  ? 0.2229 0.7270 0.3530 0.1244  -0.0100 0.0559  70  LEU A CD2 
365 N  N   . GLN A 49  ? 0.2695 0.7739 0.3280 0.0478  0.0662  0.1935  71  GLN A N   
366 C  CA  . GLN A 49  ? 0.2605 0.8113 0.3812 0.0740  0.0602  0.1474  71  GLN A CA  
367 C  C   . GLN A 49  ? 0.2373 0.8562 0.3342 0.0324  0.0417  0.1153  71  GLN A C   
368 O  O   . GLN A 49  ? 0.2561 0.8846 0.3160 -0.0309 0.0182  0.0687  71  GLN A O   
369 C  CB  . GLN A 49  ? 0.2637 0.8361 0.5456 0.0432  0.0584  0.1636  71  GLN A CB  
370 C  CG  . GLN A 49  ? 0.3767 0.9020 0.7326 0.0364  0.0391  0.1504  71  GLN A CG  
371 C  CD  . GLN A 49  ? 0.4496 0.9809 0.8902 0.0088  0.0224  0.1508  71  GLN A CD  
372 O  OE1 . GLN A 49  ? 0.4870 0.9973 0.9507 -0.0070 0.0060  0.1388  71  GLN A OE1 
373 N  NE2 . GLN A 49  ? 0.5067 1.0254 0.9378 0.0079  0.0275  0.1716  71  GLN A NE2 
374 N  N   . TYR A 50  ? 0.2285 0.7752 0.3449 0.1076  0.0292  0.1294  72  TYR A N   
375 C  CA  . TYR A 50  ? 0.2221 0.8217 0.2945 0.0700  0.0238  0.0940  72  TYR A CA  
376 C  C   . TYR A 50  ? 0.2428 0.8149 0.2684 0.0436  0.0341  0.1419  72  TYR A C   
377 O  O   . TYR A 50  ? 0.2736 0.7979 0.2509 0.0134  0.0404  0.1191  72  TYR A O   
378 C  CB  . TYR A 50  ? 0.2189 0.8190 0.3027 0.0704  0.0179  0.0784  72  TYR A CB  
379 C  CG  . TYR A 50  ? 0.2244 0.7866 0.2961 0.0612  0.0439  0.0964  72  TYR A CG  
380 C  CD1 . TYR A 50  ? 0.2211 0.8026 0.3316 0.0522  0.0360  0.1254  72  TYR A CD1 
381 C  CD2 . TYR A 50  ? 0.2149 0.7890 0.3102 0.0476  0.0383  0.0606  72  TYR A CD2 
382 C  CE1 . TYR A 50  ? 0.2077 0.7747 0.3266 0.0219  0.0252  0.1279  72  TYR A CE1 
383 C  CE2 . TYR A 50  ? 0.2301 0.7829 0.2813 0.0483  0.0495  0.0776  72  TYR A CE2 
384 C  CZ  . TYR A 50  ? 0.2121 0.7587 0.3244 0.0474  0.0418  0.1136  72  TYR A CZ  
385 O  OH  . TYR A 50  ? 0.2288 0.7546 0.2993 0.0444  0.0410  0.0857  72  TYR A OH  
386 N  N   . CYS A 51  ? 0.2233 0.8176 0.2656 0.0466  0.0123  0.1697  73  CYS A N   
387 C  CA  . CYS A 51  ? 0.2185 0.8317 0.2521 0.0330  0.0077  0.1437  73  CYS A CA  
388 C  C   . CYS A 51  ? 0.2166 0.8286 0.2443 0.0291  0.0078  0.1287  73  CYS A C   
389 O  O   . CYS A 51  ? 0.2188 0.8178 0.2647 0.0585  0.0210  0.0904  73  CYS A O   
390 C  CB  . CYS A 51  ? 0.2339 0.8628 0.2530 0.0542  0.0168  0.1230  73  CYS A CB  
391 S  SG  . CYS A 51  ? 0.2455 0.8548 0.2874 0.0466  0.0353  0.1413  73  CYS A SG  
392 N  N   . GLN A 52  ? 0.2016 0.7790 0.2377 -0.0206 -0.0002 0.1080  74  GLN A N   
393 C  CA  . GLN A 52  ? 0.2141 0.8226 0.2779 -0.0165 -0.0117 0.1185  74  GLN A CA  
394 C  C   . GLN A 52  ? 0.2244 0.8586 0.3325 0.0053  -0.0125 0.1299  74  GLN A C   
395 O  O   . GLN A 52  ? 0.2546 0.9178 0.3556 0.0296  -0.0243 0.1326  74  GLN A O   
396 C  CB  . GLN A 52  ? 0.2169 0.8330 0.2915 -0.0309 -0.0181 0.0942  74  GLN A CB  
397 C  CG  . GLN A 52  ? 0.2240 0.8600 0.3193 -0.0263 -0.0233 0.0834  74  GLN A CG  
398 C  CD  . GLN A 52  ? 0.2279 0.8591 0.3558 0.0047  -0.0329 0.0922  74  GLN A CD  
399 O  OE1 . GLN A 52  ? 0.2381 0.8868 0.4002 0.0063  -0.0440 0.0896  74  GLN A OE1 
400 N  NE2 . GLN A 52  ? 0.2231 0.8539 0.3802 0.0385  0.0055  0.1158  74  GLN A NE2 
401 N  N   . GLU A 53  ? 0.2152 0.8028 0.3401 0.0036  -0.0362 0.0833  75  GLU A N   
402 C  CA  . GLU A 53  ? 0.2581 0.8628 0.3520 0.0142  -0.0233 0.0626  75  GLU A CA  
403 C  C   . GLU A 53  ? 0.3109 0.8751 0.2911 0.0013  0.0009  0.0886  75  GLU A C   
404 O  O   . GLU A 53  ? 0.3174 0.8779 0.2549 -0.0096 0.0413  0.0918  75  GLU A O   
405 C  CB  . GLU A 53  ? 0.3123 0.8680 0.4578 0.0667  0.0058  0.0440  75  GLU A CB  
406 C  CG  . GLU A 53  ? 0.3944 0.9730 0.5807 0.0336  0.0243  0.0815  75  GLU A CG  
407 C  CD  . GLU A 53  ? 0.4666 1.0827 0.6731 0.0284  0.0289  0.0888  75  GLU A CD  
408 O  OE1 . GLU A 53  ? 0.5024 1.1126 0.7179 -0.0058 0.0207  0.1167  75  GLU A OE1 
409 O  OE2 . GLU A 53  ? 0.4931 1.1258 0.6968 0.0497  0.0238  0.0621  75  GLU A OE2 
410 N  N   . VAL A 54  ? 0.3127 0.8770 0.2578 -0.0318 -0.0097 0.1016  76  VAL A N   
411 C  CA  . VAL A 54  ? 0.2550 0.8497 0.2739 -0.0291 -0.0185 0.1444  76  VAL A CA  
412 C  C   . VAL A 54  ? 0.2383 0.8540 0.2644 -0.0332 0.0028  0.1447  76  VAL A C   
413 O  O   . VAL A 54  ? 0.2978 0.8311 0.3376 -0.0002 0.0278  0.2003  76  VAL A O   
414 C  CB  . VAL A 54  ? 0.2784 0.8801 0.3138 -0.0265 -0.0339 0.1534  76  VAL A CB  
415 C  CG1 . VAL A 54  ? 0.2752 0.8874 0.3752 -0.0208 -0.0678 0.1660  76  VAL A CG1 
416 C  CG2 . VAL A 54  ? 0.2653 0.8884 0.2901 -0.0494 -0.0162 0.1081  76  VAL A CG2 
417 N  N   . TYR A 55  ? 0.2383 0.8403 0.2431 -0.0250 0.0010  0.1244  77  TYR A N   
418 C  CA  . TYR A 55  ? 0.2057 0.7810 0.2327 0.0364  0.0088  0.1284  77  TYR A CA  
419 C  C   . TYR A 55  ? 0.2287 0.8047 0.2491 0.0037  -0.0182 0.1212  77  TYR A C   
420 O  O   . TYR A 55  ? 0.2258 0.7564 0.2611 0.0636  -0.0133 0.1233  77  TYR A O   
421 C  CB  . TYR A 55  ? 0.2058 0.7380 0.2578 0.0728  0.0192  0.1369  77  TYR A CB  
422 C  CG  . TYR A 55  ? 0.2126 0.7220 0.2257 0.0944  0.0235  0.1316  77  TYR A CG  
423 C  CD1 . TYR A 55  ? 0.1978 0.7006 0.2242 0.0793  0.0162  0.1195  77  TYR A CD1 
424 C  CD2 . TYR A 55  ? 0.2183 0.7200 0.2684 0.1050  0.0371  0.1330  77  TYR A CD2 
425 C  CE1 . TYR A 55  ? 0.2174 0.7358 0.2601 0.0994  0.0185  0.1360  77  TYR A CE1 
426 C  CE2 . TYR A 55  ? 0.1984 0.7153 0.2860 0.0729  0.0229  0.1037  77  TYR A CE2 
427 C  CZ  . TYR A 55  ? 0.2167 0.7620 0.2845 0.0917  0.0225  0.1218  77  TYR A CZ  
428 O  OH  . TYR A 55  ? 0.2175 0.7667 0.2999 0.0846  0.0227  0.1417  77  TYR A OH  
429 N  N   . PRO A 56  ? 0.2733 0.8102 0.2799 0.0129  -0.0515 0.1218  78  PRO A N   
430 C  CA  . PRO A 56  ? 0.3187 0.8176 0.3035 0.0393  -0.0712 0.1328  78  PRO A CA  
431 C  C   . PRO A 56  ? 0.3107 0.8254 0.3543 0.0363  -0.0894 0.1431  78  PRO A C   
432 O  O   . PRO A 56  ? 0.3306 0.8776 0.3938 -0.0046 -0.1041 0.1777  78  PRO A O   
433 C  CB  . PRO A 56  ? 0.3328 0.8329 0.2744 0.0644  -0.0655 0.0872  78  PRO A CB  
434 C  CG  . PRO A 56  ? 0.3341 0.8551 0.2947 0.0583  -0.0684 0.1086  78  PRO A CG  
435 C  CD  . PRO A 56  ? 0.3044 0.8369 0.2746 0.0403  -0.0355 0.1418  78  PRO A CD  
436 N  N   . GLU A 57  ? 0.2980 0.8154 0.3261 0.0096  -0.0687 0.1669  79  GLU A N   
437 C  CA  . GLU A 57  ? 0.2807 0.8402 0.3155 -0.0177 -0.0549 0.1725  79  GLU A CA  
438 C  C   . GLU A 57  ? 0.2564 0.8535 0.3025 -0.0057 -0.0238 0.1891  79  GLU A C   
439 O  O   . GLU A 57  ? 0.2640 0.8897 0.2607 0.0039  -0.0035 0.1410  79  GLU A O   
440 C  CB  . GLU A 57  ? 0.3107 0.9195 0.3731 -0.0067 -0.0833 0.1579  79  GLU A CB  
441 C  CG  . GLU A 57  ? 0.3632 1.0365 0.4330 -0.0086 -0.0858 0.1622  79  GLU A CG  
442 C  CD  . GLU A 57  ? 0.4010 1.1657 0.4665 -0.0251 -0.0778 0.1484  79  GLU A CD  
443 O  OE1 . GLU A 57  ? 0.3888 1.2081 0.4977 -0.0211 -0.1127 0.1492  79  GLU A OE1 
444 O  OE2 . GLU A 57  ? 0.4327 1.2295 0.4354 -0.0397 -0.0545 0.1411  79  GLU A OE2 
445 N  N   . LEU A 58  ? 0.2436 0.8186 0.3167 0.0251  -0.0275 0.1721  80  LEU A N   
446 C  CA  . LEU A 58  ? 0.2366 0.7956 0.3106 0.0618  -0.0098 0.1702  80  LEU A CA  
447 C  C   . LEU A 58  ? 0.2314 0.8453 0.3073 0.0173  0.0060  0.2170  80  LEU A C   
448 O  O   . LEU A 58  ? 0.2289 0.8528 0.3274 0.0193  0.0209  0.1569  80  LEU A O   
449 C  CB  . LEU A 58  ? 0.2277 0.7742 0.3226 0.0287  -0.0150 0.1948  80  LEU A CB  
450 C  CG  . LEU A 58  ? 0.2165 0.7646 0.3130 0.0167  -0.0092 0.1955  80  LEU A CG  
451 C  CD1 . LEU A 58  ? 0.2079 0.7646 0.2679 0.0280  0.0080  0.1809  80  LEU A CD1 
452 C  CD2 . LEU A 58  ? 0.2089 0.7431 0.3013 0.0018  0.0006  0.2219  80  LEU A CD2 
453 N  N   . GLN A 59  ? 0.2305 0.8380 0.3047 0.0152  0.0076  0.2121  81  GLN A N   
454 C  CA  . GLN A 59  ? 0.2475 0.8716 0.3307 0.0565  0.0224  0.2356  81  GLN A CA  
455 C  C   . GLN A 59  ? 0.2520 0.8444 0.3624 0.0812  0.0341  0.2536  81  GLN A C   
456 O  O   . GLN A 59  ? 0.2752 0.8036 0.4436 0.1063  0.0621  0.3233  81  GLN A O   
457 C  CB  . GLN A 59  ? 0.2866 0.9019 0.3478 0.0422  0.0291  0.2464  81  GLN A CB  
458 C  CG  . GLN A 59  ? 0.3161 0.9151 0.3904 0.0465  0.0470  0.2504  81  GLN A CG  
459 C  CD  . GLN A 59  ? 0.3399 0.9665 0.4330 0.0407  0.0591  0.2060  81  GLN A CD  
460 O  OE1 . GLN A 59  ? 0.3344 0.9382 0.4261 0.0830  0.0659  0.1519  81  GLN A OE1 
461 N  NE2 . GLN A 59  ? 0.3462 0.9993 0.4814 0.0146  0.0559  0.2168  81  GLN A NE2 
462 N  N   . ILE A 60  ? 0.2280 0.7719 0.3125 0.0798  0.0277  0.2102  82  ILE A N   
463 C  CA  . ILE A 60  ? 0.2180 0.7456 0.2802 0.0706  0.0267  0.1983  82  ILE A CA  
464 C  C   . ILE A 60  ? 0.2263 0.8011 0.2568 0.0800  0.0231  0.1565  82  ILE A C   
465 O  O   . ILE A 60  ? 0.2444 0.8015 0.3004 0.1296  0.0170  0.1217  82  ILE A O   
466 C  CB  . ILE A 60  ? 0.2080 0.7449 0.2594 0.0401  0.0118  0.1769  82  ILE A CB  
467 C  CG1 . ILE A 60  ? 0.1931 0.7403 0.2189 -0.0157 -0.0038 0.1214  82  ILE A CG1 
468 C  CG2 . ILE A 60  ? 0.1985 0.7484 0.2336 0.0247  0.0047  0.1396  82  ILE A CG2 
469 C  CD1 . ILE A 60  ? 0.1805 0.6812 0.2144 0.0216  0.0057  0.1327  82  ILE A CD1 
470 N  N   . THR A 61  ? 0.2193 0.8009 0.2584 0.0551  0.0154  0.1635  83  THR A N   
471 C  CA  . THR A 61  ? 0.2275 0.8415 0.2646 0.0539  0.0139  0.1621  83  THR A CA  
472 C  C   . THR A 61  ? 0.2272 0.8206 0.2926 0.0395  0.0205  0.1828  83  THR A C   
473 O  O   . THR A 61  ? 0.2259 0.8281 0.3377 0.0433  0.0171  0.1795  83  THR A O   
474 C  CB  . THR A 61  ? 0.2333 0.8536 0.2603 0.0751  0.0159  0.1174  83  THR A CB  
475 O  OG1 . THR A 61  ? 0.2735 0.8720 0.3149 0.0925  0.0076  0.1187  83  THR A OG1 
476 C  CG2 . THR A 61  ? 0.2252 0.8328 0.2514 0.0762  0.0183  0.0767  83  THR A CG2 
477 N  N   . ASN A 62  ? 0.2177 0.7983 0.2630 0.0482  0.0133  0.1702  84  ASN A N   
478 C  CA  . ASN A 62  ? 0.2284 0.8128 0.3035 0.0718  0.0264  0.1741  84  ASN A CA  
479 C  C   . ASN A 62  ? 0.2372 0.8662 0.2845 0.0713  0.0175  0.1635  84  ASN A C   
480 O  O   . ASN A 62  ? 0.2257 0.8553 0.2549 0.0361  0.0088  0.1426  84  ASN A O   
481 C  CB  . ASN A 62  ? 0.2600 0.7839 0.3374 0.1464  0.0566  0.1631  84  ASN A CB  
482 C  CG  . ASN A 62  ? 0.2936 0.9189 0.3984 0.1321  0.0790  0.1298  84  ASN A CG  
483 O  OD1 . ASN A 62  ? 0.2913 0.9569 0.4053 0.1159  0.0718  0.1328  84  ASN A OD1 
484 N  ND2 . ASN A 62  ? 0.3139 0.9849 0.4415 0.1042  0.0989  0.1251  84  ASN A ND2 
485 N  N   . VAL A 63  ? 0.2329 0.8629 0.2681 0.0615  0.0152  0.1567  85  VAL A N   
486 C  CA  . VAL A 63  ? 0.2350 0.8371 0.2533 0.0893  0.0203  0.1419  85  VAL A CA  
487 C  C   . VAL A 63  ? 0.2369 0.8059 0.2598 0.1040  0.0258  0.1568  85  VAL A C   
488 O  O   . VAL A 63  ? 0.2435 0.7983 0.2645 0.1202  0.0334  0.1645  85  VAL A O   
489 C  CB  . VAL A 63  ? 0.2402 0.8526 0.2591 0.0702  0.0249  0.1291  85  VAL A CB  
490 C  CG1 . VAL A 63  ? 0.2200 0.8439 0.2360 0.0484  0.0065  0.1005  85  VAL A CG1 
491 C  CG2 . VAL A 63  ? 0.2366 0.8252 0.2881 -0.0086 0.0225  0.1563  85  VAL A CG2 
492 N  N   . VAL A 64  ? 0.2236 0.7920 0.2423 0.0810  0.0206  0.1381  86  VAL A N   
493 C  CA  . VAL A 64  ? 0.2620 0.8325 0.2509 0.1155  0.0207  0.1332  86  VAL A CA  
494 C  C   . VAL A 64  ? 0.2898 0.8068 0.2524 0.1236  0.0093  0.1323  86  VAL A C   
495 O  O   . VAL A 64  ? 0.3060 0.8234 0.2546 0.1170  0.0049  0.1322  86  VAL A O   
496 C  CB  . VAL A 64  ? 0.3038 0.8430 0.2333 0.1030  0.0176  0.0939  86  VAL A CB  
497 C  CG1 . VAL A 64  ? 0.2953 0.8615 0.2532 0.1189  -0.0195 0.0622  86  VAL A CG1 
498 C  CG2 . VAL A 64  ? 0.3402 0.8638 0.2438 0.1391  0.0155  0.0796  86  VAL A CG2 
499 N  N   . GLU A 65  ? 0.3470 0.8056 0.2709 0.1157  0.0431  0.1631  87  GLU A N   
500 C  CA  . GLU A 65  ? 0.3853 0.8176 0.2743 0.1712  0.0256  0.1452  87  GLU A CA  
501 C  C   . GLU A 65  ? 0.3709 0.8276 0.2884 0.1892  -0.0113 0.0881  87  GLU A C   
502 O  O   . GLU A 65  ? 0.3829 0.9066 0.3408 0.1788  -0.0324 0.0620  87  GLU A O   
503 C  CB  . GLU A 65  ? 0.4196 0.8569 0.2682 0.1385  0.0329  0.1482  87  GLU A CB  
504 C  CG  . GLU A 65  ? 0.4528 0.8970 0.2913 0.0989  0.0685  0.1633  87  GLU A CG  
505 C  CD  . GLU A 65  ? 0.4734 0.9165 0.3454 0.0896  0.1008  0.1830  87  GLU A CD  
506 O  OE1 . GLU A 65  ? 0.4838 0.9481 0.3870 0.1222  0.1420  0.1931  87  GLU A OE1 
507 O  OE2 . GLU A 65  ? 0.4606 0.9032 0.3584 0.0607  0.0863  0.2087  87  GLU A OE2 
508 N  N   . ALA A 66  ? 0.3551 0.8098 0.2876 0.2106  -0.0445 0.0399  88  ALA A N   
509 C  CA  . ALA A 66  ? 0.3612 0.8405 0.2837 0.2085  -0.0365 -0.0015 88  ALA A CA  
510 C  C   . ALA A 66  ? 0.3827 0.8599 0.3616 0.2215  -0.0564 0.0298  88  ALA A C   
511 O  O   . ALA A 66  ? 0.4346 0.8250 0.3002 0.2615  -0.0490 0.0418  88  ALA A O   
512 C  CB  . ALA A 66  ? 0.3335 0.8495 0.2821 0.2094  -0.0202 0.0163  88  ALA A CB  
513 N  N   . ASN A 67  ? 0.3362 0.8947 0.4557 0.2121  -0.0671 0.0220  89  ASN A N   
514 C  CA  A ASN A 67  ? 0.3325 0.9009 0.4780 0.2063  -0.0534 0.0174  89  ASN A CA  
515 C  CA  B ASN A 67  ? 0.3434 0.9390 0.4797 0.1672  -0.0582 0.0175  89  ASN A CA  
516 C  C   . ASN A 67  ? 0.3014 0.9202 0.4612 0.1565  -0.0639 0.0466  89  ASN A C   
517 O  O   . ASN A 67  ? 0.3165 1.0410 0.4810 0.1214  -0.0368 0.0341  89  ASN A O   
518 C  CB  A ASN A 67  ? 0.3789 0.8755 0.5053 0.2273  -0.0332 0.0020  89  ASN A CB  
519 C  CB  B ASN A 67  ? 0.4094 0.9869 0.5040 0.1005  -0.0489 0.0079  89  ASN A CB  
520 C  CG  A ASN A 67  ? 0.4114 0.8340 0.5129 0.2553  -0.0126 -0.0134 89  ASN A CG  
521 C  CG  B ASN A 67  ? 0.4529 1.0034 0.5108 0.0351  -0.0408 0.0044  89  ASN A CG  
522 O  OD1 A ASN A 67  ? 0.4346 0.8280 0.5388 0.2720  0.0040  -0.0005 89  ASN A OD1 
523 O  OD1 B ASN A 67  ? 0.4949 1.0256 0.5588 0.0191  -0.0086 0.0384  89  ASN A OD1 
524 N  ND2 A ASN A 67  ? 0.4280 0.8320 0.4990 0.2161  -0.0209 -0.0213 89  ASN A ND2 
525 N  ND2 B ASN A 67  ? 0.4431 0.9806 0.4870 0.0113  -0.0682 -0.0258 89  ASN A ND2 
526 N  N   . GLN A 68  ? 0.2860 0.8464 0.3789 0.1413  -0.0471 0.0879  90  GLN A N   
527 C  CA  . GLN A 68  ? 0.2510 0.7759 0.3929 0.0980  -0.0495 0.1156  90  GLN A CA  
528 C  C   . GLN A 68  ? 0.2343 0.7236 0.3760 0.0426  -0.0418 0.1852  90  GLN A C   
529 O  O   . GLN A 68  ? 0.2399 0.7733 0.3395 0.0624  -0.0357 0.1454  90  GLN A O   
530 C  CB  . GLN A 68  ? 0.3255 0.8241 0.4180 0.1150  -0.0581 0.0725  90  GLN A CB  
531 C  CG  . GLN A 68  ? 0.3914 0.8193 0.4234 0.1087  -0.0296 0.0229  90  GLN A CG  
532 C  CD  . GLN A 68  ? 0.4342 0.8418 0.4695 0.1117  0.0241  0.0076  90  GLN A CD  
533 O  OE1 . GLN A 68  ? 0.4633 0.8725 0.4374 0.0659  0.0963  0.0032  90  GLN A OE1 
534 N  NE2 . GLN A 68  ? 0.4313 0.8293 0.5479 0.1379  -0.0023 0.0289  90  GLN A NE2 
535 N  N   . PRO A 69  ? 0.2168 0.6936 0.3315 0.0157  -0.0132 0.2265  91  PRO A N   
536 C  CA  . PRO A 69  ? 0.2010 0.7005 0.2911 0.0316  0.0134  0.2152  91  PRO A CA  
537 C  C   . PRO A 69  ? 0.2133 0.7422 0.3088 0.0382  0.0169  0.2259  91  PRO A C   
538 O  O   . PRO A 69  ? 0.2193 0.7717 0.3197 0.0276  0.0107  0.2325  91  PRO A O   
539 C  CB  . PRO A 69  ? 0.2121 0.6965 0.2900 0.0356  0.0030  0.2052  91  PRO A CB  
540 C  CG  . PRO A 69  ? 0.2072 0.6965 0.2863 0.0065  -0.0047 0.2072  91  PRO A CG  
541 C  CD  . PRO A 69  ? 0.2081 0.6838 0.2818 0.0232  -0.0021 0.2000  91  PRO A CD  
542 N  N   . VAL A 70  ? 0.2125 0.7276 0.2790 0.0650  0.0262  0.1981  92  VAL A N   
543 C  CA  A VAL A 70  ? 0.2216 0.7564 0.2785 0.0811  0.0288  0.1943  92  VAL A CA  
544 C  CA  B VAL A 70  ? 0.2218 0.7473 0.2704 0.0868  0.0314  0.1840  92  VAL A CA  
545 C  C   . VAL A 70  ? 0.2288 0.7864 0.2877 0.0918  0.0274  0.1746  92  VAL A C   
546 O  O   . VAL A 70  ? 0.2337 0.8155 0.3103 0.0971  0.0319  0.1344  92  VAL A O   
547 C  CB  A VAL A 70  ? 0.2121 0.7675 0.2923 0.0568  0.0141  0.1647  92  VAL A CB  
548 C  CB  B VAL A 70  ? 0.2156 0.7651 0.2515 0.0754  0.0221  0.1587  92  VAL A CB  
549 C  CG1 A VAL A 70  ? 0.2162 0.7899 0.3303 0.0345  0.0039  0.1793  92  VAL A CG1 
550 C  CG1 B VAL A 70  ? 0.2175 0.7195 0.2317 0.0749  0.0187  0.1437  92  VAL A CG1 
551 C  CG2 A VAL A 70  ? 0.2021 0.7478 0.2783 0.0364  0.0143  0.1549  92  VAL A CG2 
552 C  CG2 B VAL A 70  ? 0.2203 0.8009 0.2739 0.0501  0.0156  0.1842  92  VAL A CG2 
553 N  N   . THR A 71  ? 0.2253 0.7599 0.2771 0.0970  0.0322  0.1717  93  THR A N   
554 C  CA  . THR A 71  ? 0.2274 0.7746 0.3042 0.0964  0.0314  0.1642  93  THR A CA  
555 C  C   . THR A 71  ? 0.2409 0.8132 0.2876 0.1134  0.0355  0.1314  93  THR A C   
556 O  O   . THR A 71  ? 0.2616 0.8809 0.2976 0.0597  0.0468  0.1251  93  THR A O   
557 C  CB  . THR A 71  ? 0.2297 0.7947 0.3273 0.0933  0.0286  0.1580  93  THR A CB  
558 O  OG1 . THR A 71  ? 0.2348 0.8291 0.3541 0.0773  0.0087  0.1685  93  THR A OG1 
559 C  CG2 . THR A 71  ? 0.2259 0.7686 0.3454 0.0987  0.0319  0.1477  93  THR A CG2 
560 N  N   . ILE A 72  ? 0.2457 0.7563 0.2760 0.1448  0.0396  0.1265  94  ILE A N   
561 C  CA  . ILE A 72  ? 0.2399 0.7754 0.2829 0.1232  0.0101  0.1232  94  ILE A CA  
562 C  C   . ILE A 72  ? 0.2575 0.8486 0.3208 0.1345  0.0095  0.1162  94  ILE A C   
563 O  O   . ILE A 72  ? 0.2988 0.8148 0.3321 0.1764  0.0113  0.0875  94  ILE A O   
564 C  CB  . ILE A 72  ? 0.2260 0.7905 0.2982 0.0907  0.0264  0.1483  94  ILE A CB  
565 C  CG1 . ILE A 72  ? 0.2201 0.7256 0.3152 0.0790  0.0491  0.1615  94  ILE A CG1 
566 C  CG2 . ILE A 72  ? 0.2320 0.7903 0.2708 0.1016  0.0342  0.1323  94  ILE A CG2 
567 C  CD1 . ILE A 72  ? 0.2516 0.7521 0.3585 0.0798  0.0735  0.1980  94  ILE A CD1 
568 N  N   . GLN A 73  ? 0.2592 0.8916 0.3478 0.1294  0.0022  0.0813  95  GLN A N   
569 C  CA  . GLN A 73  ? 0.2808 0.9543 0.3375 0.1293  0.0280  0.0791  95  GLN A CA  
570 C  C   . GLN A 73  ? 0.3165 0.9260 0.3699 0.1500  0.0425  0.1317  95  GLN A C   
571 O  O   . GLN A 73  ? 0.3173 0.8730 0.3056 0.1936  0.0595  0.1433  95  GLN A O   
572 C  CB  . GLN A 73  ? 0.2419 0.9276 0.3593 0.0404  -0.0134 0.0949  95  GLN A CB  
573 C  CG  . GLN A 73  ? 0.2542 0.9319 0.4371 0.0576  -0.0112 0.1580  95  GLN A CG  
574 C  CD  . GLN A 73  ? 0.2572 0.9207 0.4643 0.0706  -0.0029 0.1784  95  GLN A CD  
575 O  OE1 . GLN A 73  ? 0.2537 0.8695 0.4749 0.1203  0.0256  0.1165  95  GLN A OE1 
576 N  NE2 . GLN A 73  ? 0.2622 0.8971 0.3856 0.0219  0.0097  0.2873  95  GLN A NE2 
577 N  N   . ASN A 74  ? 0.3392 0.9333 0.4209 0.1346  0.0689  0.1588  96  ASN A N   
578 C  CA  . ASN A 74  ? 0.3362 1.0030 0.4609 0.1414  0.1088  0.1440  96  ASN A CA  
579 C  C   . ASN A 74  ? 0.3232 1.0482 0.5604 0.1571  0.0777  0.1535  96  ASN A C   
580 O  O   . ASN A 74  ? 0.3616 1.0915 0.5184 0.2153  0.0689  0.1776  96  ASN A O   
581 C  CB  . ASN A 74  ? 0.3448 0.9957 0.5049 0.1331  0.1302  0.1518  96  ASN A CB  
582 C  CG  . ASN A 74  ? 0.3700 1.0548 0.5505 0.1339  0.1394  0.1825  96  ASN A CG  
583 O  OD1 . ASN A 74  ? 0.3973 1.0549 0.5968 0.1733  0.1319  0.2015  96  ASN A OD1 
584 N  ND2 . ASN A 74  ? 0.3672 1.0449 0.5764 0.0922  0.1431  0.1925  96  ASN A ND2 
585 N  N   . TRP A 75  ? 0.3217 0.9546 0.6436 0.1168  0.0844  0.1456  97  TRP A N   
586 C  CA  A TRP A 75  ? 0.2908 0.8721 0.6506 0.1028  0.0673  0.1284  97  TRP A CA  
587 C  CA  B TRP A 75  ? 0.3235 0.8933 0.7208 0.1055  0.0423  0.1362  97  TRP A CA  
588 C  C   . TRP A 75  ? 0.3328 0.9076 0.8361 0.0843  0.0316  0.1482  97  TRP A C   
589 O  O   . TRP A 75  ? 0.3310 0.8960 0.9383 0.0605  -0.0184 0.1677  97  TRP A O   
590 C  CB  A TRP A 75  ? 0.2566 0.7815 0.4852 0.0815  0.0921  0.1281  97  TRP A CB  
591 C  CB  B TRP A 75  ? 0.3463 0.8215 0.6908 0.0974  0.0190  0.1402  97  TRP A CB  
592 C  CG  A TRP A 75  ? 0.2200 0.6471 0.3473 0.0554  0.0899  0.1048  97  TRP A CG  
593 C  CG  B TRP A 75  ? 0.3257 0.6967 0.6750 0.1476  -0.0149 0.1483  97  TRP A CG  
594 C  CD1 A TRP A 75  ? 0.2222 0.6091 0.3351 0.0648  0.0996  0.0895  97  TRP A CD1 
595 C  CD1 B TRP A 75  ? 0.3124 0.6811 0.6645 0.1752  -0.0401 0.1501  97  TRP A CD1 
596 C  CD2 A TRP A 75  ? 0.2016 0.5960 0.3305 0.0824  0.0748  0.1104  97  TRP A CD2 
597 C  CD2 B TRP A 75  ? 0.3073 0.6809 0.6487 0.1354  -0.0391 0.1504  97  TRP A CD2 
598 N  NE1 A TRP A 75  ? 0.2061 0.5725 0.3499 0.1093  0.0771  0.0857  97  TRP A NE1 
599 N  NE1 B TRP A 75  ? 0.3086 0.7198 0.6390 0.1517  -0.0380 0.1318  97  TRP A NE1 
600 C  CE2 A TRP A 75  ? 0.1968 0.5972 0.3366 0.0790  0.0706  0.1107  97  TRP A CE2 
601 C  CE2 B TRP A 75  ? 0.3024 0.6675 0.6520 0.1369  -0.0473 0.1577  97  TRP A CE2 
602 C  CE3 A TRP A 75  ? 0.1908 0.5822 0.3165 0.0562  0.0698  0.1157  97  TRP A CE3 
603 C  CE3 B TRP A 75  ? 0.3121 0.6777 0.6284 0.1443  -0.0355 0.1528  97  TRP A CE3 
604 C  CZ2 A TRP A 75  ? 0.1831 0.5778 0.3635 0.0613  0.0626  0.1231  97  TRP A CZ2 
605 C  CZ2 B TRP A 75  ? 0.3154 0.6558 0.6533 0.1137  -0.0451 0.1714  97  TRP A CZ2 
606 C  CZ3 A TRP A 75  ? 0.1774 0.5637 0.3256 0.0574  0.0527  0.1395  97  TRP A CZ3 
607 C  CZ3 B TRP A 75  ? 0.3259 0.6851 0.6339 0.1101  -0.0438 0.1608  97  TRP A CZ3 
608 C  CH2 A TRP A 75  ? 0.1811 0.5544 0.3236 0.0456  0.0584  0.1521  97  TRP A CH2 
609 C  CH2 B TRP A 75  ? 0.3208 0.6608 0.6475 0.1046  -0.0521 0.1651  97  TRP A CH2 
610 N  N   . CYS A 76  ? 0.4282 0.9470 0.9758 0.0321  0.0772  0.1610  98  CYS A N   
611 C  CA  . CYS A 76  ? 0.5448 0.9724 1.1063 0.0127  0.1329  0.1665  98  CYS A CA  
612 C  C   . CYS A 76  ? 0.6164 0.9539 1.1922 0.0230  0.1401  0.1426  98  CYS A C   
613 O  O   . CYS A 76  ? 0.5845 0.9490 1.2066 0.0217  0.1532  0.1307  98  CYS A O   
614 C  CB  . CYS A 76  ? 0.5888 1.0452 1.1501 -0.0122 0.1590  0.1787  98  CYS A CB  
615 S  SG  . CYS A 76  ? 0.6151 1.0956 1.2122 -0.0129 0.1688  0.1881  98  CYS A SG  
616 N  N   . LYS A 77  ? 0.6858 0.9554 1.2364 0.0319  0.1201  0.1274  99  LYS A N   
617 C  CA  . LYS A 77  ? 0.7500 0.9699 1.2347 0.0513  0.0844  0.0836  99  LYS A CA  
618 C  C   . LYS A 77  ? 0.8243 1.0114 1.2305 0.0198  0.0734  0.0693  99  LYS A C   
619 O  O   . LYS A 77  ? 0.8459 1.0144 1.2410 0.0061  0.0980  0.0819  99  LYS A O   
620 C  CB  . LYS A 77  ? 0.7458 0.9365 1.2231 0.1020  0.0704  0.0519  99  LYS A CB  
621 C  CG  . LYS A 77  ? 0.7339 0.9064 1.2098 0.1312  0.0585  0.0088  99  LYS A CG  
622 C  CD  . LYS A 77  ? 0.7104 0.8773 1.2130 0.1324  0.0403  -0.0318 99  LYS A CD  
623 C  CE  . LYS A 77  ? 0.6871 0.8225 1.2204 0.1188  0.0303  -0.0557 99  LYS A CE  
624 N  NZ  . LYS A 77  ? 0.6784 0.7927 1.2284 0.1069  0.0255  -0.0638 99  LYS A NZ  
625 N  N   . ARG A 78  ? 0.8643 1.0351 1.2076 0.0034  0.0362  0.0488  100 ARG A N   
626 C  CA  . ARG A 78  ? 0.8794 1.0359 1.2018 -0.0219 -0.0087 0.0551  100 ARG A CA  
627 C  C   . ARG A 78  ? 0.8808 1.0547 1.2250 -0.0541 -0.0384 0.0643  100 ARG A C   
628 O  O   . ARG A 78  ? 0.8737 1.0671 1.2372 -0.0779 -0.0522 0.0714  100 ARG A O   
629 C  CB  . ARG A 78  ? 0.8867 1.0139 1.2033 -0.0121 -0.0200 0.0703  100 ARG A CB  
630 C  CG  . ARG A 78  ? 0.9188 1.0206 1.2069 0.0110  -0.0141 0.0979  100 ARG A CG  
631 C  CD  . ARG A 78  ? 0.9474 1.0260 1.2194 0.0492  -0.0038 0.1297  100 ARG A CD  
632 N  NE  . ARG A 78  ? 0.9642 1.0147 1.2403 0.0806  0.0031  0.1660  100 ARG A NE  
633 C  CZ  . ARG A 78  ? 0.9762 0.9677 1.2598 0.0996  0.0149  0.2147  100 ARG A CZ  
634 N  NH1 . ARG A 78  ? 0.9830 0.9973 1.2528 0.0928  0.0165  0.2136  100 ARG A NH1 
635 N  NH2 . ARG A 78  ? 0.9774 0.9204 1.2706 0.1153  0.0226  0.2425  100 ARG A NH2 
636 N  N   . GLY A 79  ? 0.8812 1.0479 1.2372 -0.0722 -0.0581 0.0518  101 GLY A N   
637 C  CA  . GLY A 79  ? 0.8888 1.0588 1.2414 -0.0468 -0.0628 0.0431  101 GLY A CA  
638 C  C   . GLY A 79  ? 0.8982 1.0751 1.2601 0.0077  -0.0536 0.0725  101 GLY A C   
639 O  O   . GLY A 79  ? 0.9154 1.1224 1.2874 0.0313  -0.0598 0.0900  101 GLY A O   
640 N  N   . ARG A 80  ? 0.8788 1.0473 1.2431 0.0070  -0.0454 0.0865  102 ARG A N   
641 C  CA  . ARG A 80  ? 0.8699 0.9963 1.2200 0.0275  -0.0386 0.0977  102 ARG A CA  
642 C  C   . ARG A 80  ? 0.8765 1.0235 1.1811 0.0466  -0.0496 0.0657  102 ARG A C   
643 O  O   . ARG A 80  ? 0.8652 1.0106 1.1912 0.0319  -0.0577 0.0425  102 ARG A O   
644 C  CB  . ARG A 80  ? 0.8539 0.9361 1.2311 0.0292  -0.0344 0.1234  102 ARG A CB  
645 C  CG  . ARG A 80  ? 0.8404 0.9096 1.2345 0.0209  -0.0361 0.1276  102 ARG A CG  
646 C  CD  . ARG A 80  ? 0.8282 0.9048 1.2451 0.0498  -0.0366 0.1262  102 ARG A CD  
647 N  NE  . ARG A 80  ? 0.8255 0.9473 1.2474 0.0824  -0.0359 0.1142  102 ARG A NE  
648 C  CZ  . ARG A 80  ? 0.8206 1.0123 1.2425 0.0747  -0.0325 0.0883  102 ARG A CZ  
649 N  NH1 . ARG A 80  ? 0.8159 1.0630 1.2172 0.0630  -0.0407 0.0611  102 ARG A NH1 
650 N  NH2 . ARG A 80  ? 0.8116 0.9751 1.2597 0.0790  -0.0288 0.0924  102 ARG A NH2 
651 N  N   . LYS A 81  ? 0.8997 1.0646 1.1209 0.1038  -0.0495 0.0517  103 LYS A N   
652 C  CA  . LYS A 81  ? 0.9281 1.1102 1.0597 0.1535  -0.0528 0.0260  103 LYS A CA  
653 C  C   . LYS A 81  ? 0.9465 1.1592 1.0457 0.1739  -0.0493 0.0150  103 LYS A C   
654 O  O   . LYS A 81  ? 0.9128 1.1886 1.0370 0.2022  -0.0700 0.0211  103 LYS A O   
655 C  CB  . LYS A 81  ? 0.9438 1.0992 1.0375 0.1726  -0.0592 0.0254  103 LYS A CB  
656 C  CG  . LYS A 81  ? 0.9475 1.0897 1.0037 0.1787  -0.0755 0.0150  103 LYS A CG  
657 C  CD  . LYS A 81  ? 0.9511 1.0828 0.9787 0.1838  -0.0902 0.0115  103 LYS A CD  
658 C  CE  . LYS A 81  ? 0.9472 1.0577 0.9597 0.1909  -0.1018 0.0252  103 LYS A CE  
659 N  NZ  . LYS A 81  ? 0.9414 1.0429 0.9549 0.1850  -0.1114 0.0458  103 LYS A NZ  
660 N  N   . GLN A 82  ? 1.0077 1.1590 1.0432 0.1481  -0.0137 -0.0136 104 GLN A N   
661 C  CA  . GLN A 82  ? 1.0412 1.1368 1.0516 0.1060  0.0067  -0.0347 104 GLN A CA  
662 C  C   . GLN A 82  ? 1.0435 1.1651 1.0247 0.0537  0.0140  -0.0462 104 GLN A C   
663 O  O   . GLN A 82  ? 1.0655 1.2017 1.0220 0.0568  0.0252  -0.0362 104 GLN A O   
664 C  CB  . GLN A 82  ? 1.0561 1.0991 1.0776 0.0950  0.0100  -0.0452 104 GLN A CB  
665 C  CG  . GLN A 82  ? 1.0537 1.1207 1.0974 0.0692  -0.0007 -0.0498 104 GLN A CG  
666 C  CD  . GLN A 82  ? 1.0441 1.1650 1.1113 0.0445  -0.0099 -0.0467 104 GLN A CD  
667 O  OE1 . GLN A 82  ? 1.0406 1.1813 1.1220 0.0443  -0.0148 -0.0525 104 GLN A OE1 
668 N  NE2 . GLN A 82  ? 1.0434 1.1808 1.1046 0.0221  -0.0085 -0.0376 104 GLN A NE2 
669 N  N   . CYS A 83  ? 1.0191 1.1377 1.0007 0.0071  0.0087  -0.0641 105 CYS A N   
670 C  CA  . CYS A 83  ? 1.0046 1.1176 0.9808 -0.0048 0.0257  -0.0494 105 CYS A CA  
671 C  C   . CYS A 83  ? 0.9878 1.1140 0.9604 0.0568  0.0373  -0.0300 105 CYS A C   
672 O  O   . CYS A 83  ? 0.9952 1.1224 0.9548 0.0876  0.0487  -0.0545 105 CYS A O   
673 C  CB  . CYS A 83  ? 1.0164 1.1105 0.9830 -0.0619 0.0353  -0.0278 105 CYS A CB  
674 S  SG  . CYS A 83  ? 1.0394 1.1276 0.9974 -0.1019 0.0502  -0.0069 105 CYS A SG  
675 N  N   . LYS A 84  ? 0.9710 1.1032 0.9291 0.0769  0.0461  0.0292  106 LYS A N   
676 C  CA  . LYS A 84  ? 0.9376 1.0681 0.8642 0.0957  0.0720  0.0684  106 LYS A CA  
677 C  C   . LYS A 84  ? 0.8873 1.0379 0.7873 0.0914  0.0952  0.0848  106 LYS A C   
678 O  O   . LYS A 84  ? 0.8910 1.0642 0.7963 0.1161  0.1120  0.1059  106 LYS A O   
679 C  CB  . LYS A 84  ? 0.9555 1.0641 0.8739 0.1128  0.0888  0.0906  106 LYS A CB  
680 C  CG  . LYS A 84  ? 0.9618 1.0719 0.8969 0.1335  0.0893  0.1065  106 LYS A CG  
681 C  CD  . LYS A 84  ? 0.9612 1.0821 0.9010 0.1480  0.0804  0.0995  106 LYS A CD  
682 C  CE  . LYS A 84  ? 0.9477 1.0761 0.8757 0.1520  0.0633  0.0799  106 LYS A CE  
683 N  NZ  . LYS A 84  ? 0.9387 1.0667 0.8663 0.1606  0.0583  0.0572  106 LYS A NZ  
684 N  N   . THR A 85  ? 0.8211 1.0141 0.6944 0.0420  0.0935  0.0822  107 THR A N   
685 C  CA  . THR A 85  ? 0.7217 0.9893 0.6156 0.0049  0.0896  0.0988  107 THR A CA  
686 C  C   . THR A 85  ? 0.6064 0.9911 0.5602 0.0056  0.0889  0.1454  107 THR A C   
687 O  O   . THR A 85  ? 0.6137 1.0436 0.5104 0.0076  0.1087  0.1362  107 THR A O   
688 C  CB  . THR A 85  ? 0.7281 0.9831 0.6190 -0.0380 0.0721  0.0731  107 THR A CB  
689 O  OG1 . THR A 85  ? 0.7391 0.9697 0.6299 -0.0324 0.0730  0.0889  107 THR A OG1 
690 C  CG2 . THR A 85  ? 0.7295 0.9533 0.6149 -0.0502 0.0673  0.0525  107 THR A CG2 
691 N  N   . HIS A 86  ? 0.4902 0.9282 0.5638 0.0277  0.0813  0.1715  108 HIS A N   
692 C  CA  . HIS A 86  ? 0.3863 0.8758 0.5753 0.0878  0.0906  0.2005  108 HIS A CA  
693 C  C   . HIS A 86  ? 0.3219 0.8322 0.5418 0.1242  0.1094  0.1915  108 HIS A C   
694 O  O   . HIS A 86  ? 0.3565 0.8660 0.5145 0.1056  0.1277  0.1554  108 HIS A O   
695 C  CB  . HIS A 86  ? 0.3668 0.8933 0.5914 0.0897  0.1067  0.2186  108 HIS A CB  
696 C  CG  . HIS A 86  ? 0.3701 0.8794 0.6336 0.0693  0.1165  0.2462  108 HIS A CG  
697 N  ND1 . HIS A 86  ? 0.3786 0.9424 0.6570 0.0548  0.1270  0.2265  108 HIS A ND1 
698 C  CD2 . HIS A 86  ? 0.3792 0.8925 0.6192 0.1219  0.1342  0.2274  108 HIS A CD2 
699 C  CE1 . HIS A 86  ? 0.3987 0.9901 0.6569 0.0998  0.1318  0.1886  108 HIS A CE1 
700 N  NE2 . HIS A 86  ? 0.3800 0.9678 0.6322 0.1283  0.1273  0.1964  108 HIS A NE2 
701 N  N   . PRO A 87  ? 0.3014 0.7849 0.5207 0.1713  0.0995  0.2238  109 PRO A N   
702 C  CA  . PRO A 87  ? 0.2967 0.8103 0.4700 0.1667  0.0932  0.2111  109 PRO A CA  
703 C  C   . PRO A 87  ? 0.2862 0.7873 0.4141 0.1663  0.0768  0.2184  109 PRO A C   
704 O  O   . PRO A 87  ? 0.3117 0.8320 0.4137 0.1787  0.0942  0.2436  109 PRO A O   
705 C  CB  . PRO A 87  ? 0.3072 0.8382 0.4715 0.1621  0.1098  0.1809  109 PRO A CB  
706 C  CG  . PRO A 87  ? 0.3151 0.8538 0.5373 0.1878  0.0884  0.2007  109 PRO A CG  
707 C  CD  . PRO A 87  ? 0.3172 0.7917 0.5336 0.1977  0.0754  0.2183  109 PRO A CD  
708 N  N   . HIS A 88  ? 0.2555 0.7370 0.4020 0.1444  0.0605  0.1845  110 HIS A N   
709 C  CA  . HIS A 88  ? 0.2653 0.8102 0.4220 0.1227  0.0748  0.1944  110 HIS A CA  
710 C  C   . HIS A 88  ? 0.2680 0.8455 0.3940 0.1129  0.0659  0.2116  110 HIS A C   
711 O  O   . HIS A 88  ? 0.3024 0.8667 0.3878 0.1498  0.0871  0.2112  110 HIS A O   
712 C  CB  . HIS A 88  ? 0.2875 0.8613 0.4952 0.0781  0.1151  0.1648  110 HIS A CB  
713 C  CG  . HIS A 88  ? 0.2990 0.8784 0.5862 0.0554  0.1060  0.1952  110 HIS A CG  
714 N  ND1 . HIS A 88  ? 0.3585 0.9306 0.6393 0.0356  0.1125  0.2068  110 HIS A ND1 
715 C  CD2 . HIS A 88  ? 0.3300 0.8954 0.6089 0.0019  0.1138  0.2075  110 HIS A CD2 
716 C  CE1 . HIS A 88  ? 0.3735 0.9263 0.6507 0.0261  0.1304  0.2092  110 HIS A CE1 
717 N  NE2 . HIS A 88  ? 0.3656 0.8812 0.6216 -0.0101 0.1564  0.2413  110 HIS A NE2 
718 N  N   . PHE A 89  ? 0.2538 0.8137 0.3630 0.1026  0.0562  0.2114  111 PHE A N   
719 C  CA  . PHE A 89  ? 0.2422 0.8121 0.3671 0.1028  0.0370  0.1830  111 PHE A CA  
720 C  C   . PHE A 89  ? 0.2406 0.7819 0.3209 0.0695  0.0509  0.1858  111 PHE A C   
721 O  O   . PHE A 89  ? 0.2587 0.7718 0.3815 0.1066  0.0780  0.1991  111 PHE A O   
722 C  CB  . PHE A 89  ? 0.2944 0.8272 0.4370 0.1301  0.0294  0.2161  111 PHE A CB  
723 C  CG  . PHE A 89  ? 0.3674 0.7847 0.4686 0.1340  0.0248  0.2566  111 PHE A CG  
724 C  CD1 . PHE A 89  ? 0.4098 0.8219 0.4947 0.1143  0.0104  0.2599  111 PHE A CD1 
725 C  CD2 . PHE A 89  ? 0.4000 0.8188 0.5104 0.1423  0.0007  0.2327  111 PHE A CD2 
726 C  CE1 . PHE A 89  ? 0.4170 0.8249 0.5129 0.1154  -0.0051 0.2612  111 PHE A CE1 
727 C  CE2 . PHE A 89  ? 0.4275 0.8133 0.4791 0.1217  0.0067  0.2519  111 PHE A CE2 
728 C  CZ  . PHE A 89  ? 0.4328 0.8412 0.4908 0.1218  -0.0060 0.2326  111 PHE A CZ  
729 N  N   . VAL A 90  ? 0.2154 0.7377 0.2664 0.0562  0.0267  0.1763  112 VAL A N   
730 C  CA  . VAL A 90  ? 0.2334 0.8096 0.2805 0.0661  0.0349  0.1496  112 VAL A CA  
731 C  C   . VAL A 90  ? 0.2289 0.7966 0.2856 0.0886  0.0258  0.1705  112 VAL A C   
732 O  O   . VAL A 90  ? 0.2308 0.7703 0.2999 0.0981  0.0240  0.1790  112 VAL A O   
733 C  CB  . VAL A 90  ? 0.3125 0.7771 0.2584 0.0893  0.0751  0.0975  112 VAL A CB  
734 C  CG1 . VAL A 90  ? 0.3081 0.8049 0.2776 0.1063  0.0792  0.0840  112 VAL A CG1 
735 C  CG2 . VAL A 90  ? 0.3537 0.7823 0.2466 0.1024  0.0675  0.0826  112 VAL A CG2 
736 N  N   . ILE A 91  ? 0.2220 0.7672 0.2496 0.0844  0.0219  0.1557  113 ILE A N   
737 C  CA  . ILE A 91  ? 0.2217 0.7248 0.2343 0.1137  0.0305  0.1407  113 ILE A CA  
738 C  C   . ILE A 91  ? 0.2237 0.7513 0.2314 0.1098  0.0252  0.1290  113 ILE A C   
739 O  O   . ILE A 91  ? 0.2241 0.7695 0.2653 0.0884  0.0297  0.1669  113 ILE A O   
740 C  CB  . ILE A 91  ? 0.2251 0.7302 0.2787 0.0960  -0.0006 0.1154  113 ILE A CB  
741 C  CG1 . ILE A 91  ? 0.2580 0.7679 0.4053 0.0677  -0.0286 0.1283  113 ILE A CG1 
742 C  CG2 . ILE A 91  ? 0.2084 0.6836 0.3105 0.0864  0.0328  0.1107  113 ILE A CG2 
743 C  CD1 . ILE A 91  ? 0.2687 0.8166 0.4453 0.0551  -0.0411 0.1369  113 ILE A CD1 
744 N  N   . PRO A 92  ? 0.2298 0.7428 0.2536 0.1131  0.0349  0.1629  114 PRO A N   
745 C  CA  . PRO A 92  ? 0.2269 0.7400 0.2380 0.1102  0.0265  0.1412  114 PRO A CA  
746 C  C   . PRO A 92  ? 0.2144 0.7423 0.2490 0.0809  0.0207  0.1574  114 PRO A C   
747 O  O   . PRO A 92  ? 0.2131 0.7867 0.2282 0.0741  0.0131  0.1040  114 PRO A O   
748 C  CB  . PRO A 92  ? 0.2084 0.6865 0.2574 0.0803  0.0276  0.1801  114 PRO A CB  
749 C  CG  . PRO A 92  ? 0.2384 0.8009 0.2656 0.1125  0.0302  0.1600  114 PRO A CG  
750 C  CD  . PRO A 92  ? 0.2309 0.7906 0.2558 0.1015  0.0276  0.1575  114 PRO A CD  
751 N  N   . TYR A 93  ? 0.2104 0.6915 0.2623 0.0941  0.0328  0.1732  115 TYR A N   
752 C  CA  . TYR A 93  ? 0.2115 0.6946 0.2693 0.0848  0.0329  0.1915  115 TYR A CA  
753 C  C   . TYR A 93  ? 0.2093 0.7075 0.2767 0.0634  0.0267  0.1983  115 TYR A C   
754 O  O   . TYR A 93  ? 0.2331 0.7453 0.2734 0.0557  0.0365  0.1756  115 TYR A O   
755 C  CB  . TYR A 93  ? 0.2075 0.6542 0.2914 0.0752  0.0330  0.2142  115 TYR A CB  
756 C  CG  . TYR A 93  ? 0.2189 0.7806 0.2741 0.0484  0.0191  0.1841  115 TYR A CG  
757 C  CD1 . TYR A 93  ? 0.2391 0.8370 0.2986 -0.0040 0.0049  0.2052  115 TYR A CD1 
758 C  CD2 . TYR A 93  ? 0.2252 0.8027 0.2989 0.0157  0.0153  0.1973  115 TYR A CD2 
759 C  CE1 . TYR A 93  ? 0.2445 0.8849 0.2945 -0.0493 -0.0118 0.1914  115 TYR A CE1 
760 C  CE2 . TYR A 93  ? 0.2382 0.8481 0.2911 0.0055  0.0139  0.1822  115 TYR A CE2 
761 C  CZ  . TYR A 93  ? 0.2620 0.8959 0.2787 -0.0270 -0.0023 0.1683  115 TYR A CZ  
762 O  OH  . TYR A 93  ? 0.3065 0.9747 0.3201 -0.0547 -0.0219 0.1739  115 TYR A OH  
763 N  N   . ARG A 94  ? 0.2030 0.7470 0.2414 0.0505  0.0144  0.1502  116 ARG A N   
764 C  CA  . ARG A 94  ? 0.2130 0.7515 0.2455 0.0700  0.0172  0.1539  116 ARG A CA  
765 C  C   . ARG A 94  ? 0.2224 0.7661 0.2220 0.0970  0.0181  0.1089  116 ARG A C   
766 O  O   . ARG A 94  ? 0.2136 0.7532 0.2456 0.0870  0.0231  0.1290  116 ARG A O   
767 C  CB  . ARG A 94  ? 0.2458 0.7762 0.2924 0.0711  -0.0230 0.1415  116 ARG A CB  
768 C  CG  . ARG A 94  ? 0.2681 0.8083 0.3855 0.1076  -0.0559 0.1063  116 ARG A CG  
769 C  CD  . ARG A 94  ? 0.3103 0.8361 0.4356 0.0993  -0.0527 0.1012  116 ARG A CD  
770 N  NE  . ARG A 94  ? 0.3358 0.8604 0.4949 0.0651  -0.0607 0.1101  116 ARG A NE  
771 C  CZ  . ARG A 94  ? 0.3744 0.8891 0.5429 0.0436  -0.0645 0.1016  116 ARG A CZ  
772 N  NH1 . ARG A 94  ? 0.3768 0.9376 0.5533 0.0686  -0.0376 0.1048  116 ARG A NH1 
773 N  NH2 . ARG A 94  ? 0.3900 0.8909 0.5362 0.0155  -0.1016 0.0867  116 ARG A NH2 
774 N  N   . CYS A 95  ? 0.2121 0.7195 0.2163 0.0999  0.0172  0.1088  117 CYS A N   
775 C  CA  . CYS A 95  ? 0.2186 0.7459 0.2213 0.1000  0.0202  0.1150  117 CYS A CA  
776 C  C   . CYS A 95  ? 0.2286 0.7650 0.2432 0.1064  0.0270  0.1448  117 CYS A C   
777 O  O   . CYS A 95  ? 0.2507 0.7646 0.2697 0.1383  0.0437  0.1753  117 CYS A O   
778 C  CB  . CYS A 95  ? 0.2100 0.7559 0.2220 0.0733  0.0138  0.1159  117 CYS A CB  
779 S  SG  . CYS A 95  ? 0.2257 0.8177 0.2766 0.0698  0.0244  0.1425  117 CYS A SG  
780 N  N   . LEU A 96  ? 0.2168 0.7731 0.2504 0.0807  0.0093  0.1205  118 LEU A N   
781 C  CA  . LEU A 96  ? 0.2347 0.7414 0.2372 0.1119  0.0388  0.1063  118 LEU A CA  
782 C  C   . LEU A 96  ? 0.2506 0.8100 0.2484 0.0976  0.0374  0.1074  118 LEU A C   
783 O  O   . LEU A 96  ? 0.2461 0.8593 0.2780 0.1009  0.0292  0.1503  118 LEU A O   
784 C  CB  . LEU A 96  ? 0.2355 0.7597 0.2444 0.1074  0.0392  0.0845  118 LEU A CB  
785 C  CG  . LEU A 96  ? 0.2327 0.7605 0.2484 0.0611  0.0266  0.0498  118 LEU A CG  
786 C  CD1 . LEU A 96  ? 0.2150 0.7306 0.2497 0.0827  0.0082  0.0126  118 LEU A CD1 
787 C  CD2 . LEU A 96  ? 0.2683 0.7580 0.3324 0.0674  0.0334  0.0776  118 LEU A CD2 
788 N  N   . VAL A 97  ? 0.2688 0.7883 0.2675 0.1509  0.0331  0.1570  119 VAL A N   
789 C  CA  . VAL A 97  ? 0.2814 0.8222 0.2992 0.1734  0.0484  0.1387  119 VAL A CA  
790 C  C   . VAL A 97  ? 0.2874 0.8569 0.3648 0.1641  0.0486  0.1271  119 VAL A C   
791 O  O   . VAL A 97  ? 0.3306 0.9010 0.4357 0.1941  0.0690  0.0990  119 VAL A O   
792 C  CB  . VAL A 97  ? 0.2876 0.7723 0.3520 0.1823  0.0729  0.1571  119 VAL A CB  
793 C  CG1 . VAL A 97  ? 0.3128 0.7889 0.3552 0.1891  0.0945  0.1864  119 VAL A CG1 
794 C  CG2 . VAL A 97  ? 0.2690 0.8180 0.4044 0.1444  0.0647  0.1704  119 VAL A CG2 
795 N  N   . GLY A 98  ? 0.2925 0.8535 0.4025 0.1250  0.0766  0.1689  120 GLY A N   
796 C  CA  . GLY A 98  ? 0.2795 0.8369 0.3957 0.0696  0.0863  0.1952  120 GLY A CA  
797 C  C   . GLY A 98  ? 0.2611 0.7967 0.3980 0.0594  0.0789  0.2000  120 GLY A C   
798 O  O   . GLY A 98  ? 0.2300 0.7999 0.3942 0.0817  0.0298  0.1689  120 GLY A O   
799 N  N   . GLU A 99  ? 0.2589 0.7419 0.3739 0.0949  0.0919  0.1659  121 GLU A N   
800 C  CA  . GLU A 99  ? 0.2416 0.7896 0.4227 0.1064  0.0578  0.1497  121 GLU A CA  
801 C  C   . GLU A 99  ? 0.2587 0.8422 0.3548 0.1193  0.0588  0.1101  121 GLU A C   
802 O  O   . GLU A 99  ? 0.2787 0.8148 0.3216 0.1584  0.0647  0.1391  121 GLU A O   
803 C  CB  . GLU A 99  ? 0.2563 0.8212 0.5349 0.0997  0.0771  0.1671  121 GLU A CB  
804 C  CG  . GLU A 99  ? 0.2797 0.8722 0.5920 0.1281  0.0961  0.1228  121 GLU A CG  
805 C  CD  . GLU A 99  ? 0.2893 0.9272 0.6527 0.1031  0.1080  0.1419  121 GLU A CD  
806 O  OE1 . GLU A 99  ? 0.2806 0.9334 0.6017 0.0415  0.1113  0.1245  121 GLU A OE1 
807 O  OE2 . GLU A 99  ? 0.3445 0.9855 0.7152 0.0935  0.1069  0.1651  121 GLU A OE2 
808 N  N   . PHE A 100 ? 0.2703 0.8979 0.2897 0.1259  0.0391  0.0666  122 PHE A N   
809 C  CA  . PHE A 100 ? 0.3090 0.9168 0.3349 0.1580  0.0371  0.0381  122 PHE A CA  
810 C  C   . PHE A 100 ? 0.3516 0.9243 0.4118 0.1835  0.0165  0.0904  122 PHE A C   
811 O  O   . PHE A 100 ? 0.3502 0.9106 0.5172 0.2188  0.0000  0.1490  122 PHE A O   
812 C  CB  . PHE A 100 ? 0.3742 0.8929 0.3781 0.1372  0.0508  0.0030  122 PHE A CB  
813 C  CG  . PHE A 100 ? 0.4112 0.9079 0.4503 0.0880  0.0576  -0.0212 122 PHE A CG  
814 C  CD1 . PHE A 100 ? 0.3973 0.8764 0.5079 0.0447  0.0559  -0.0199 122 PHE A CD1 
815 C  CD2 . PHE A 100 ? 0.4043 0.8872 0.5307 0.0921  0.0662  0.0145  122 PHE A CD2 
816 C  CE1 . PHE A 100 ? 0.4091 0.8415 0.5377 0.0478  0.0570  -0.0042 122 PHE A CE1 
817 C  CE2 . PHE A 100 ? 0.4137 0.8579 0.5694 0.0798  0.0661  0.0232  122 PHE A CE2 
818 C  CZ  . PHE A 100 ? 0.3958 0.8308 0.5679 0.0568  0.0523  0.0252  122 PHE A CZ  
819 N  N   . VAL A 101 ? 0.3810 0.9935 0.3797 0.2013  0.0076  0.0482  123 VAL A N   
820 C  CA  . VAL A 101 ? 0.4515 0.9994 0.4064 0.2537  0.0040  0.0372  123 VAL A CA  
821 C  C   . VAL A 101 ? 0.4786 1.0746 0.5004 0.2451  -0.0041 0.0361  123 VAL A C   
822 O  O   . VAL A 101 ? 0.5013 1.1055 0.5003 0.2146  -0.0283 0.0378  123 VAL A O   
823 C  CB  . VAL A 101 ? 0.4758 0.9978 0.4195 0.2503  0.0269  0.0064  123 VAL A CB  
824 C  CG1 . VAL A 101 ? 0.4717 0.9935 0.4155 0.2647  0.0183  -0.0295 123 VAL A CG1 
825 C  CG2 . VAL A 101 ? 0.5060 1.0004 0.3966 0.2062  0.0561  0.0070  123 VAL A CG2 
826 CU CU  . CU  B .   ? 0.3610 0.8293 0.6027 0.1727  0.1524  0.3479  201 CU  A CU  
827 C  C1  . GOL C .   ? 0.3927 1.2917 0.5161 -0.0618 0.0853  0.0936  202 GOL A C1  
828 O  O1  . GOL C .   ? 0.3959 1.3043 0.5709 -0.0936 0.1011  0.1103  202 GOL A O1  
829 C  C2  . GOL C .   ? 0.3752 1.2313 0.4848 -0.0621 0.0555  0.1328  202 GOL A C2  
830 O  O2  . GOL C .   ? 0.3823 1.1851 0.4545 -0.1346 0.0505  0.1679  202 GOL A O2  
831 C  C3  . GOL C .   ? 0.3594 1.1492 0.4482 -0.0064 0.0357  0.1496  202 GOL A C3  
832 O  O3  . GOL C .   ? 0.3003 1.0251 0.3829 0.0329  -0.0003 0.1701  202 GOL A O3  
833 O  O   . HOH D .   ? 0.2779 0.9837 0.3198 0.0427  0.0232  0.1927  301 HOH A O   
834 O  O   . HOH D .   ? 0.3311 1.0170 0.5044 -0.0435 0.0948  0.1863  302 HOH A O   
835 O  O   . HOH D .   ? 0.2296 0.8234 0.2937 0.0483  0.0182  0.2015  303 HOH A O   
836 O  O   . HOH D .   ? 0.4208 0.7885 0.7995 0.1951  0.1983  0.4594  304 HOH A O   
837 O  O   . HOH D .   ? 0.4076 0.9286 0.2792 0.0513  -0.0116 0.1533  305 HOH A O   
838 O  O   . HOH D .   ? 0.6008 0.7855 0.5111 -0.0576 0.2208  0.0959  306 HOH A O   
839 O  O   . HOH D .   ? 0.4330 0.8211 0.4918 0.0673  0.0962  0.0565  307 HOH A O   
840 O  O   . HOH D .   ? 0.5998 0.9755 0.3261 0.0250  0.1650  0.0571  308 HOH A O   
841 O  O   . HOH D .   ? 0.4226 0.9067 0.6743 0.1303  -0.1506 0.0227  309 HOH A O   
842 O  O   . HOH D .   ? 0.3380 1.0371 0.4207 -0.0143 -0.1098 0.0646  310 HOH A O   
843 O  O   . HOH D .   ? 0.5846 0.9297 0.4460 0.0403  -0.2313 0.1100  311 HOH A O   
844 O  O   . HOH D .   ? 0.4771 1.1694 0.6335 0.0106  0.2506  -0.0142 312 HOH A O   
845 O  O   . HOH D .   ? 0.2443 0.9373 0.3461 0.0616  0.0049  0.0865  313 HOH A O   
846 O  O   . HOH D .   ? 0.5087 1.0178 0.2654 0.0581  -0.0388 0.0383  314 HOH A O   
847 O  O   . HOH D .   ? 0.4813 0.8555 0.3342 0.1322  0.0725  0.1101  315 HOH A O   
848 O  O   . HOH D .   ? 0.5135 0.9736 0.9061 0.1025  -0.2927 0.2242  316 HOH A O   
849 O  O   . HOH D .   ? 0.3726 0.9635 0.4206 0.0200  -0.0398 0.0384  317 HOH A O   
850 O  O   . HOH D .   ? 0.2774 0.8590 0.3227 0.0153  0.0159  0.2284  318 HOH A O   
851 O  O   . HOH D .   ? 0.2942 1.1084 0.3255 0.0616  0.0206  0.1338  319 HOH A O   
852 O  O   . HOH D .   ? 0.4886 0.9524 0.4999 0.3227  -0.0737 0.0418  320 HOH A O   
853 O  O   . HOH D .   ? 0.2929 1.0447 0.3609 0.0074  -0.0416 0.1310  321 HOH A O   
854 O  O   . HOH D .   ? 0.2262 0.7784 0.3269 -0.0047 -0.0285 0.1269  322 HOH A O   
855 O  O   . HOH D .   ? 0.2959 0.7674 0.4179 0.1470  0.1055  0.2398  323 HOH A O   
856 O  O   . HOH D .   ? 0.5212 1.0100 0.5536 0.1517  -0.2468 0.0411  324 HOH A O   
857 O  O   . HOH D .   ? 0.3868 1.2271 0.6063 0.1825  0.0570  0.3136  325 HOH A O   
858 O  O   . HOH D .   ? 0.3971 1.1053 0.4568 -0.1621 -0.0913 0.3119  326 HOH A O   
859 O  O   . HOH D .   ? 0.4640 1.0601 0.4842 0.0490  0.0460  0.3588  327 HOH A O   
860 O  O   . HOH D .   ? 0.5400 0.8520 0.6796 0.1141  0.1863  0.1925  328 HOH A O   
861 O  O   . HOH D .   ? 0.3621 1.1045 0.5414 -0.1346 -0.0730 0.3979  329 HOH A O   
862 O  O   . HOH D .   ? 0.4897 1.2347 0.4404 -0.2478 -0.0543 0.2526  330 HOH A O   
863 O  O   . HOH D .   ? 0.5316 0.8781 0.6798 0.0293  -0.2390 0.2133  331 HOH A O   
864 O  O   . HOH D .   ? 0.4439 0.9533 0.5164 0.0019  0.1387  0.2676  332 HOH A O   
865 O  O   . HOH D .   ? 0.2809 1.0033 0.6592 0.1157  -0.0303 0.0736  333 HOH A O   
866 O  O   . HOH D .   ? 0.4583 1.1442 0.5088 0.0568  0.1931  0.0166  334 HOH A O   
867 O  O   . HOH D .   ? 0.4018 0.8736 1.1786 0.0222  0.2689  -0.0336 335 HOH A O   
868 O  O   . HOH D .   ? 0.6133 1.0567 0.6287 -0.0023 0.2305  0.3213  336 HOH A O   
869 O  O   . HOH D .   ? 0.7845 0.9738 0.5303 0.2223  0.3135  0.1822  337 HOH A O   
870 O  O   . HOH D .   ? 0.6980 0.8221 0.4324 0.2400  -0.1975 0.0618  338 HOH A O   
871 O  O   . HOH D .   ? 1.0310 0.8645 0.5638 0.0518  0.1621  0.0123  339 HOH A O   
872 O  O   . HOH D .   ? 0.6354 1.0527 0.6199 -0.0561 -0.0596 0.2916  340 HOH A O   
873 O  O   . HOH D .   ? 0.5462 1.1372 0.9176 -0.3240 -0.2246 0.3887  341 HOH A O   
874 O  O   . HOH D .   ? 0.3237 1.2627 0.5722 0.0706  -0.0148 0.0294  342 HOH A O   
875 O  O   . HOH D .   ? 0.4409 1.0952 0.9492 -0.2464 0.1860  -0.0213 343 HOH A O   
876 O  O   . HOH D .   ? 0.3529 1.2405 0.8438 -0.0071 -0.0735 0.0659  344 HOH A O   
877 O  O   . HOH D .   ? 0.8101 1.0817 0.4128 0.0709  -0.0505 0.2843  345 HOH A O   
878 O  O   . HOH D .   ? 0.4533 1.1309 1.2584 -0.0731 0.1548  0.3663  346 HOH A O   
879 O  O   . HOH D .   ? 0.4928 1.0827 0.7974 0.1071  -0.2313 0.2270  347 HOH A O   
880 O  O   . HOH D .   ? 0.9688 0.6526 0.6978 0.1479  -0.0605 -0.0067 348 HOH A O   
881 O  O   . HOH D .   ? 0.7538 1.2862 0.7427 -0.3684 0.2841  0.0210  349 HOH A O   
882 O  O   . HOH D .   ? 0.7146 1.1764 0.6437 -0.0730 0.3474  0.0045  350 HOH A O   
883 O  O   . HOH D .   ? 0.5485 1.2983 0.5017 -0.1065 -0.0988 -0.0133 351 HOH A O   
884 O  O   . HOH D .   ? 0.7005 1.0204 0.5478 -0.3257 0.1501  0.1611  352 HOH A O   
# 
